data_2Z0X
# 
_entry.id   2Z0X 
# 
_audit_conform.dict_name       mmcif_pdbx.dic 
_audit_conform.dict_version    5.380 
_audit_conform.dict_location   http://mmcif.pdb.org/dictionaries/ascii/mmcif_pdbx.dic 
# 
loop_
_database_2.database_id 
_database_2.database_code 
_database_2.pdbx_database_accession 
_database_2.pdbx_DOI 
PDB   2Z0X         pdb_00002z0x 10.2210/pdb2z0x/pdb 
RCSB  RCSB027381   ?            ?                   
WWPDB D_1000027381 ?            ?                   
# 
_pdbx_database_related.db_name        TargetDB 
_pdbx_database_related.db_id          ttk003001048.5 
_pdbx_database_related.details        . 
_pdbx_database_related.content_type   unspecified 
# 
_pdbx_database_status.status_code                     REL 
_pdbx_database_status.entry_id                        2Z0X 
_pdbx_database_status.recvd_initial_deposition_date   2007-05-07 
_pdbx_database_status.deposit_site                    PDBJ 
_pdbx_database_status.process_site                    PDBJ 
_pdbx_database_status.status_code_sf                  REL 
_pdbx_database_status.status_code_mr                  ? 
_pdbx_database_status.SG_entry                        Y 
_pdbx_database_status.pdb_format_compatible           Y 
_pdbx_database_status.status_code_cs                  ? 
_pdbx_database_status.status_code_nmr_data            ? 
_pdbx_database_status.methods_development_category    ? 
# 
loop_
_audit_author.name 
_audit_author.pdbx_ordinal 
'Murayama, K.'                                           1 
'Kato-Murayama, M.'                                      2 
'Terada, T.'                                             3 
'Kuramitsu, S.'                                          4 
'Shirouzu, M.'                                           5 
'Yokoyama, S.'                                           6 
'RIKEN Structural Genomics/Proteomics Initiative (RSGI)' 7 
# 
_citation.id                        primary 
_citation.title                     'Crystal structure of ProX-CysSA complex from T. thermophilus' 
_citation.journal_abbrev            'To be Published' 
_citation.journal_volume            ? 
_citation.page_first                ? 
_citation.page_last                 ? 
_citation.year                      ? 
_citation.journal_id_ASTM           ? 
_citation.country                   ? 
_citation.journal_id_ISSN           ? 
_citation.journal_id_CSD            0353 
_citation.book_publisher            ? 
_citation.pdbx_database_id_PubMed   ? 
_citation.pdbx_database_id_DOI      ? 
# 
loop_
_citation_author.citation_id 
_citation_author.name 
_citation_author.ordinal 
_citation_author.identifier_ORCID 
primary 'Murayama, K.'      1 ? 
primary 'Kato-Murayama, M.' 2 ? 
primary 'Terada, T.'        3 ? 
primary 'Shirouzu, M.'      4 ? 
primary 'Yokoyama, S.'      5 ? 
# 
_cell.entry_id           2Z0X 
_cell.length_a           31.512 
_cell.length_b           50.613 
_cell.length_c           81.758 
_cell.angle_alpha        90.00 
_cell.angle_beta         90.00 
_cell.angle_gamma        90.00 
_cell.Z_PDB              4 
_cell.pdbx_unique_axis   ? 
_cell.length_a_esd       ? 
_cell.length_b_esd       ? 
_cell.length_c_esd       ? 
_cell.angle_alpha_esd    ? 
_cell.angle_beta_esd     ? 
_cell.angle_gamma_esd    ? 
# 
_symmetry.entry_id                         2Z0X 
_symmetry.space_group_name_H-M             'P 21 21 21' 
_symmetry.pdbx_full_space_group_name_H-M   ? 
_symmetry.cell_setting                     ? 
_symmetry.Int_Tables_number                19 
_symmetry.space_group_name_Hall            ? 
# 
loop_
_entity.id 
_entity.type 
_entity.src_method 
_entity.pdbx_description 
_entity.formula_weight 
_entity.pdbx_number_of_molecules 
_entity.pdbx_ec 
_entity.pdbx_mutation 
_entity.pdbx_fragment 
_entity.details 
1 polymer     man 'Putative uncharacterized protein TTHA1699' 16575.008 1   ? ? ? ? 
2 non-polymer syn "5'-O-(N-(L-CYSTEINYL)-SULFAMOYL)ADENOSINE" 449.463   1   ? ? ? ? 
3 water       nat water                                       18.015    255 ? ? ? ? 
# 
_entity_poly.entity_id                      1 
_entity_poly.type                           'polypeptide(L)' 
_entity_poly.nstd_linkage                   no 
_entity_poly.nstd_monomer                   no 
_entity_poly.pdbx_seq_one_letter_code       
;MSLSPSARRVQGALETRGFGHLKVVELPASTRTAKEAAQAVGAEVGQIVKSLVFVGEKGAYLFLVSGKNRLDLGKATRLV
GGPLRQATPEEVRELTGFAIGGVPPVGHNTPLPAYLDEDLLGYPEVWAAGGTPRALFRATPKELLALTGAQVADLKEG
;
_entity_poly.pdbx_seq_one_letter_code_can   
;MSLSPSARRVQGALETRGFGHLKVVELPASTRTAKEAAQAVGAEVGQIVKSLVFVGEKGAYLFLVSGKNRLDLGKATRLV
GGPLRQATPEEVRELTGFAIGGVPPVGHNTPLPAYLDEDLLGYPEVWAAGGTPRALFRATPKELLALTGAQVADLKEG
;
_entity_poly.pdbx_strand_id                 A 
_entity_poly.pdbx_target_identifier         ttk003001048.5 
# 
loop_
_entity_poly_seq.entity_id 
_entity_poly_seq.num 
_entity_poly_seq.mon_id 
_entity_poly_seq.hetero 
1 1   MET n 
1 2   SER n 
1 3   LEU n 
1 4   SER n 
1 5   PRO n 
1 6   SER n 
1 7   ALA n 
1 8   ARG n 
1 9   ARG n 
1 10  VAL n 
1 11  GLN n 
1 12  GLY n 
1 13  ALA n 
1 14  LEU n 
1 15  GLU n 
1 16  THR n 
1 17  ARG n 
1 18  GLY n 
1 19  PHE n 
1 20  GLY n 
1 21  HIS n 
1 22  LEU n 
1 23  LYS n 
1 24  VAL n 
1 25  VAL n 
1 26  GLU n 
1 27  LEU n 
1 28  PRO n 
1 29  ALA n 
1 30  SER n 
1 31  THR n 
1 32  ARG n 
1 33  THR n 
1 34  ALA n 
1 35  LYS n 
1 36  GLU n 
1 37  ALA n 
1 38  ALA n 
1 39  GLN n 
1 40  ALA n 
1 41  VAL n 
1 42  GLY n 
1 43  ALA n 
1 44  GLU n 
1 45  VAL n 
1 46  GLY n 
1 47  GLN n 
1 48  ILE n 
1 49  VAL n 
1 50  LYS n 
1 51  SER n 
1 52  LEU n 
1 53  VAL n 
1 54  PHE n 
1 55  VAL n 
1 56  GLY n 
1 57  GLU n 
1 58  LYS n 
1 59  GLY n 
1 60  ALA n 
1 61  TYR n 
1 62  LEU n 
1 63  PHE n 
1 64  LEU n 
1 65  VAL n 
1 66  SER n 
1 67  GLY n 
1 68  LYS n 
1 69  ASN n 
1 70  ARG n 
1 71  LEU n 
1 72  ASP n 
1 73  LEU n 
1 74  GLY n 
1 75  LYS n 
1 76  ALA n 
1 77  THR n 
1 78  ARG n 
1 79  LEU n 
1 80  VAL n 
1 81  GLY n 
1 82  GLY n 
1 83  PRO n 
1 84  LEU n 
1 85  ARG n 
1 86  GLN n 
1 87  ALA n 
1 88  THR n 
1 89  PRO n 
1 90  GLU n 
1 91  GLU n 
1 92  VAL n 
1 93  ARG n 
1 94  GLU n 
1 95  LEU n 
1 96  THR n 
1 97  GLY n 
1 98  PHE n 
1 99  ALA n 
1 100 ILE n 
1 101 GLY n 
1 102 GLY n 
1 103 VAL n 
1 104 PRO n 
1 105 PRO n 
1 106 VAL n 
1 107 GLY n 
1 108 HIS n 
1 109 ASN n 
1 110 THR n 
1 111 PRO n 
1 112 LEU n 
1 113 PRO n 
1 114 ALA n 
1 115 TYR n 
1 116 LEU n 
1 117 ASP n 
1 118 GLU n 
1 119 ASP n 
1 120 LEU n 
1 121 LEU n 
1 122 GLY n 
1 123 TYR n 
1 124 PRO n 
1 125 GLU n 
1 126 VAL n 
1 127 TRP n 
1 128 ALA n 
1 129 ALA n 
1 130 GLY n 
1 131 GLY n 
1 132 THR n 
1 133 PRO n 
1 134 ARG n 
1 135 ALA n 
1 136 LEU n 
1 137 PHE n 
1 138 ARG n 
1 139 ALA n 
1 140 THR n 
1 141 PRO n 
1 142 LYS n 
1 143 GLU n 
1 144 LEU n 
1 145 LEU n 
1 146 ALA n 
1 147 LEU n 
1 148 THR n 
1 149 GLY n 
1 150 ALA n 
1 151 GLN n 
1 152 VAL n 
1 153 ALA n 
1 154 ASP n 
1 155 LEU n 
1 156 LYS n 
1 157 GLU n 
1 158 GLY n 
# 
_entity_src_gen.entity_id                          1 
_entity_src_gen.pdbx_src_id                        1 
_entity_src_gen.pdbx_alt_source_flag               sample 
_entity_src_gen.pdbx_seq_type                      ? 
_entity_src_gen.pdbx_beg_seq_num                   ? 
_entity_src_gen.pdbx_end_seq_num                   ? 
_entity_src_gen.gene_src_common_name               ? 
_entity_src_gen.gene_src_genus                     Thermus 
_entity_src_gen.pdbx_gene_src_gene                 ? 
_entity_src_gen.gene_src_species                   ? 
_entity_src_gen.gene_src_strain                    ? 
_entity_src_gen.gene_src_tissue                    ? 
_entity_src_gen.gene_src_tissue_fraction           ? 
_entity_src_gen.gene_src_details                   ? 
_entity_src_gen.pdbx_gene_src_fragment             ? 
_entity_src_gen.pdbx_gene_src_scientific_name      'Thermus thermophilus' 
_entity_src_gen.pdbx_gene_src_ncbi_taxonomy_id     274 
_entity_src_gen.pdbx_gene_src_variant              ? 
_entity_src_gen.pdbx_gene_src_cell_line            ? 
_entity_src_gen.pdbx_gene_src_atcc                 ? 
_entity_src_gen.pdbx_gene_src_organ                ? 
_entity_src_gen.pdbx_gene_src_organelle            ? 
_entity_src_gen.pdbx_gene_src_cell                 ? 
_entity_src_gen.pdbx_gene_src_cellular_location    ? 
_entity_src_gen.host_org_common_name               ? 
_entity_src_gen.pdbx_host_org_scientific_name      'Escherichia coli' 
_entity_src_gen.pdbx_host_org_ncbi_taxonomy_id     562 
_entity_src_gen.host_org_genus                     Escherichia 
_entity_src_gen.pdbx_host_org_gene                 ? 
_entity_src_gen.pdbx_host_org_organ                ? 
_entity_src_gen.host_org_species                   ? 
_entity_src_gen.pdbx_host_org_tissue               ? 
_entity_src_gen.pdbx_host_org_tissue_fraction      ? 
_entity_src_gen.pdbx_host_org_strain               ? 
_entity_src_gen.pdbx_host_org_variant              ? 
_entity_src_gen.pdbx_host_org_cell_line            ? 
_entity_src_gen.pdbx_host_org_atcc                 ? 
_entity_src_gen.pdbx_host_org_culture_collection   ? 
_entity_src_gen.pdbx_host_org_cell                 ? 
_entity_src_gen.pdbx_host_org_organelle            ? 
_entity_src_gen.pdbx_host_org_cellular_location    ? 
_entity_src_gen.pdbx_host_org_vector_type          plasmid 
_entity_src_gen.pdbx_host_org_vector               ? 
_entity_src_gen.host_org_details                   ? 
_entity_src_gen.expression_system_id               ? 
_entity_src_gen.plasmid_name                       pET11a 
_entity_src_gen.plasmid_details                    ? 
_entity_src_gen.pdbx_description                   ? 
# 
_struct_ref.id                         1 
_struct_ref.db_name                    UNP 
_struct_ref.db_code                    Q5SHN1_THET8 
_struct_ref.pdbx_db_accession          Q5SHN1 
_struct_ref.entity_id                  1 
_struct_ref.pdbx_seq_one_letter_code   
;MSLSPSARRVQGALETRGFGHLKVVELPASTRTAKEAAQAVGAEVGQIVKSLVFVGEKGAYLFLVSGKNRLDLGKATRLV
GGPLRQATPEEVRELTGFAIGGVPPVGHNTPLPAYLDEDLLGYPEVWAAGGTPRALFRATPKELLALTGAQVADLKEG
;
_struct_ref.pdbx_align_begin           1 
_struct_ref.pdbx_db_isoform            ? 
# 
_struct_ref_seq.align_id                      1 
_struct_ref_seq.ref_id                        1 
_struct_ref_seq.pdbx_PDB_id_code              2Z0X 
_struct_ref_seq.pdbx_strand_id                A 
_struct_ref_seq.seq_align_beg                 1 
_struct_ref_seq.pdbx_seq_align_beg_ins_code   ? 
_struct_ref_seq.seq_align_end                 158 
_struct_ref_seq.pdbx_seq_align_end_ins_code   ? 
_struct_ref_seq.pdbx_db_accession             Q5SHN1 
_struct_ref_seq.db_align_beg                  1 
_struct_ref_seq.pdbx_db_align_beg_ins_code    ? 
_struct_ref_seq.db_align_end                  158 
_struct_ref_seq.pdbx_db_align_end_ins_code    ? 
_struct_ref_seq.pdbx_auth_seq_align_beg       1 
_struct_ref_seq.pdbx_auth_seq_align_end       158 
# 
loop_
_chem_comp.id 
_chem_comp.type 
_chem_comp.mon_nstd_flag 
_chem_comp.name 
_chem_comp.pdbx_synonyms 
_chem_comp.formula 
_chem_comp.formula_weight 
5CA non-polymer         . "5'-O-(N-(L-CYSTEINYL)-SULFAMOYL)ADENOSINE" ? 'C13 H19 N7 O7 S2' 449.463 
ALA 'L-peptide linking' y ALANINE                                     ? 'C3 H7 N O2'       89.093  
ARG 'L-peptide linking' y ARGININE                                    ? 'C6 H15 N4 O2 1'   175.209 
ASN 'L-peptide linking' y ASPARAGINE                                  ? 'C4 H8 N2 O3'      132.118 
ASP 'L-peptide linking' y 'ASPARTIC ACID'                             ? 'C4 H7 N O4'       133.103 
GLN 'L-peptide linking' y GLUTAMINE                                   ? 'C5 H10 N2 O3'     146.144 
GLU 'L-peptide linking' y 'GLUTAMIC ACID'                             ? 'C5 H9 N O4'       147.129 
GLY 'peptide linking'   y GLYCINE                                     ? 'C2 H5 N O2'       75.067  
HIS 'L-peptide linking' y HISTIDINE                                   ? 'C6 H10 N3 O2 1'   156.162 
HOH non-polymer         . WATER                                       ? 'H2 O'             18.015  
ILE 'L-peptide linking' y ISOLEUCINE                                  ? 'C6 H13 N O2'      131.173 
LEU 'L-peptide linking' y LEUCINE                                     ? 'C6 H13 N O2'      131.173 
LYS 'L-peptide linking' y LYSINE                                      ? 'C6 H15 N2 O2 1'   147.195 
MET 'L-peptide linking' y METHIONINE                                  ? 'C5 H11 N O2 S'    149.211 
PHE 'L-peptide linking' y PHENYLALANINE                               ? 'C9 H11 N O2'      165.189 
PRO 'L-peptide linking' y PROLINE                                     ? 'C5 H9 N O2'       115.130 
SER 'L-peptide linking' y SERINE                                      ? 'C3 H7 N O3'       105.093 
THR 'L-peptide linking' y THREONINE                                   ? 'C4 H9 N O3'       119.119 
TRP 'L-peptide linking' y TRYPTOPHAN                                  ? 'C11 H12 N2 O2'    204.225 
TYR 'L-peptide linking' y TYROSINE                                    ? 'C9 H11 N O3'      181.189 
VAL 'L-peptide linking' y VALINE                                      ? 'C5 H11 N O2'      117.146 
# 
_exptl.entry_id          2Z0X 
_exptl.method            'X-RAY DIFFRACTION' 
_exptl.crystals_number   1 
# 
_exptl_crystal.id                    1 
_exptl_crystal.density_meas          ? 
_exptl_crystal.density_Matthews      1.97 
_exptl_crystal.density_percent_sol   37.46 
_exptl_crystal.description           ? 
_exptl_crystal.F_000                 ? 
_exptl_crystal.preparation           ? 
# 
_exptl_crystal_grow.crystal_id      1 
_exptl_crystal_grow.method          'VAPOR DIFFUSION, HANGING DROP' 
_exptl_crystal_grow.temp            293 
_exptl_crystal_grow.temp_details    ? 
_exptl_crystal_grow.pH              8.0 
_exptl_crystal_grow.pdbx_details    '10% PEG 3350, 0.1M Hepes, 30mM CysSA, pH 8.0, VAPOR DIFFUSION, HANGING DROP, temperature 293K' 
_exptl_crystal_grow.pdbx_pH_range   . 
# 
_diffrn.id                     1 
_diffrn.ambient_temp           100 
_diffrn.ambient_temp_details   ? 
_diffrn.crystal_id             1 
# 
_diffrn_detector.diffrn_id              1 
_diffrn_detector.detector               'IMAGE PLATE' 
_diffrn_detector.type                   'RIGAKU RAXIS IV++' 
_diffrn_detector.pdbx_collection_date   2005-07-28 
_diffrn_detector.details                ? 
# 
_diffrn_radiation.diffrn_id                        1 
_diffrn_radiation.wavelength_id                    1 
_diffrn_radiation.pdbx_monochromatic_or_laue_m_l   M 
_diffrn_radiation.monochromator                    ? 
_diffrn_radiation.pdbx_diffrn_protocol             'SINGLE WAVELENGTH' 
_diffrn_radiation.pdbx_scattering_type             x-ray 
# 
_diffrn_radiation_wavelength.id           1 
_diffrn_radiation_wavelength.wavelength   1.54 
_diffrn_radiation_wavelength.wt           1.0 
# 
_diffrn_source.diffrn_id                   1 
_diffrn_source.source                      'ROTATING ANODE' 
_diffrn_source.type                        'RIGAKU FR-E+ SUPERBRIGHT' 
_diffrn_source.pdbx_synchrotron_site       ? 
_diffrn_source.pdbx_synchrotron_beamline   ? 
_diffrn_source.pdbx_wavelength             ? 
_diffrn_source.pdbx_wavelength_list        1.54 
# 
_reflns.entry_id                     2Z0X 
_reflns.observed_criterion_sigma_I   -3.0 
_reflns.observed_criterion_sigma_F   ? 
_reflns.d_resolution_low             50 
_reflns.d_resolution_high            1.64 
_reflns.number_obs                   16242 
_reflns.number_all                   ? 
_reflns.percent_possible_obs         96.9 
_reflns.pdbx_Rmerge_I_obs            ? 
_reflns.pdbx_Rsym_value              0.022 
_reflns.pdbx_netI_over_sigmaI        59.0 
_reflns.B_iso_Wilson_estimate        16.0 
_reflns.pdbx_redundancy              6.3 
_reflns.R_free_details               ? 
_reflns.limit_h_max                  ? 
_reflns.limit_h_min                  ? 
_reflns.limit_k_max                  ? 
_reflns.limit_k_min                  ? 
_reflns.limit_l_max                  ? 
_reflns.limit_l_min                  ? 
_reflns.observed_criterion_F_max     ? 
_reflns.observed_criterion_F_min     ? 
_reflns.pdbx_chi_squared             ? 
_reflns.pdbx_scaling_rejects         ? 
_reflns.pdbx_diffrn_id               1 
_reflns.pdbx_ordinal                 1 
# 
_reflns_shell.d_res_high             1.64 
_reflns_shell.d_res_low              1.70 
_reflns_shell.percent_possible_all   77.3 
_reflns_shell.Rmerge_I_obs           ? 
_reflns_shell.pdbx_Rsym_value        0.079 
_reflns_shell.meanI_over_sigI_obs    11.6 
_reflns_shell.pdbx_redundancy        3.3 
_reflns_shell.percent_possible_obs   ? 
_reflns_shell.number_unique_all      ? 
_reflns_shell.number_measured_all    ? 
_reflns_shell.number_measured_obs    ? 
_reflns_shell.number_unique_obs      ? 
_reflns_shell.pdbx_chi_squared       ? 
_reflns_shell.pdbx_diffrn_id         ? 
_reflns_shell.pdbx_ordinal           1 
# 
_refine.entry_id                                 2Z0X 
_refine.ls_number_reflns_obs                     16172 
_refine.ls_number_reflns_all                     ? 
_refine.pdbx_ls_sigma_I                          ? 
_refine.pdbx_ls_sigma_F                          0.0 
_refine.pdbx_data_cutoff_high_absF               1095505.74 
_refine.pdbx_data_cutoff_low_absF                0.000000 
_refine.pdbx_data_cutoff_high_rms_absF           ? 
_refine.ls_d_res_low                             26.75 
_refine.ls_d_res_high                            1.64 
_refine.ls_percent_reflns_obs                    97.0 
_refine.ls_R_factor_obs                          ? 
_refine.ls_R_factor_all                          ? 
_refine.ls_R_factor_R_work                       0.158 
_refine.ls_R_factor_R_free                       0.186 
_refine.ls_R_factor_R_free_error                 0.007 
_refine.ls_R_factor_R_free_error_details         ? 
_refine.ls_percent_reflns_R_free                 4.9 
_refine.ls_number_reflns_R_free                  788 
_refine.ls_number_parameters                     ? 
_refine.ls_number_restraints                     ? 
_refine.occupancy_min                            ? 
_refine.occupancy_max                            ? 
_refine.correlation_coeff_Fo_to_Fc               ? 
_refine.correlation_coeff_Fo_to_Fc_free          ? 
_refine.B_iso_mean                               14.4 
_refine.aniso_B[1][1]                            -0.25 
_refine.aniso_B[2][2]                            0.41 
_refine.aniso_B[3][3]                            -0.15 
_refine.aniso_B[1][2]                            0.00 
_refine.aniso_B[1][3]                            0.00 
_refine.aniso_B[2][3]                            0.00 
_refine.solvent_model_details                    'FLAT MODEL' 
_refine.solvent_model_param_ksol                 0.286568 
_refine.solvent_model_param_bsol                 25.1754 
_refine.pdbx_solvent_vdw_probe_radii             ? 
_refine.pdbx_solvent_ion_probe_radii             ? 
_refine.pdbx_solvent_shrinkage_radii             ? 
_refine.pdbx_ls_cross_valid_method               THROUGHOUT 
_refine.details                                  ? 
_refine.pdbx_starting_model                      'PDB ENTRY 2CX5' 
_refine.pdbx_method_to_determine_struct          'MOLECULAR REPLACEMENT' 
_refine.pdbx_isotropic_thermal_model             RESTRAINED 
_refine.pdbx_stereochemistry_target_values       'Engh & Huber' 
_refine.pdbx_stereochem_target_val_spec_case     ? 
_refine.pdbx_R_Free_selection_details            RANDOM 
_refine.pdbx_overall_ESU_R                       ? 
_refine.pdbx_overall_ESU_R_Free                  ? 
_refine.overall_SU_ML                            ? 
_refine.overall_SU_B                             ? 
_refine.ls_redundancy_reflns_obs                 ? 
_refine.B_iso_min                                ? 
_refine.B_iso_max                                ? 
_refine.overall_SU_R_Cruickshank_DPI             ? 
_refine.overall_SU_R_free                        ? 
_refine.ls_wR_factor_R_free                      ? 
_refine.ls_wR_factor_R_work                      ? 
_refine.overall_FOM_free_R_set                   ? 
_refine.overall_FOM_work_R_set                   ? 
_refine.pdbx_refine_id                           'X-RAY DIFFRACTION' 
_refine.pdbx_diffrn_id                           1 
_refine.pdbx_TLS_residual_ADP_flag               ? 
_refine.pdbx_overall_phase_error                 ? 
_refine.pdbx_overall_SU_R_free_Cruickshank_DPI   ? 
_refine.pdbx_overall_SU_R_Blow_DPI               ? 
_refine.pdbx_overall_SU_R_free_Blow_DPI          ? 
# 
_refine_analyze.entry_id                        2Z0X 
_refine_analyze.Luzzati_coordinate_error_obs    0.14 
_refine_analyze.Luzzati_sigma_a_obs             0.04 
_refine_analyze.Luzzati_d_res_low_obs           5.00 
_refine_analyze.Luzzati_coordinate_error_free   0.18 
_refine_analyze.Luzzati_sigma_a_free            0.12 
_refine_analyze.Luzzati_d_res_low_free          ? 
_refine_analyze.number_disordered_residues      ? 
_refine_analyze.occupancy_sum_hydrogen          ? 
_refine_analyze.occupancy_sum_non_hydrogen      ? 
_refine_analyze.pdbx_Luzzati_d_res_high_obs     ? 
_refine_analyze.pdbx_refine_id                  'X-RAY DIFFRACTION' 
# 
_refine_hist.pdbx_refine_id                   'X-RAY DIFFRACTION' 
_refine_hist.cycle_id                         LAST 
_refine_hist.pdbx_number_atoms_protein        1161 
_refine_hist.pdbx_number_atoms_nucleic_acid   0 
_refine_hist.pdbx_number_atoms_ligand         29 
_refine_hist.number_atoms_solvent             255 
_refine_hist.number_atoms_total               1445 
_refine_hist.d_res_high                       1.64 
_refine_hist.d_res_low                        26.75 
# 
loop_
_refine_ls_restr.type 
_refine_ls_restr.dev_ideal 
_refine_ls_restr.dev_ideal_target 
_refine_ls_restr.weight 
_refine_ls_restr.number 
_refine_ls_restr.pdbx_refine_id 
_refine_ls_restr.pdbx_restraint_function 
c_bond_d           0.016 ?    ? ? 'X-RAY DIFFRACTION' ? 
c_angle_deg        1.9   ?    ? ? 'X-RAY DIFFRACTION' ? 
c_dihedral_angle_d 24.8  ?    ? ? 'X-RAY DIFFRACTION' ? 
c_improper_angle_d 1.39  ?    ? ? 'X-RAY DIFFRACTION' ? 
c_mcbond_it        1.79  1.50 ? ? 'X-RAY DIFFRACTION' ? 
c_mcangle_it       2.41  2.00 ? ? 'X-RAY DIFFRACTION' ? 
c_scbond_it        3.37  2.00 ? ? 'X-RAY DIFFRACTION' ? 
c_scangle_it       4.62  2.50 ? ? 'X-RAY DIFFRACTION' ? 
# 
_refine_ls_shell.pdbx_total_number_of_bins_used   6 
_refine_ls_shell.d_res_high                       1.64 
_refine_ls_shell.d_res_low                        1.74 
_refine_ls_shell.number_reflns_R_work             2150 
_refine_ls_shell.R_factor_R_work                  0.224 
_refine_ls_shell.percent_reflns_obs               82.5 
_refine_ls_shell.R_factor_R_free                  0.284 
_refine_ls_shell.R_factor_R_free_error            0.027 
_refine_ls_shell.percent_reflns_R_free            4.9 
_refine_ls_shell.number_reflns_R_free             111 
_refine_ls_shell.number_reflns_all                ? 
_refine_ls_shell.R_factor_all                     ? 
_refine_ls_shell.number_reflns_obs                ? 
_refine_ls_shell.redundancy_reflns_obs            ? 
_refine_ls_shell.pdbx_refine_id                   'X-RAY DIFFRACTION' 
# 
loop_
_pdbx_xplor_file.serial_no 
_pdbx_xplor_file.param_file 
_pdbx_xplor_file.topol_file 
_pdbx_xplor_file.pdbx_refine_id 
1 protein_rep.param protein.top 'X-RAY DIFFRACTION' 
2 cyssa.param       ?           'X-RAY DIFFRACTION' 
3 water_rep.param   ?           'X-RAY DIFFRACTION' 
# 
_struct.entry_id                  2Z0X 
_struct.title                     'Crystal structure of ProX-CysSA complex from T. thermophilus' 
_struct.pdbx_model_details        ? 
_struct.pdbx_CASP_flag            ? 
_struct.pdbx_model_type_details   ? 
# 
_struct_keywords.entry_id        2Z0X 
_struct_keywords.pdbx_keywords   TRANSLATION 
_struct_keywords.text            
;Protein-CysSA complex, TRANSLATION, Structural Genomics, NPPSFA, National Project on Protein Structural and Functional Analyses, RIKEN Structural Genomics/Proteomics Initiative, RSGI
;
# 
loop_
_struct_asym.id 
_struct_asym.pdbx_blank_PDB_chainid_flag 
_struct_asym.pdbx_modified 
_struct_asym.entity_id 
_struct_asym.details 
A N N 1 ? 
B N N 2 ? 
C N N 3 ? 
# 
_struct_biol.id        1 
_struct_biol.details   ? 
# 
loop_
_struct_conf.conf_type_id 
_struct_conf.id 
_struct_conf.pdbx_PDB_helix_id 
_struct_conf.beg_label_comp_id 
_struct_conf.beg_label_asym_id 
_struct_conf.beg_label_seq_id 
_struct_conf.pdbx_beg_PDB_ins_code 
_struct_conf.end_label_comp_id 
_struct_conf.end_label_asym_id 
_struct_conf.end_label_seq_id 
_struct_conf.pdbx_end_PDB_ins_code 
_struct_conf.beg_auth_comp_id 
_struct_conf.beg_auth_asym_id 
_struct_conf.beg_auth_seq_id 
_struct_conf.end_auth_comp_id 
_struct_conf.end_auth_asym_id 
_struct_conf.end_auth_seq_id 
_struct_conf.pdbx_PDB_helix_class 
_struct_conf.details 
_struct_conf.pdbx_PDB_helix_length 
HELX_P HELX_P1 1 SER A 4   ? ARG A 17  ? SER A 4   ARG A 17  1 ? 14 
HELX_P HELX_P2 2 THR A 33  ? GLY A 42  ? THR A 33  GLY A 42  1 ? 10 
HELX_P HELX_P3 3 GLU A 44  ? GLY A 46  ? GLU A 44  GLY A 46  5 ? 3  
HELX_P HELX_P4 4 ASP A 72  ? GLY A 81  ? ASP A 72  GLY A 81  1 ? 10 
HELX_P HELX_P5 5 THR A 88  ? GLY A 97  ? THR A 88  GLY A 97  1 ? 10 
HELX_P HELX_P6 6 ASP A 119 ? TYR A 123 ? ASP A 119 TYR A 123 5 ? 5  
HELX_P HELX_P7 7 THR A 140 ? GLY A 149 ? THR A 140 GLY A 149 1 ? 10 
# 
_struct_conf_type.id          HELX_P 
_struct_conf_type.criteria    ? 
_struct_conf_type.reference   ? 
# 
loop_
_struct_sheet.id 
_struct_sheet.type 
_struct_sheet.number_strands 
_struct_sheet.details 
A ? 5 ? 
B ? 7 ? 
# 
loop_
_struct_sheet_order.sheet_id 
_struct_sheet_order.range_id_1 
_struct_sheet_order.range_id_2 
_struct_sheet_order.offset 
_struct_sheet_order.sense 
A 1 2 ? anti-parallel 
A 2 3 ? anti-parallel 
A 3 4 ? parallel      
A 4 5 ? anti-parallel 
B 1 2 ? anti-parallel 
B 2 3 ? anti-parallel 
B 3 4 ? parallel      
B 4 5 ? anti-parallel 
B 5 6 ? parallel      
B 6 7 ? parallel      
# 
loop_
_struct_sheet_range.sheet_id 
_struct_sheet_range.id 
_struct_sheet_range.beg_label_comp_id 
_struct_sheet_range.beg_label_asym_id 
_struct_sheet_range.beg_label_seq_id 
_struct_sheet_range.pdbx_beg_PDB_ins_code 
_struct_sheet_range.end_label_comp_id 
_struct_sheet_range.end_label_asym_id 
_struct_sheet_range.end_label_seq_id 
_struct_sheet_range.pdbx_end_PDB_ins_code 
_struct_sheet_range.beg_auth_comp_id 
_struct_sheet_range.beg_auth_asym_id 
_struct_sheet_range.beg_auth_seq_id 
_struct_sheet_range.end_auth_comp_id 
_struct_sheet_range.end_auth_asym_id 
_struct_sheet_range.end_auth_seq_id 
A 1 VAL A 24  ? GLU A 26  ? VAL A 24  GLU A 26  
A 2 ALA A 135 ? ALA A 139 ? ALA A 135 ALA A 139 
A 3 VAL A 126 ? ALA A 129 ? VAL A 126 ALA A 129 
A 4 ILE A 48  ? GLY A 56  ? ILE A 48  GLY A 56  
A 5 LEU A 84  ? GLN A 86  ? LEU A 84  GLN A 86  
B 1 VAL A 24  ? GLU A 26  ? VAL A 24  GLU A 26  
B 2 ALA A 135 ? ALA A 139 ? ALA A 135 ALA A 139 
B 3 VAL A 126 ? ALA A 129 ? VAL A 126 ALA A 129 
B 4 ILE A 48  ? GLY A 56  ? ILE A 48  GLY A 56  
B 5 ALA A 60  ? SER A 66  ? ALA A 60  SER A 66  
B 6 ALA A 114 ? ASP A 117 ? ALA A 114 ASP A 117 
B 7 GLN A 151 ? ALA A 153 ? GLN A 151 ALA A 153 
# 
loop_
_pdbx_struct_sheet_hbond.sheet_id 
_pdbx_struct_sheet_hbond.range_id_1 
_pdbx_struct_sheet_hbond.range_id_2 
_pdbx_struct_sheet_hbond.range_1_label_atom_id 
_pdbx_struct_sheet_hbond.range_1_label_comp_id 
_pdbx_struct_sheet_hbond.range_1_label_asym_id 
_pdbx_struct_sheet_hbond.range_1_label_seq_id 
_pdbx_struct_sheet_hbond.range_1_PDB_ins_code 
_pdbx_struct_sheet_hbond.range_1_auth_atom_id 
_pdbx_struct_sheet_hbond.range_1_auth_comp_id 
_pdbx_struct_sheet_hbond.range_1_auth_asym_id 
_pdbx_struct_sheet_hbond.range_1_auth_seq_id 
_pdbx_struct_sheet_hbond.range_2_label_atom_id 
_pdbx_struct_sheet_hbond.range_2_label_comp_id 
_pdbx_struct_sheet_hbond.range_2_label_asym_id 
_pdbx_struct_sheet_hbond.range_2_label_seq_id 
_pdbx_struct_sheet_hbond.range_2_PDB_ins_code 
_pdbx_struct_sheet_hbond.range_2_auth_atom_id 
_pdbx_struct_sheet_hbond.range_2_auth_comp_id 
_pdbx_struct_sheet_hbond.range_2_auth_asym_id 
_pdbx_struct_sheet_hbond.range_2_auth_seq_id 
A 1 2 N VAL A 25  ? N VAL A 25  O LEU A 136 ? O LEU A 136 
A 2 3 O ALA A 139 ? O ALA A 139 N VAL A 126 ? N VAL A 126 
A 3 4 O TRP A 127 ? O TRP A 127 N VAL A 49  ? N VAL A 49  
A 4 5 N VAL A 55  ? N VAL A 55  O ARG A 85  ? O ARG A 85  
B 1 2 N VAL A 25  ? N VAL A 25  O LEU A 136 ? O LEU A 136 
B 2 3 O ALA A 139 ? O ALA A 139 N VAL A 126 ? N VAL A 126 
B 3 4 O TRP A 127 ? O TRP A 127 N VAL A 49  ? N VAL A 49  
B 4 5 N LYS A 50  ? N LYS A 50  O VAL A 65  ? O VAL A 65  
B 5 6 N LEU A 64  ? N LEU A 64  O TYR A 115 ? O TYR A 115 
B 6 7 N LEU A 116 ? N LEU A 116 O GLN A 151 ? O GLN A 151 
# 
_struct_site.id                   AC1 
_struct_site.pdbx_evidence_code   Software 
_struct_site.pdbx_auth_asym_id    A 
_struct_site.pdbx_auth_comp_id    5CA 
_struct_site.pdbx_auth_seq_id     200 
_struct_site.pdbx_auth_ins_code   ? 
_struct_site.pdbx_num_residues    26 
_struct_site.details              'BINDING SITE FOR RESIDUE 5CA A 200' 
# 
loop_
_struct_site_gen.id 
_struct_site_gen.site_id 
_struct_site_gen.pdbx_num_res 
_struct_site_gen.label_comp_id 
_struct_site_gen.label_asym_id 
_struct_site_gen.label_seq_id 
_struct_site_gen.pdbx_auth_ins_code 
_struct_site_gen.auth_comp_id 
_struct_site_gen.auth_asym_id 
_struct_site_gen.auth_seq_id 
_struct_site_gen.label_atom_id 
_struct_site_gen.label_alt_id 
_struct_site_gen.symmetry 
_struct_site_gen.details 
1  AC1 26 THR A 31  ? THR A 31  . ? 1_555 ? 
2  AC1 26 ARG A 32  ? ARG A 32  . ? 1_555 ? 
3  AC1 26 ILE A 48  ? ILE A 48  . ? 1_555 ? 
4  AC1 26 VAL A 49  ? VAL A 49  . ? 1_555 ? 
5  AC1 26 LYS A 50  ? LYS A 50  . ? 1_555 ? 
6  AC1 26 SER A 51  ? SER A 51  . ? 1_555 ? 
7  AC1 26 LEU A 52  ? LEU A 52  . ? 1_555 ? 
8  AC1 26 ARG A 78  ? ARG A 78  . ? 1_455 ? 
9  AC1 26 GLN A 86  ? GLN A 86  . ? 1_555 ? 
10 AC1 26 ALA A 87  ? ALA A 87  . ? 1_555 ? 
11 AC1 26 PRO A 89  ? PRO A 89  . ? 1_555 ? 
12 AC1 26 ILE A 100 ? ILE A 100 . ? 1_555 ? 
13 AC1 26 GLY A 101 ? GLY A 101 . ? 1_555 ? 
14 AC1 26 GLU A 157 ? GLU A 157 . ? 4_466 ? 
15 AC1 26 GLY A 158 ? GLY A 158 . ? 4_466 ? 
16 AC1 26 HOH C .   ? HOH A 201 . ? 1_555 ? 
17 AC1 26 HOH C .   ? HOH A 218 . ? 1_555 ? 
18 AC1 26 HOH C .   ? HOH A 243 . ? 1_555 ? 
19 AC1 26 HOH C .   ? HOH A 249 . ? 1_555 ? 
20 AC1 26 HOH C .   ? HOH A 257 . ? 4_466 ? 
21 AC1 26 HOH C .   ? HOH A 259 . ? 1_555 ? 
22 AC1 26 HOH C .   ? HOH A 261 . ? 1_555 ? 
23 AC1 26 HOH C .   ? HOH A 273 . ? 1_555 ? 
24 AC1 26 HOH C .   ? HOH A 309 . ? 1_555 ? 
25 AC1 26 HOH C .   ? HOH A 327 . ? 1_555 ? 
26 AC1 26 HOH C .   ? HOH A 341 . ? 1_555 ? 
# 
_atom_sites.entry_id                    2Z0X 
_atom_sites.fract_transf_matrix[1][1]   -0.00980339 
_atom_sites.fract_transf_matrix[1][2]   0.00024466 
_atom_sites.fract_transf_matrix[1][3]   0.03018079 
_atom_sites.fract_transf_matrix[2][1]   0.00730899 
_atom_sites.fract_transf_matrix[2][2]   0.01822088 
_atom_sites.fract_transf_matrix[2][3]   0.00222641 
_atom_sites.fract_transf_matrix[3][1]   -0.01071676 
_atom_sites.fract_transf_matrix[3][2]   0.00472888 
_atom_sites.fract_transf_matrix[3][3]   -0.00351938 
_atom_sites.fract_transf_vector[1]      0.775967 
_atom_sites.fract_transf_vector[2]      0.836205 
_atom_sites.fract_transf_vector[3]      0.327342 
# 
loop_
_atom_type.symbol 
C 
N 
O 
S 
# 
loop_
_atom_site.group_PDB 
_atom_site.id 
_atom_site.type_symbol 
_atom_site.label_atom_id 
_atom_site.label_alt_id 
_atom_site.label_comp_id 
_atom_site.label_asym_id 
_atom_site.label_entity_id 
_atom_site.label_seq_id 
_atom_site.pdbx_PDB_ins_code 
_atom_site.Cartn_x 
_atom_site.Cartn_y 
_atom_site.Cartn_z 
_atom_site.occupancy 
_atom_site.B_iso_or_equiv 
_atom_site.pdbx_formal_charge 
_atom_site.auth_seq_id 
_atom_site.auth_comp_id 
_atom_site.auth_asym_id 
_atom_site.auth_atom_id 
_atom_site.pdbx_PDB_model_num 
ATOM   1    N N     . SER A 1 2   ? 16.840  -6.187  -13.722 1.00 37.91 ? 2   SER A N     1 
ATOM   2    C CA    . SER A 1 2   ? 15.584  -6.950  -13.967 1.00 36.39 ? 2   SER A CA    1 
ATOM   3    C C     . SER A 1 2   ? 14.390  -6.030  -13.787 1.00 30.37 ? 2   SER A C     1 
ATOM   4    O O     . SER A 1 2   ? 13.688  -5.650  -14.753 1.00 26.64 ? 2   SER A O     1 
ATOM   5    C CB    . SER A 1 2   ? 15.410  -8.084  -12.936 1.00 40.44 ? 2   SER A CB    1 
ATOM   6    O OG    . SER A 1 2   ? 16.481  -9.007  -12.913 1.00 47.19 ? 2   SER A OG    1 
ATOM   7    N N     . LEU A 1 3   ? 14.163  -5.707  -12.512 1.00 20.67 ? 3   LEU A N     1 
ATOM   8    C CA    . LEU A 1 3   ? 13.034  -4.895  -12.130 1.00 12.70 ? 3   LEU A CA    1 
ATOM   9    C C     . LEU A 1 3   ? 13.078  -3.553  -12.810 1.00 15.55 ? 3   LEU A C     1 
ATOM   10   O O     . LEU A 1 3   ? 14.153  -2.931  -12.976 1.00 14.99 ? 3   LEU A O     1 
ATOM   11   C CB    . LEU A 1 3   ? 12.987  -4.701  -10.569 1.00 11.82 ? 3   LEU A CB    1 
ATOM   12   C CG    . LEU A 1 3   ? 12.827  -5.912  -9.624  1.00 11.81 ? 3   LEU A CG    1 
ATOM   13   C CD1   . LEU A 1 3   ? 12.961  -5.477  -8.139  1.00 12.85 ? 3   LEU A CD1   1 
ATOM   14   C CD2   . LEU A 1 3   ? 11.442  -6.604  -9.826  1.00 14.85 ? 3   LEU A CD2   1 
ATOM   15   N N     . SER A 1 4   ? 11.903  -3.081  -13.197 1.00 9.94  ? 4   SER A N     1 
ATOM   16   C CA    . SER A 1 4   ? 11.802  -1.763  -13.796 1.00 11.93 ? 4   SER A CA    1 
ATOM   17   C C     . SER A 1 4   ? 12.196  -0.789  -12.684 1.00 12.32 ? 4   SER A C     1 
ATOM   18   O O     . SER A 1 4   ? 12.188  -1.161  -11.510 1.00 10.54 ? 4   SER A O     1 
ATOM   19   C CB    . SER A 1 4   ? 10.380  -1.492  -14.288 1.00 15.68 ? 4   SER A CB    1 
ATOM   20   O OG    . SER A 1 4   ? 9.463   -1.523  -13.176 1.00 11.49 ? 4   SER A OG    1 
ATOM   21   N N     . PRO A 1 5   ? 12.541  0.443   -13.040 1.00 11.61 ? 5   PRO A N     1 
ATOM   22   C CA    . PRO A 1 5   ? 12.975  1.441   -12.039 1.00 10.91 ? 5   PRO A CA    1 
ATOM   23   C C     . PRO A 1 5   ? 12.102  1.624   -10.803 1.00 9.06  ? 5   PRO A C     1 
ATOM   24   O O     . PRO A 1 5   ? 12.609  1.610   -9.659  1.00 9.52  ? 5   PRO A O     1 
ATOM   25   C CB    . PRO A 1 5   ? 13.114  2.722   -12.854 1.00 13.87 ? 5   PRO A CB    1 
ATOM   26   C CG    . PRO A 1 5   ? 13.510  2.180   -14.219 1.00 15.58 ? 5   PRO A CG    1 
ATOM   27   C CD    . PRO A 1 5   ? 12.582  1.003   -14.405 1.00 15.43 ? 5   PRO A CD    1 
ATOM   28   N N     . SER A 1 6   ? 10.804  1.809   -11.007 1.00 8.14  ? 6   SER A N     1 
ATOM   29   C CA    . SER A 1 6   ? 9.945   1.985   -9.850  1.00 8.72  ? 6   SER A CA    1 
ATOM   30   C C     . SER A 1 6   ? 9.914   0.751   -8.970  1.00 7.52  ? 6   SER A C     1 
ATOM   31   O O     . SER A 1 6   ? 9.809   0.866   -7.742  1.00 8.35  ? 6   SER A O     1 
ATOM   32   C CB    . SER A 1 6   ? 8.515   2.346   -10.271 1.00 9.27  ? 6   SER A CB    1 
ATOM   33   O OG    . SER A 1 6   ? 8.510   3.642   -10.882 1.00 9.59  ? 6   SER A OG    1 
ATOM   34   N N     . ALA A 1 7   ? 10.002  -0.438  -9.569  1.00 8.38  ? 7   ALA A N     1 
ATOM   35   C CA    . ALA A 1 7   ? 10.017  -1.646  -8.749  1.00 6.65  ? 7   ALA A CA    1 
ATOM   36   C C     . ALA A 1 7   ? 11.365  -1.731  -8.022  1.00 8.84  ? 7   ALA A C     1 
ATOM   37   O O     . ALA A 1 7   ? 11.446  -2.150  -6.850  1.00 6.52  ? 7   ALA A O     1 
ATOM   38   C CB    . ALA A 1 7   ? 9.783   -2.928  -9.621  1.00 7.55  ? 7   ALA A CB    1 
ATOM   39   N N     . ARG A 1 8   ? 12.443  -1.376  -8.730  1.00 7.60  ? 8   ARG A N     1 
ATOM   40   C CA    . ARG A 1 8   ? 13.780  -1.389  -8.101  1.00 8.73  ? 8   ARG A CA    1 
ATOM   41   C C     . ARG A 1 8   ? 13.779  -0.377  -6.919  1.00 8.64  ? 8   ARG A C     1 
ATOM   42   O O     . ARG A 1 8   ? 14.434  -0.611  -5.889  1.00 8.74  ? 8   ARG A O     1 
ATOM   43   C CB    . ARG A 1 8   ? 14.812  -0.958  -9.148  1.00 9.55  ? 8   ARG A CB    1 
ATOM   44   C CG    . ARG A 1 8   ? 16.259  -1.084  -8.753  1.00 20.95 ? 8   ARG A CG    1 
ATOM   45   C CD    . ARG A 1 8   ? 16.735  -2.492  -9.271  1.00 36.20 ? 8   ARG A CD    1 
ATOM   46   N NE    . ARG A 1 8   ? 16.788  -3.420  -8.152  1.00 40.87 ? 8   ARG A NE    1 
ATOM   47   C CZ    . ARG A 1 8   ? 16.760  -4.751  -8.189  1.00 34.95 ? 8   ARG A CZ    1 
ATOM   48   N NH1   . ARG A 1 8   ? 16.665  -5.469  -9.325  1.00 29.86 ? 8   ARG A NH1   1 
ATOM   49   N NH2   . ARG A 1 8   ? 16.835  -5.360  -7.021  1.00 33.30 ? 8   ARG A NH2   1 
ATOM   50   N N     . ARG A 1 9   ? 13.089  0.755   -7.096  1.00 8.78  ? 9   ARG A N     1 
ATOM   51   C CA    . ARG A 1 9   ? 13.005  1.789   -6.030  1.00 6.81  ? 9   ARG A CA    1 
ATOM   52   C C     . ARG A 1 9   ? 12.383  1.185   -4.752  1.00 7.72  ? 9   ARG A C     1 
ATOM   53   O O     . ARG A 1 9   ? 12.872  1.388   -3.641  1.00 6.72  ? 9   ARG A O     1 
ATOM   54   C CB    . ARG A 1 9   ? 12.131  2.959   -6.511  1.00 5.25  ? 9   ARG A CB    1 
ATOM   55   C CG    . ARG A 1 9   ? 12.001  4.074   -5.473  1.00 5.52  ? 9   ARG A CG    1 
ATOM   56   C CD    . ARG A 1 9   ? 11.327  5.273   -6.106  1.00 7.15  ? 9   ARG A CD    1 
ATOM   57   N NE    . ARG A 1 9   ? 10.927  6.213   -5.056  1.00 7.15  ? 9   ARG A NE    1 
ATOM   58   C CZ    . ARG A 1 9   ? 10.845  7.527   -5.244  1.00 8.42  ? 9   ARG A CZ    1 
ATOM   59   N NH1   . ARG A 1 9   ? 11.134  8.079   -6.423  1.00 8.79  ? 9   ARG A NH1   1 
ATOM   60   N NH2   . ARG A 1 9   ? 10.459  8.317   -4.235  1.00 8.22  ? 9   ARG A NH2   1 
ATOM   61   N N     . VAL A 1 10  ? 11.314  0.418   -4.920  1.00 7.55  ? 10  VAL A N     1 
ATOM   62   C CA    . VAL A 1 10  ? 10.676  -0.178  -3.765  1.00 6.03  ? 10  VAL A CA    1 
ATOM   63   C C     . VAL A 1 10  ? 11.598  -1.244  -3.176  1.00 8.88  ? 10  VAL A C     1 
ATOM   64   O O     . VAL A 1 10  ? 11.743  -1.350  -1.979  1.00 7.86  ? 10  VAL A O     1 
ATOM   65   C CB    . VAL A 1 10  ? 9.310   -0.810  -4.140  1.00 6.41  ? 10  VAL A CB    1 
ATOM   66   C CG1   . VAL A 1 10  ? 8.714   -1.548  -2.922  1.00 6.86  ? 10  VAL A CG1   1 
ATOM   67   C CG2   . VAL A 1 10  ? 8.330   0.359   -4.529  1.00 5.95  ? 10  VAL A CG2   1 
ATOM   68   N N     . GLN A 1 11  ? 12.204  -2.059  -4.037  1.00 8.42  ? 11  GLN A N     1 
ATOM   69   C CA    . GLN A 1 11  ? 13.094  -3.085  -3.490  1.00 7.80  ? 11  GLN A CA    1 
ATOM   70   C C     . GLN A 1 11  ? 14.239  -2.421  -2.683  1.00 8.88  ? 11  GLN A C     1 
ATOM   71   O O     . GLN A 1 11  ? 14.627  -2.958  -1.648  1.00 8.55  ? 11  GLN A O     1 
ATOM   72   C CB    . GLN A 1 11  ? 13.680  -3.937  -4.628  1.00 8.85  ? 11  GLN A CB    1 
ATOM   73   C CG    . GLN A 1 11  ? 14.629  -5.031  -4.129  1.00 8.35  ? 11  GLN A CG    1 
ATOM   74   C CD    . GLN A 1 11  ? 13.947  -6.089  -3.325  1.00 10.54 ? 11  GLN A CD    1 
ATOM   75   O OE1   . GLN A 1 11  ? 14.077  -6.146  -2.089  1.00 17.68 ? 11  GLN A OE1   1 
ATOM   76   N NE2   . GLN A 1 11  ? 13.224  -6.940  -3.998  1.00 10.43 ? 11  GLN A NE2   1 
ATOM   77   N N     . GLY A 1 12  ? 14.748  -1.290  -3.176  1.00 9.43  ? 12  GLY A N     1 
ATOM   78   C CA    . GLY A 1 12  ? 15.824  -0.578  -2.517  1.00 9.12  ? 12  GLY A CA    1 
ATOM   79   C C     . GLY A 1 12  ? 15.353  -0.041  -1.161  1.00 9.01  ? 12  GLY A C     1 
ATOM   80   O O     . GLY A 1 12  ? 16.113  0.026   -0.191  1.00 11.13 ? 12  GLY A O     1 
ATOM   81   N N     . ALA A 1 13  ? 14.084  0.367   -1.082  1.00 8.21  ? 13  ALA A N     1 
ATOM   82   C CA    . ALA A 1 13  ? 13.533  0.872   0.163   1.00 9.40  ? 13  ALA A CA    1 
ATOM   83   C C     . ALA A 1 13  ? 13.433  -0.275  1.165   1.00 8.39  ? 13  ALA A C     1 
ATOM   84   O O     . ALA A 1 13  ? 13.716  -0.123  2.360   1.00 9.87  ? 13  ALA A O     1 
ATOM   85   C CB    . ALA A 1 13  ? 12.130  1.478   -0.099  1.00 7.65  ? 13  ALA A CB    1 
ATOM   86   N N     . LEU A 1 14  ? 12.974  -1.426  0.705   1.00 8.66  ? 14  LEU A N     1 
ATOM   87   C CA    . LEU A 1 14  ? 12.897  -2.572  1.613   1.00 10.26 ? 14  LEU A CA    1 
ATOM   88   C C     . LEU A 1 14  ? 14.302  -2.891  2.144   1.00 8.99  ? 14  LEU A C     1 
ATOM   89   O O     . LEU A 1 14  ? 14.486  -3.178  3.351   1.00 10.82 ? 14  LEU A O     1 
ATOM   90   C CB    . LEU A 1 14  ? 12.337  -3.782  0.854   1.00 9.42  ? 14  LEU A CB    1 
ATOM   91   C CG    . LEU A 1 14  ? 10.896  -3.636  0.385   1.00 9.86  ? 14  LEU A CG    1 
ATOM   92   C CD1   . LEU A 1 14  ? 10.563  -4.823  -0.540  1.00 11.00 ? 14  LEU A CD1   1 
ATOM   93   C CD2   . LEU A 1 14  ? 9.912   -3.605  1.562   1.00 11.25 ? 14  LEU A CD2   1 
ATOM   94   N N     . GLU A 1 15  ? 15.297  -2.839  1.269   1.00 9.57  ? 15  GLU A N     1 
ATOM   95   C CA    . GLU A 1 15  ? 16.672  -3.156  1.696   1.00 7.51  ? 15  GLU A CA    1 
ATOM   96   C C     . GLU A 1 15  ? 17.183  -2.120  2.690   1.00 10.60 ? 15  GLU A C     1 
ATOM   97   O O     . GLU A 1 15  ? 17.705  -2.473  3.729   1.00 14.36 ? 15  GLU A O     1 
ATOM   98   C CB    . GLU A 1 15  ? 17.579  -3.225  0.490   1.00 13.91 ? 15  GLU A CB    1 
ATOM   99   C CG    . GLU A 1 15  ? 17.139  -4.451  -0.309  1.00 19.70 ? 15  GLU A CG    1 
ATOM   100  C CD    . GLU A 1 15  ? 17.641  -4.496  -1.746  1.00 25.92 ? 15  GLU A CD    1 
ATOM   101  O OE1   . GLU A 1 15  ? 18.140  -3.481  -2.299  1.00 24.62 ? 15  GLU A OE1   1 
ATOM   102  O OE2   . GLU A 1 15  ? 17.500  -5.588  -2.334  1.00 21.03 ? 15  GLU A OE2   1 
ATOM   103  N N     . THR A 1 16  ? 16.983  -0.852  2.381   1.00 11.46 ? 16  THR A N     1 
ATOM   104  C CA    . THR A 1 16  ? 17.442  0.221   3.264   1.00 13.48 ? 16  THR A CA    1 
ATOM   105  C C     . THR A 1 16  ? 16.868  0.170   4.661   1.00 15.25 ? 16  THR A C     1 
ATOM   106  O O     . THR A 1 16  ? 17.592  0.430   5.650   1.00 17.56 ? 16  THR A O     1 
ATOM   107  C CB    . THR A 1 16  ? 17.117  1.594   2.651   1.00 15.48 ? 16  THR A CB    1 
ATOM   108  O OG1   . THR A 1 16  ? 17.931  1.768   1.502   1.00 17.12 ? 16  THR A OG1   1 
ATOM   109  C CG2   . THR A 1 16  ? 17.400  2.712   3.638   1.00 17.03 ? 16  THR A CG2   1 
ATOM   110  N N     . ARG A 1 17  ? 15.595  -0.177  4.757   1.00 12.79 ? 17  ARG A N     1 
ATOM   111  C CA    . ARG A 1 17  ? 14.903  -0.264  6.030   1.00 12.02 ? 17  ARG A CA    1 
ATOM   112  C C     . ARG A 1 17  ? 15.163  -1.539  6.822   1.00 15.60 ? 17  ARG A C     1 
ATOM   113  O O     . ARG A 1 17  ? 14.632  -1.717  7.920   1.00 18.06 ? 17  ARG A O     1 
ATOM   114  C CB    . ARG A 1 17  ? 13.418  -0.045  5.805   1.00 15.17 ? 17  ARG A CB    1 
ATOM   115  C CG    . ARG A 1 17  ? 13.230  1.368   5.238   1.00 17.02 ? 17  ARG A CG    1 
ATOM   116  C CD    . ARG A 1 17  ? 11.806  1.834   5.093   1.00 21.90 ? 17  ARG A CD    1 
ATOM   117  N NE    . ARG A 1 17  ? 11.264  2.380   6.327   1.00 23.84 ? 17  ARG A NE    1 
ATOM   118  C CZ    . ARG A 1 17  ? 11.420  3.639   6.754   1.00 26.10 ? 17  ARG A CZ    1 
ATOM   119  N NH1   . ARG A 1 17  ? 12.129  4.544   6.071   1.00 25.28 ? 17  ARG A NH1   1 
ATOM   120  N NH2   . ARG A 1 17  ? 10.779  4.012   7.845   1.00 22.62 ? 17  ARG A NH2   1 
ATOM   121  N N     . GLY A 1 18  ? 15.986  -2.419  6.268   1.00 14.96 ? 18  GLY A N     1 
ATOM   122  C CA    . GLY A 1 18  ? 16.324  -3.645  6.968   1.00 15.42 ? 18  GLY A CA    1 
ATOM   123  C C     . GLY A 1 18  ? 15.499  -4.874  6.656   1.00 15.91 ? 18  GLY A C     1 
ATOM   124  O O     . GLY A 1 18  ? 15.611  -5.884  7.356   1.00 16.29 ? 18  GLY A O     1 
ATOM   125  N N     . PHE A 1 19  ? 14.744  -4.810  5.577   1.00 11.78 ? 19  PHE A N     1 
ATOM   126  C CA    . PHE A 1 19  ? 13.859  -5.894  5.178   1.00 13.10 ? 19  PHE A CA    1 
ATOM   127  C C     . PHE A 1 19  ? 14.245  -6.403  3.810   1.00 13.59 ? 19  PHE A C     1 
ATOM   128  O O     . PHE A 1 19  ? 13.369  -6.760  2.994   1.00 11.78 ? 19  PHE A O     1 
ATOM   129  C CB    . PHE A 1 19  ? 12.417  -5.369  5.164   1.00 13.73 ? 19  PHE A CB    1 
ATOM   130  C CG    . PHE A 1 19  ? 11.921  -5.051  6.508   1.00 12.87 ? 19  PHE A CG    1 
ATOM   131  C CD1   . PHE A 1 19  ? 11.277  -6.026  7.261   1.00 17.08 ? 19  PHE A CD1   1 
ATOM   132  C CD2   . PHE A 1 19  ? 12.151  -3.797  7.058   1.00 15.20 ? 19  PHE A CD2   1 
ATOM   133  C CE1   . PHE A 1 19  ? 10.864  -5.751  8.577   1.00 25.87 ? 19  PHE A CE1   1 
ATOM   134  C CE2   . PHE A 1 19  ? 11.748  -3.506  8.371   1.00 24.57 ? 19  PHE A CE2   1 
ATOM   135  C CZ    . PHE A 1 19  ? 11.106  -4.480  9.126   1.00 23.19 ? 19  PHE A CZ    1 
ATOM   136  N N     . GLY A 1 20  ? 15.558  -6.452  3.566   1.00 11.46 ? 20  GLY A N     1 
ATOM   137  C CA    . GLY A 1 20  ? 16.038  -6.923  2.280   1.00 12.12 ? 20  GLY A CA    1 
ATOM   138  C C     . GLY A 1 20  ? 15.643  -8.358  1.927   1.00 13.46 ? 20  GLY A C     1 
ATOM   139  O O     . GLY A 1 20  ? 15.744  -8.735  0.730   1.00 13.29 ? 20  GLY A O     1 
ATOM   140  N N     . HIS A 1 21  ? 15.207  -9.143  2.911   1.00 13.00 ? 21  HIS A N     1 
ATOM   141  C CA    . HIS A 1 21  ? 14.771  -10.519 2.659   1.00 11.35 ? 21  HIS A CA    1 
ATOM   142  C C     . HIS A 1 21  ? 13.429  -10.526 1.920   1.00 11.52 ? 21  HIS A C     1 
ATOM   143  O O     . HIS A 1 21  ? 13.041  -11.577 1.372   1.00 10.61 ? 21  HIS A O     1 
ATOM   144  C CB    . HIS A 1 21  ? 14.646  -11.336 3.957   1.00 11.75 ? 21  HIS A CB    1 
ATOM   145  C CG    . HIS A 1 21  ? 13.632  -10.796 4.910   1.00 12.33 ? 21  HIS A CG    1 
ATOM   146  N ND1   . HIS A 1 21  ? 13.835  -9.632  5.618   1.00 13.59 ? 21  HIS A ND1   1 
ATOM   147  C CD2   . HIS A 1 21  ? 12.407  -11.250 5.265   1.00 12.95 ? 21  HIS A CD2   1 
ATOM   148  C CE1   . HIS A 1 21  ? 12.777  -9.393  6.374   1.00 13.88 ? 21  HIS A CE1   1 
ATOM   149  N NE2   . HIS A 1 21  ? 11.896  -10.360 6.182   1.00 12.19 ? 21  HIS A NE2   1 
ATOM   150  N N     . LEU A 1 22  ? 12.727  -9.387  1.909   1.00 10.10 ? 22  LEU A N     1 
ATOM   151  C CA    . LEU A 1 22  ? 11.433  -9.266  1.218   1.00 8.85  ? 22  LEU A CA    1 
ATOM   152  C C     . LEU A 1 22  ? 11.753  -8.916  -0.218  1.00 11.58 ? 22  LEU A C     1 
ATOM   153  O O     . LEU A 1 22  ? 12.572  -8.046  -0.487  1.00 13.29 ? 22  LEU A O     1 
ATOM   154  C CB    . LEU A 1 22  ? 10.589  -8.168  1.857   1.00 9.24  ? 22  LEU A CB    1 
ATOM   155  C CG    . LEU A 1 22  ? 10.239  -8.444  3.307   1.00 8.95  ? 22  LEU A CG    1 
ATOM   156  C CD1   . LEU A 1 22  ? 9.350   -7.313  3.835   1.00 10.35 ? 22  LEU A CD1   1 
ATOM   157  C CD2   . LEU A 1 22  ? 9.555   -9.794  3.464   1.00 10.39 ? 22  LEU A CD2   1 
ATOM   158  N N     . LYS A 1 23  ? 11.110  -9.605  -1.154  1.00 8.53  ? 23  LYS A N     1 
ATOM   159  C CA    . LYS A 1 23  ? 11.437  -9.430  -2.552  1.00 7.69  ? 23  LYS A CA    1 
ATOM   160  C C     . LYS A 1 23  ? 10.320  -8.938  -3.463  1.00 8.94  ? 23  LYS A C     1 
ATOM   161  O O     . LYS A 1 23  ? 9.242   -9.534  -3.479  1.00 10.16 ? 23  LYS A O     1 
ATOM   162  C CB    . LYS A 1 23  ? 11.929  -10.770 -3.126  1.00 9.47  ? 23  LYS A CB    1 
ATOM   163  C CG    . LYS A 1 23  ? 13.072  -11.458 -2.333  1.00 14.45 ? 23  LYS A CG    1 
ATOM   164  C CD    . LYS A 1 23  ? 14.291  -10.577 -2.338  1.00 14.05 ? 23  LYS A CD    1 
ATOM   165  C CE    . LYS A 1 23  ? 15.467  -11.243 -1.615  1.00 16.79 ? 23  LYS A CE    1 
ATOM   166  N NZ    . LYS A 1 23  ? 16.689  -10.486 -2.008  1.00 22.19 ? 23  LYS A NZ    1 
ATOM   167  N N     . VAL A 1 24  ? 10.600  -7.885  -4.227  1.00 7.32  ? 24  VAL A N     1 
ATOM   168  C CA    . VAL A 1 24  ? 9.625   -7.382  -5.197  1.00 6.51  ? 24  VAL A CA    1 
ATOM   169  C C     . VAL A 1 24  ? 9.736   -8.293  -6.446  1.00 7.88  ? 24  VAL A C     1 
ATOM   170  O O     . VAL A 1 24  ? 10.866  -8.529  -6.950  1.00 10.01 ? 24  VAL A O     1 
ATOM   171  C CB    . VAL A 1 24  ? 9.934   -5.946  -5.613  1.00 8.20  ? 24  VAL A CB    1 
ATOM   172  C CG1   . VAL A 1 24  ? 8.942   -5.452  -6.719  1.00 8.76  ? 24  VAL A CG1   1 
ATOM   173  C CG2   . VAL A 1 24  ? 9.854   -5.040  -4.369  1.00 9.45  ? 24  VAL A CG2   1 
ATOM   174  N N     . VAL A 1 25  ? 8.585   -8.765  -6.935  1.00 8.10  ? 25  VAL A N     1 
ATOM   175  C CA    . VAL A 1 25  ? 8.490   -9.596  -8.138  1.00 8.21  ? 25  VAL A CA    1 
ATOM   176  C C     . VAL A 1 25  ? 7.643   -8.780  -9.131  1.00 8.08  ? 25  VAL A C     1 
ATOM   177  O O     . VAL A 1 25  ? 6.715   -8.067  -8.718  1.00 9.45  ? 25  VAL A O     1 
ATOM   178  C CB    . VAL A 1 25  ? 7.835   -10.990 -7.833  1.00 8.09  ? 25  VAL A CB    1 
ATOM   179  C CG1   . VAL A 1 25  ? 8.779   -11.824 -6.926  1.00 10.39 ? 25  VAL A CG1   1 
ATOM   180  C CG2   . VAL A 1 25  ? 6.497   -10.838 -7.062  1.00 8.47  ? 25  VAL A CG2   1 
ATOM   181  N N     . GLU A 1 26  ? 7.992   -8.822  -10.420 1.00 7.78  ? 26  GLU A N     1 
ATOM   182  C CA    . GLU A 1 26  ? 7.245   -8.073  -11.435 1.00 9.26  ? 26  GLU A CA    1 
ATOM   183  C C     . GLU A 1 26  ? 6.804   -9.208  -12.344 1.00 9.78  ? 26  GLU A C     1 
ATOM   184  O O     . GLU A 1 26  ? 7.595   -9.719  -13.139 1.00 9.50  ? 26  GLU A O     1 
ATOM   185  C CB    . GLU A 1 26  ? 8.171   -7.080  -12.121 1.00 14.35 ? 26  GLU A CB    1 
ATOM   186  C CG    . GLU A 1 26  ? 7.448   -5.859  -12.577 1.00 15.10 ? 26  GLU A CG    1 
ATOM   187  C CD    . GLU A 1 26  ? 8.356   -4.650  -12.820 1.00 13.01 ? 26  GLU A CD    1 
ATOM   188  O OE1   . GLU A 1 26  ? 9.563   -4.792  -13.138 1.00 10.83 ? 26  GLU A OE1   1 
ATOM   189  O OE2   . GLU A 1 26  ? 7.832   -3.541  -12.721 1.00 11.46 ? 26  GLU A OE2   1 
ATOM   190  N N     . LEU A 1 27  ? 5.516   -9.530  -12.239 1.00 7.21  ? 27  LEU A N     1 
ATOM   191  C CA    . LEU A 1 27  ? 4.948   -10.762 -12.775 1.00 6.89  ? 27  LEU A CA    1 
ATOM   192  C C     . LEU A 1 27  ? 4.496   -10.906 -14.188 1.00 9.61  ? 27  LEU A C     1 
ATOM   193  O O     . LEU A 1 27  ? 4.257   -9.920  -14.871 1.00 9.46  ? 27  LEU A O     1 
ATOM   194  C CB    . LEU A 1 27  ? 3.806   -11.164 -11.827 1.00 6.83  ? 27  LEU A CB    1 
ATOM   195  C CG    . LEU A 1 27  ? 4.231   -11.317 -10.350 1.00 8.88  ? 27  LEU A CG    1 
ATOM   196  C CD1   . LEU A 1 27  ? 2.965   -11.609 -9.484  1.00 8.78  ? 27  LEU A CD1   1 
ATOM   197  C CD2   . LEU A 1 27  ? 5.230   -12.485 -10.205 1.00 8.21  ? 27  LEU A CD2   1 
ATOM   198  N N     . PRO A 1 28  ? 4.335   -12.169 -14.633 1.00 9.15  ? 28  PRO A N     1 
ATOM   199  C CA    . PRO A 1 28  ? 3.876   -12.412 -16.011 1.00 11.37 ? 28  PRO A CA    1 
ATOM   200  C C     . PRO A 1 28  ? 2.387   -12.188 -16.181 1.00 9.42  ? 28  PRO A C     1 
ATOM   201  O O     . PRO A 1 28  ? 1.872   -12.354 -17.275 1.00 11.15 ? 28  PRO A O     1 
ATOM   202  C CB    . PRO A 1 28  ? 4.287   -13.860 -16.315 1.00 12.51 ? 28  PRO A CB    1 
ATOM   203  C CG    . PRO A 1 28  ? 4.692   -14.451 -15.021 1.00 13.90 ? 28  PRO A CG    1 
ATOM   204  C CD    . PRO A 1 28  ? 5.031   -13.340 -14.052 1.00 10.57 ? 28  PRO A CD    1 
ATOM   205  N N     . ALA A 1 29  ? 1.683   -11.828 -15.106 1.00 8.09  ? 29  ALA A N     1 
ATOM   206  C CA    . ALA A 1 29  ? 0.253   -11.496 -15.189 1.00 8.55  ? 29  ALA A CA    1 
ATOM   207  C C     . ALA A 1 29  ? 0.117   -10.172 -14.466 1.00 8.35  ? 29  ALA A C     1 
ATOM   208  O O     . ALA A 1 29  ? 0.926   -9.851  -13.581 1.00 9.38  ? 29  ALA A O     1 
ATOM   209  C CB    . ALA A 1 29  ? -0.619  -12.535 -14.507 1.00 11.86 ? 29  ALA A CB    1 
ATOM   210  N N     . SER A 1 30  ? -0.921  -9.416  -14.826 1.00 7.87  ? 30  SER A N     1 
ATOM   211  C CA    . SER A 1 30  ? -1.098  -8.130  -14.190 1.00 6.07  ? 30  SER A CA    1 
ATOM   212  C C     . SER A 1 30  ? -1.433  -8.225  -12.725 1.00 6.82  ? 30  SER A C     1 
ATOM   213  O O     . SER A 1 30  ? -2.031  -9.197  -12.272 1.00 6.91  ? 30  SER A O     1 
ATOM   214  C CB    . SER A 1 30  ? -2.220  -7.351  -14.893 1.00 7.39  ? 30  SER A CB    1 
ATOM   215  O OG    . SER A 1 30  ? -2.262  -6.013  -14.404 1.00 8.48  ? 30  SER A OG    1 
ATOM   216  N N     . THR A 1 31  ? -1.005  -7.184  -12.000 1.00 7.13  ? 31  THR A N     1 
ATOM   217  C CA    . THR A 1 31  ? -1.334  -7.052  -10.577 1.00 6.80  ? 31  THR A CA    1 
ATOM   218  C C     . THR A 1 31  ? -1.924  -5.646  -10.394 1.00 9.04  ? 31  THR A C     1 
ATOM   219  O O     . THR A 1 31  ? -1.929  -5.114  -9.274  1.00 7.33  ? 31  THR A O     1 
ATOM   220  C CB    . THR A 1 31  ? -0.074  -7.217  -9.671  1.00 8.14  ? 31  THR A CB    1 
ATOM   221  O OG1   . THR A 1 31  ? 0.873   -6.171  -9.915  1.00 7.35  ? 31  THR A OG1   1 
ATOM   222  C CG2   . THR A 1 31  ? 0.632   -8.551  -10.014 1.00 8.59  ? 31  THR A CG2   1 
ATOM   223  N N     . ARG A 1 32  ? -2.448  -5.077  -11.489 1.00 6.98  ? 32  ARG A N     1 
ATOM   224  C CA    . ARG A 1 32  ? -2.936  -3.669  -11.460 1.00 8.56  ? 32  ARG A CA    1 
ATOM   225  C C     . ARG A 1 32  ? -4.049  -3.431  -10.451 1.00 10.67 ? 32  ARG A C     1 
ATOM   226  O O     . ARG A 1 32  ? -4.022  -2.419  -9.739  1.00 9.79  ? 32  ARG A O     1 
ATOM   227  C CB    . ARG A 1 32  ? -3.392  -3.233  -12.861 1.00 9.92  ? 32  ARG A CB    1 
ATOM   228  C CG    . ARG A 1 32  ? -3.687  -1.719  -12.954 1.00 8.47  ? 32  ARG A CG    1 
ATOM   229  C CD    . ARG A 1 32  ? -4.244  -1.381  -14.369 1.00 7.27  ? 32  ARG A CD    1 
ATOM   230  N NE    . ARG A 1 32  ? -5.572  -1.971  -14.583 1.00 7.27  ? 32  ARG A NE    1 
ATOM   231  C CZ    . ARG A 1 32  ? -6.699  -1.426  -14.108 1.00 8.04  ? 32  ARG A CZ    1 
ATOM   232  N NH1   . ARG A 1 32  ? -6.637  -0.285  -13.411 1.00 7.01  ? 32  ARG A NH1   1 
ATOM   233  N NH2   . ARG A 1 32  ? -7.881  -2.015  -14.305 1.00 7.11  ? 32  ARG A NH2   1 
ATOM   234  N N     . THR A 1 33  ? -5.016  -4.341  -10.419 1.00 8.32  ? 33  THR A N     1 
ATOM   235  C CA    . THR A 1 33  ? -6.131  -4.232  -9.470  1.00 9.93  ? 33  THR A CA    1 
ATOM   236  C C     . THR A 1 33  ? -5.935  -5.307  -8.391  1.00 8.99  ? 33  THR A C     1 
ATOM   237  O O     . THR A 1 33  ? -5.193  -6.287  -8.609  1.00 9.76  ? 33  THR A O     1 
ATOM   238  C CB    . THR A 1 33  ? -7.501  -4.470  -10.146 1.00 8.69  ? 33  THR A CB    1 
ATOM   239  O OG1   . THR A 1 33  ? -7.586  -5.814  -10.619 1.00 9.77  ? 33  THR A OG1   1 
ATOM   240  C CG2   . THR A 1 33  ? -7.649  -3.554  -11.408 1.00 10.53 ? 33  THR A CG2   1 
ATOM   241  N N     . ALA A 1 34  ? -6.604  -5.143  -7.244  1.00 9.26  ? 34  ALA A N     1 
ATOM   242  C CA    . ALA A 1 34  ? -6.431  -6.137  -6.146  1.00 7.56  ? 34  ALA A CA    1 
ATOM   243  C C     . ALA A 1 34  ? -6.882  -7.482  -6.656  1.00 9.17  ? 34  ALA A C     1 
ATOM   244  O O     . ALA A 1 34  ? -6.246  -8.504  -6.358  1.00 7.44  ? 34  ALA A O     1 
ATOM   245  C CB    . ALA A 1 34  ? -7.234  -5.773  -4.896  1.00 9.16  ? 34  ALA A CB    1 
ATOM   246  N N     . LYS A 1 35  ? -7.964  -7.493  -7.441  1.00 8.05  ? 35  LYS A N     1 
ATOM   247  C CA    . LYS A 1 35  ? -8.456  -8.755  -7.998  1.00 8.82  ? 35  LYS A CA    1 
ATOM   248  C C     . LYS A 1 35  ? -7.411  -9.458  -8.865  1.00 8.66  ? 35  LYS A C     1 
ATOM   249  O O     . LYS A 1 35  ? -7.172  -10.643 -8.682  1.00 9.25  ? 35  LYS A O     1 
ATOM   250  C CB    . LYS A 1 35  ? -9.763  -8.488  -8.796  1.00 8.76  ? 35  LYS A CB    1 
ATOM   251  C CG    . LYS A 1 35  ? -10.367 -9.684  -9.509  1.00 10.43 ? 35  LYS A CG    1 
ATOM   252  C CD    . LYS A 1 35  ? -11.720 -9.262  -10.143 1.00 13.55 ? 35  LYS A CD    1 
ATOM   253  C CE    . LYS A 1 35  ? -12.427 -10.444 -10.821 1.00 17.97 ? 35  LYS A CE    1 
ATOM   254  N NZ    . LYS A 1 35  ? -11.536 -11.138 -11.808 1.00 21.23 ? 35  LYS A NZ    1 
ATOM   255  N N     . GLU A 1 36  ? -6.761  -8.716  -9.770  1.00 9.19  ? 36  GLU A N     1 
ATOM   256  C CA    . GLU A 1 36  ? -5.732  -9.292  -10.628 1.00 9.68  ? 36  GLU A CA    1 
ATOM   257  C C     . GLU A 1 36  ? -4.526  -9.737  -9.794  1.00 9.11  ? 36  GLU A C     1 
ATOM   258  O O     . GLU A 1 36  ? -3.938  -10.808 -10.066 1.00 7.76  ? 36  GLU A O     1 
ATOM   259  C CB    . GLU A 1 36  ? -5.293  -8.245  -11.667 1.00 10.03 ? 36  GLU A CB    1 
ATOM   260  C CG    . GLU A 1 36  ? -6.403  -7.998  -12.726 1.00 12.46 ? 36  GLU A CG    1 
ATOM   261  C CD    . GLU A 1 36  ? -6.078  -6.861  -13.670 1.00 14.86 ? 36  GLU A CD    1 
ATOM   262  O OE1   . GLU A 1 36  ? -5.379  -5.961  -13.234 1.00 14.99 ? 36  GLU A OE1   1 
ATOM   263  O OE2   . GLU A 1 36  ? -6.553  -6.866  -14.832 1.00 20.03 ? 36  GLU A OE2   1 
ATOM   264  N N     . ALA A 1 37  ? -4.134  -8.909  -8.815  1.00 6.92  ? 37  ALA A N     1 
ATOM   265  C CA    . ALA A 1 37  ? -2.961  -9.252  -7.997  1.00 6.44  ? 37  ALA A CA    1 
ATOM   266  C C     . ALA A 1 37  ? -3.199  -10.581 -7.244  1.00 6.23  ? 37  ALA A C     1 
ATOM   267  O O     . ALA A 1 37  ? -2.326  -11.451 -7.190  1.00 6.88  ? 37  ALA A O     1 
ATOM   268  C CB    . ALA A 1 37  ? -2.676  -8.139  -6.989  1.00 8.00  ? 37  ALA A CB    1 
ATOM   269  N N     . ALA A 1 38  ? -4.394  -10.762 -6.690  1.00 6.81  ? 38  ALA A N     1 
ATOM   270  C CA    . ALA A 1 38  ? -4.654  -12.008 -5.965  1.00 6.70  ? 38  ALA A CA    1 
ATOM   271  C C     . ALA A 1 38  ? -4.561  -13.188 -6.909  1.00 8.66  ? 38  ALA A C     1 
ATOM   272  O O     . ALA A 1 38  ? -4.023  -14.213 -6.542  1.00 8.31  ? 38  ALA A O     1 
ATOM   273  C CB    . ALA A 1 38  ? -6.059  -11.951 -5.291  1.00 7.51  ? 38  ALA A CB    1 
ATOM   274  N N     . GLN A 1 39  ? -5.111  -13.058 -8.116  1.00 8.93  ? 39  GLN A N     1 
ATOM   275  C CA    . GLN A 1 39  ? -5.065  -14.161 -9.053  1.00 7.50  ? 39  GLN A CA    1 
ATOM   276  C C     . GLN A 1 39  ? -3.614  -14.454 -9.469  1.00 9.20  ? 39  GLN A C     1 
ATOM   277  O O     . GLN A 1 39  ? -3.239  -15.610 -9.694  1.00 9.49  ? 39  GLN A O     1 
ATOM   278  C CB    . GLN A 1 39  ? -5.919  -13.821 -10.274 1.00 7.26  ? 39  GLN A CB    1 
ATOM   279  C CG    . GLN A 1 39  ? -6.053  -15.062 -11.213 1.00 9.32  ? 39  GLN A CG    1 
ATOM   280  C CD    . GLN A 1 39  ? -7.039  -14.822 -12.348 1.00 15.57 ? 39  GLN A CD    1 
ATOM   281  O OE1   . GLN A 1 39  ? -8.065  -14.139 -12.182 1.00 17.57 ? 39  GLN A OE1   1 
ATOM   282  N NE2   . GLN A 1 39  ? -6.743  -15.377 -13.485 1.00 15.13 ? 39  GLN A NE2   1 
ATOM   283  N N     . ALA A 1 40  ? -2.803  -13.415 -9.574  1.00 9.26  ? 40  ALA A N     1 
ATOM   284  C CA    . ALA A 1 40  ? -1.431  -13.600 -9.991  1.00 7.00  ? 40  ALA A CA    1 
ATOM   285  C C     . ALA A 1 40  ? -0.601  -14.375 -9.028  1.00 7.10  ? 40  ALA A C     1 
ATOM   286  O O     . ALA A 1 40  ? 0.371   -15.002 -9.432  1.00 8.63  ? 40  ALA A O     1 
ATOM   287  C CB    . ALA A 1 40  ? -0.741  -12.233 -10.246 1.00 7.30  ? 40  ALA A CB    1 
ATOM   288  N N     . VAL A 1 41  ? -0.925  -14.289 -7.739  1.00 7.96  ? 41  VAL A N     1 
ATOM   289  C CA    . VAL A 1 41  ? -0.116  -15.015 -6.764  1.00 10.21 ? 41  VAL A CA    1 
ATOM   290  C C     . VAL A 1 41  ? -0.851  -16.102 -5.992  1.00 7.99  ? 41  VAL A C     1 
ATOM   291  O O     . VAL A 1 41  ? -0.246  -16.742 -5.121  1.00 9.72  ? 41  VAL A O     1 
ATOM   292  C CB    . VAL A 1 41  ? 0.603   -14.031 -5.755  1.00 7.58  ? 41  VAL A CB    1 
ATOM   293  C CG1   . VAL A 1 41  ? 1.549   -13.071 -6.493  1.00 7.11  ? 41  VAL A CG1   1 
ATOM   294  C CG2   . VAL A 1 41  ? -0.453  -13.280 -4.923  1.00 9.65  ? 41  VAL A CG2   1 
ATOM   295  N N     . GLY A 1 42  ? -2.111  -16.336 -6.337  1.00 6.91  ? 42  GLY A N     1 
ATOM   296  C CA    . GLY A 1 42  ? -2.921  -17.381 -5.694  1.00 8.35  ? 42  GLY A CA    1 
ATOM   297  C C     . GLY A 1 42  ? -3.410  -17.018 -4.318  1.00 10.23 ? 42  GLY A C     1 
ATOM   298  O O     . GLY A 1 42  ? -3.715  -17.899 -3.472  1.00 10.51 ? 42  GLY A O     1 
ATOM   299  N N     . ALA A 1 43  ? -3.486  -15.711 -4.068  1.00 9.26  ? 43  ALA A N     1 
ATOM   300  C CA    . ALA A 1 43  ? -3.949  -15.257 -2.767  1.00 10.32 ? 43  ALA A CA    1 
ATOM   301  C C     . ALA A 1 43  ? -5.442  -14.931 -2.768  1.00 9.66  ? 43  ALA A C     1 
ATOM   302  O O     . ALA A 1 43  ? -6.076  -14.875 -3.819  1.00 10.26 ? 43  ALA A O     1 
ATOM   303  C CB    . ALA A 1 43  ? -3.176  -14.022 -2.375  1.00 9.74  ? 43  ALA A CB    1 
ATOM   304  N N     . GLU A 1 44  ? -6.022  -14.765 -1.572  1.00 11.18 ? 44  GLU A N     1 
ATOM   305  C CA    . GLU A 1 44  ? -7.400  -14.315 -1.463  1.00 10.04 ? 44  GLU A CA    1 
ATOM   306  C C     . GLU A 1 44  ? -7.269  -12.779 -1.640  1.00 9.26  ? 44  GLU A C     1 
ATOM   307  O O     . GLU A 1 44  ? -6.259  -12.187 -1.238  1.00 8.48  ? 44  GLU A O     1 
ATOM   308  C CB    . GLU A 1 44  ? -7.926  -14.585 -0.048  1.00 14.69 ? 44  GLU A CB    1 
ATOM   309  C CG    . GLU A 1 44  ? -8.027  -16.030 0.368   1.00 23.99 ? 44  GLU A CG    1 
ATOM   310  C CD    . GLU A 1 44  ? -8.537  -16.081 1.816   1.00 31.13 ? 44  GLU A CD    1 
ATOM   311  O OE1   . GLU A 1 44  ? -7.728  -16.237 2.763   1.00 36.66 ? 44  GLU A OE1   1 
ATOM   312  O OE2   . GLU A 1 44  ? -9.758  -15.911 1.997   1.00 41.65 ? 44  GLU A OE2   1 
ATOM   313  N N     . VAL A 1 45  ? -8.285  -12.133 -2.220  1.00 9.01  ? 45  VAL A N     1 
ATOM   314  C CA    . VAL A 1 45  ? -8.186  -10.685 -2.419  1.00 9.19  ? 45  VAL A CA    1 
ATOM   315  C C     . VAL A 1 45  ? -8.001  -9.910  -1.100  1.00 7.20  ? 45  VAL A C     1 
ATOM   316  O O     . VAL A 1 45  ? -7.392  -8.833  -1.101  1.00 6.24  ? 45  VAL A O     1 
ATOM   317  C CB    . VAL A 1 45  ? -9.396  -10.203 -3.251  1.00 8.28  ? 45  VAL A CB    1 
ATOM   318  C CG1   . VAL A 1 45  ? -10.632 -10.199 -2.406  1.00 9.05  ? 45  VAL A CG1   1 
ATOM   319  C CG2   . VAL A 1 45  ? -9.135  -8.796  -3.810  1.00 9.23  ? 45  VAL A CG2   1 
ATOM   320  N N     . GLY A 1 46  ? -8.472  -10.458 0.020   1.00 7.10  ? 46  GLY A N     1 
ATOM   321  C CA    . GLY A 1 46  ? -8.280  -9.789  1.299   1.00 7.03  ? 46  GLY A CA    1 
ATOM   322  C C     . GLY A 1 46  ? -6.808  -9.663  1.698   1.00 7.22  ? 46  GLY A C     1 
ATOM   323  O O     . GLY A 1 46  ? -6.435  -8.781  2.481   1.00 7.69  ? 46  GLY A O     1 
ATOM   324  N N     . GLN A 1 47  ? -5.960  -10.532 1.160   1.00 8.17  ? 47  GLN A N     1 
ATOM   325  C CA    . GLN A 1 47  ? -4.527  -10.479 1.472   1.00 9.51  ? 47  GLN A CA    1 
ATOM   326  C C     . GLN A 1 47  ? -3.795  -9.420  0.666   1.00 8.56  ? 47  GLN A C     1 
ATOM   327  O O     . GLN A 1 47  ? -2.621  -9.180  0.903   1.00 9.98  ? 47  GLN A O     1 
ATOM   328  C CB    . GLN A 1 47  ? -3.854  -11.807 1.120   1.00 9.05  ? 47  GLN A CB    1 
ATOM   329  C CG    . GLN A 1 47  ? -4.230  -12.920 2.018   1.00 12.57 ? 47  GLN A CG    1 
ATOM   330  C CD    . GLN A 1 47  ? -3.619  -14.185 1.512   1.00 12.93 ? 47  GLN A CD    1 
ATOM   331  O OE1   . GLN A 1 47  ? -4.230  -14.909 0.708   1.00 12.47 ? 47  GLN A OE1   1 
ATOM   332  N NE2   . GLN A 1 47  ? -2.408  -14.477 1.971   1.00 16.30 ? 47  GLN A NE2   1 
ATOM   333  N N     . ILE A 1 48  ? -4.466  -8.793  -0.295  1.00 8.07  ? 48  ILE A N     1 
ATOM   334  C CA    . ILE A 1 48  ? -3.807  -7.771  -1.099  1.00 6.94  ? 48  ILE A CA    1 
ATOM   335  C C     . ILE A 1 48  ? -3.907  -6.431  -0.349  1.00 8.78  ? 48  ILE A C     1 
ATOM   336  O O     . ILE A 1 48  ? -4.981  -6.051  0.182   1.00 9.57  ? 48  ILE A O     1 
ATOM   337  C CB    . ILE A 1 48  ? -4.490  -7.652  -2.461  1.00 5.13  ? 48  ILE A CB    1 
ATOM   338  C CG1   . ILE A 1 48  ? -4.419  -8.988  -3.205  1.00 7.48  ? 48  ILE A CG1   1 
ATOM   339  C CG2   . ILE A 1 48  ? -3.837  -6.499  -3.303  1.00 6.58  ? 48  ILE A CG2   1 
ATOM   340  C CD1   . ILE A 1 48  ? -2.989  -9.594  -3.350  1.00 9.44  ? 48  ILE A CD1   1 
ATOM   341  N N     . VAL A 1 49  ? -2.795  -5.713  -0.303  1.00 6.31  ? 49  VAL A N     1 
ATOM   342  C CA    . VAL A 1 49  ? -2.743  -4.414  0.393   1.00 6.34  ? 49  VAL A CA    1 
ATOM   343  C C     . VAL A 1 49  ? -2.852  -3.299  -0.626  1.00 8.12  ? 49  VAL A C     1 
ATOM   344  O O     . VAL A 1 49  ? -2.001  -3.189  -1.518  1.00 9.00  ? 49  VAL A O     1 
ATOM   345  C CB    . VAL A 1 49  ? -1.364  -4.236  1.135   1.00 6.14  ? 49  VAL A CB    1 
ATOM   346  C CG1   . VAL A 1 49  ? -1.305  -2.899  1.917   1.00 9.56  ? 49  VAL A CG1   1 
ATOM   347  C CG2   . VAL A 1 49  ? -1.145  -5.419  2.149   1.00 7.19  ? 49  VAL A CG2   1 
ATOM   348  N N     . LYS A 1 50  ? -3.890  -2.468  -0.509  1.00 6.24  ? 50  LYS A N     1 
ATOM   349  C CA    . LYS A 1 50  ? -4.036  -1.318  -1.421  1.00 5.57  ? 50  LYS A CA    1 
ATOM   350  C C     . LYS A 1 50  ? -3.427  -0.133  -0.652  1.00 5.82  ? 50  LYS A C     1 
ATOM   351  O O     . LYS A 1 50  ? -3.824  0.099   0.493   1.00 9.69  ? 50  LYS A O     1 
ATOM   352  C CB    . LYS A 1 50  ? -5.504  -1.041  -1.686  1.00 9.07  ? 50  LYS A CB    1 
ATOM   353  C CG    . LYS A 1 50  ? -6.198  -2.202  -2.386  1.00 11.97 ? 50  LYS A CG    1 
ATOM   354  C CD    . LYS A 1 50  ? -7.660  -1.946  -2.653  1.00 12.85 ? 50  LYS A CD    1 
ATOM   355  C CE    . LYS A 1 50  ? -8.475  -1.847  -1.373  1.00 12.04 ? 50  LYS A CE    1 
ATOM   356  N NZ    . LYS A 1 50  ? -9.925  -1.787  -1.662  1.00 13.67 ? 50  LYS A NZ    1 
ATOM   357  N N     . SER A 1 51  ? -2.471  0.594   -1.246  1.00 6.77  ? 51  SER A N     1 
ATOM   358  C CA    . SER A 1 51  ? -1.847  1.746   -0.552  1.00 3.65  ? 51  SER A CA    1 
ATOM   359  C C     . SER A 1 51  ? -2.527  2.963   -1.155  1.00 7.73  ? 51  SER A C     1 
ATOM   360  O O     . SER A 1 51  ? -2.313  3.306   -2.329  1.00 8.14  ? 51  SER A O     1 
ATOM   361  C CB    . SER A 1 51  ? -0.337  1.788   -0.815  1.00 5.80  ? 51  SER A CB    1 
ATOM   362  O OG    . SER A 1 51  ? 0.301   0.671   -0.205  1.00 9.35  ? 51  SER A OG    1 
ATOM   363  N N     . LEU A 1 52  ? -3.402  3.577   -0.368  1.00 9.11  ? 52  LEU A N     1 
ATOM   364  C CA    . LEU A 1 52  ? -4.193  4.695   -0.827  1.00 8.98  ? 52  LEU A CA    1 
ATOM   365  C C     . LEU A 1 52  ? -3.757  6.005   -0.207  1.00 9.15  ? 52  LEU A C     1 
ATOM   366  O O     . LEU A 1 52  ? -3.577  6.082   1.011   1.00 8.95  ? 52  LEU A O     1 
ATOM   367  C CB    . LEU A 1 52  ? -5.685  4.430   -0.473  1.00 7.14  ? 52  LEU A CB    1 
ATOM   368  C CG    . LEU A 1 52  ? -6.189  3.069   -0.984  1.00 9.42  ? 52  LEU A CG    1 
ATOM   369  C CD1   . LEU A 1 52  ? -7.642  2.893   -0.521  1.00 9.17  ? 52  LEU A CD1   1 
ATOM   370  C CD2   . LEU A 1 52  ? -6.082  2.993   -2.553  1.00 11.58 ? 52  LEU A CD2   1 
ATOM   371  N N     . VAL A 1 53  ? -3.673  7.042   -1.031  1.00 7.37  ? 53  VAL A N     1 
ATOM   372  C CA    . VAL A 1 53  ? -3.212  8.337   -0.533  1.00 7.93  ? 53  VAL A CA    1 
ATOM   373  C C     . VAL A 1 53  ? -4.327  9.359   -0.405  1.00 8.12  ? 53  VAL A C     1 
ATOM   374  O O     . VAL A 1 53  ? -5.097  9.575   -1.331  1.00 9.17  ? 53  VAL A O     1 
ATOM   375  C CB    . VAL A 1 53  ? -2.112  8.908   -1.488  1.00 9.31  ? 53  VAL A CB    1 
ATOM   376  C CG1   . VAL A 1 53  ? -1.618  10.277  -0.985  1.00 9.58  ? 53  VAL A CG1   1 
ATOM   377  C CG2   . VAL A 1 53  ? -0.960  7.876   -1.610  1.00 8.57  ? 53  VAL A CG2   1 
ATOM   378  N N     . PHE A 1 54  ? -4.391  10.013  0.750   1.00 7.31  ? 54  PHE A N     1 
ATOM   379  C CA    . PHE A 1 54  ? -5.426  11.038  0.953   1.00 9.25  ? 54  PHE A CA    1 
ATOM   380  C C     . PHE A 1 54  ? -4.721  12.318  1.355   1.00 11.55 ? 54  PHE A C     1 
ATOM   381  O O     . PHE A 1 54  ? -3.691  12.297  2.032   1.00 11.72 ? 54  PHE A O     1 
ATOM   382  C CB    . PHE A 1 54  ? -6.429  10.588  2.023   1.00 9.15  ? 54  PHE A CB    1 
ATOM   383  C CG    . PHE A 1 54  ? -7.432  9.634   1.494   1.00 10.89 ? 54  PHE A CG    1 
ATOM   384  C CD1   . PHE A 1 54  ? -8.702  10.079  1.122   1.00 10.50 ? 54  PHE A CD1   1 
ATOM   385  C CD2   . PHE A 1 54  ? -7.069  8.319   1.246   1.00 13.38 ? 54  PHE A CD2   1 
ATOM   386  C CE1   . PHE A 1 54  ? -9.598  9.193   0.488   1.00 15.93 ? 54  PHE A CE1   1 
ATOM   387  C CE2   . PHE A 1 54  ? -7.946  7.458   0.627   1.00 14.17 ? 54  PHE A CE2   1 
ATOM   388  C CZ    . PHE A 1 54  ? -9.204  7.898   0.246   1.00 16.25 ? 54  PHE A CZ    1 
ATOM   389  N N     . VAL A 1 55  ? -5.260  13.440  0.896   1.00 8.81  ? 55  VAL A N     1 
ATOM   390  C CA    . VAL A 1 55  ? -4.653  14.726  1.178   1.00 8.72  ? 55  VAL A CA    1 
ATOM   391  C C     . VAL A 1 55  ? -5.439  15.424  2.287   1.00 11.20 ? 55  VAL A C     1 
ATOM   392  O O     . VAL A 1 55  ? -6.644  15.526  2.181   1.00 11.89 ? 55  VAL A O     1 
ATOM   393  C CB    . VAL A 1 55  ? -4.661  15.555  -0.092  1.00 14.01 ? 55  VAL A CB    1 
ATOM   394  C CG1   . VAL A 1 55  ? -4.120  16.958  0.200   1.00 12.89 ? 55  VAL A CG1   1 
ATOM   395  C CG2   . VAL A 1 55  ? -3.815  14.850  -1.200  1.00 15.38 ? 55  VAL A CG2   1 
ATOM   396  N N     . GLY A 1 56  ? -4.736  15.866  3.336   1.00 9.28  ? 56  GLY A N     1 
ATOM   397  C CA    . GLY A 1 56  ? -5.316  16.548  4.489   1.00 11.86 ? 56  GLY A CA    1 
ATOM   398  C C     . GLY A 1 56  ? -4.875  18.011  4.529   1.00 17.28 ? 56  GLY A C     1 
ATOM   399  O O     . GLY A 1 56  ? -4.239  18.480  3.596   1.00 15.04 ? 56  GLY A O     1 
ATOM   400  N N     . GLU A 1 57  ? -5.212  18.725  5.608   1.00 18.92 ? 57  GLU A N     1 
ATOM   401  C CA    . GLU A 1 57  ? -4.872  20.146  5.705   1.00 23.65 ? 57  GLU A CA    1 
ATOM   402  C C     . GLU A 1 57  ? -3.378  20.401  5.883   1.00 22.34 ? 57  GLU A C     1 
ATOM   403  O O     . GLU A 1 57  ? -2.835  21.301  5.244   1.00 22.49 ? 57  GLU A O     1 
ATOM   404  C CB    . GLU A 1 57  ? -5.625  20.811  6.869   1.00 28.32 ? 57  GLU A CB    1 
ATOM   405  C CG    . GLU A 1 57  ? -7.139  20.931  6.699   1.00 39.73 ? 57  GLU A CG    1 
ATOM   406  C CD    . GLU A 1 57  ? -7.583  21.666  5.423   1.00 45.09 ? 57  GLU A CD    1 
ATOM   407  O OE1   . GLU A 1 57  ? -6.884  22.619  4.961   1.00 50.75 ? 57  GLU A OE1   1 
ATOM   408  O OE2   . GLU A 1 57  ? -8.666  21.306  4.882   1.00 49.34 ? 57  GLU A OE2   1 
ATOM   409  N N     . LYS A 1 58  ? -2.734  19.580  6.724   1.00 22.28 ? 58  LYS A N     1 
ATOM   410  C CA    . LYS A 1 58  ? -1.310  19.720  7.054   1.00 21.54 ? 58  LYS A CA    1 
ATOM   411  C C     . LYS A 1 58  ? -0.361  18.826  6.246   1.00 23.78 ? 58  LYS A C     1 
ATOM   412  O O     . LYS A 1 58  ? 0.878   18.982  6.334   1.00 26.91 ? 58  LYS A O     1 
ATOM   413  C CB    . LYS A 1 58  ? -1.090  19.411  8.545   1.00 25.14 ? 58  LYS A CB    1 
ATOM   414  C CG    . LYS A 1 58  ? -1.859  20.260  9.560   1.00 33.46 ? 58  LYS A CG    1 
ATOM   415  C CD    . LYS A 1 58  ? -1.390  21.713  9.533   1.00 28.68 ? 58  LYS A CD    1 
ATOM   416  C CE    . LYS A 1 58  ? -2.174  22.595  10.477  1.00 26.28 ? 58  LYS A CE    1 
ATOM   417  N NZ    . LYS A 1 58  ? -1.851  23.998  10.088  1.00 27.82 ? 58  LYS A NZ    1 
ATOM   418  N N     . GLY A 1 59  ? -0.905  17.903  5.456   1.00 16.91 ? 59  GLY A N     1 
ATOM   419  C CA    . GLY A 1 59  ? -0.030  17.013  4.718   1.00 16.03 ? 59  GLY A CA    1 
ATOM   420  C C     . GLY A 1 59  ? -0.844  15.876  4.156   1.00 16.55 ? 59  GLY A C     1 
ATOM   421  O O     . GLY A 1 59  ? -2.073  15.956  4.143   1.00 13.98 ? 59  GLY A O     1 
ATOM   422  N N     . ALA A 1 60  ? -0.166  14.838  3.685   1.00 11.98 ? 60  ALA A N     1 
ATOM   423  C CA    . ALA A 1 60  ? -0.860  13.685  3.116   1.00 10.91 ? 60  ALA A CA    1 
ATOM   424  C C     . ALA A 1 60  ? -0.749  12.459  4.038   1.00 8.55  ? 60  ALA A C     1 
ATOM   425  O O     . ALA A 1 60  ? 0.139   12.396  4.904   1.00 9.14  ? 60  ALA A O     1 
ATOM   426  C CB    . ALA A 1 60  ? -0.285  13.388  1.709   1.00 12.23 ? 60  ALA A CB    1 
ATOM   427  N N     . TYR A 1 61  ? -1.679  11.509  3.838   1.00 6.93  ? 61  TYR A N     1 
ATOM   428  C CA    . TYR A 1 61  ? -1.788  10.305  4.662   1.00 7.18  ? 61  TYR A CA    1 
ATOM   429  C C     . TYR A 1 61  ? -1.880  9.062   3.816   1.00 6.27  ? 61  TYR A C     1 
ATOM   430  O O     . TYR A 1 61  ? -2.428  9.083   2.709   1.00 9.93  ? 61  TYR A O     1 
ATOM   431  C CB    . TYR A 1 61  ? -3.022  10.444  5.565   1.00 6.85  ? 61  TYR A CB    1 
ATOM   432  C CG    . TYR A 1 61  ? -2.878  11.638  6.474   1.00 8.55  ? 61  TYR A CG    1 
ATOM   433  C CD1   . TYR A 1 61  ? -2.258  11.506  7.710   1.00 8.28  ? 61  TYR A CD1   1 
ATOM   434  C CD2   . TYR A 1 61  ? -3.300  12.909  6.064   1.00 11.01 ? 61  TYR A CD2   1 
ATOM   435  C CE1   . TYR A 1 61  ? -2.050  12.626  8.533   1.00 11.09 ? 61  TYR A CE1   1 
ATOM   436  C CE2   . TYR A 1 61  ? -3.089  14.045  6.881   1.00 11.77 ? 61  TYR A CE2   1 
ATOM   437  C CZ    . TYR A 1 61  ? -2.467  13.885  8.101   1.00 14.46 ? 61  TYR A CZ    1 
ATOM   438  O OH    . TYR A 1 61  ? -2.255  15.003  8.901   1.00 16.28 ? 61  TYR A OH    1 
ATOM   439  N N     . LEU A 1 62  ? -1.327  7.976   4.349   1.00 6.73  ? 62  LEU A N     1 
ATOM   440  C CA    . LEU A 1 62  ? -1.326  6.695   3.655   1.00 7.20  ? 62  LEU A CA    1 
ATOM   441  C C     . LEU A 1 62  ? -2.264  5.712   4.369   1.00 6.33  ? 62  LEU A C     1 
ATOM   442  O O     . LEU A 1 62  ? -2.154  5.492   5.595   1.00 6.93  ? 62  LEU A O     1 
ATOM   443  C CB    . LEU A 1 62  ? 0.116   6.145   3.652   1.00 7.24  ? 62  LEU A CB    1 
ATOM   444  C CG    . LEU A 1 62  ? 0.273   4.713   3.137   1.00 9.26  ? 62  LEU A CG    1 
ATOM   445  C CD1   . LEU A 1 62  ? -0.081  4.651   1.636   1.00 14.57 ? 62  LEU A CD1   1 
ATOM   446  C CD2   . LEU A 1 62  ? 1.735   4.287   3.290   1.00 9.96  ? 62  LEU A CD2   1 
ATOM   447  N N     . PHE A 1 63  ? -3.216  5.150   3.614   1.00 6.98  ? 63  PHE A N     1 
ATOM   448  C CA    . PHE A 1 63  ? -4.141  4.167   4.185   1.00 7.10  ? 63  PHE A CA    1 
ATOM   449  C C     . PHE A 1 63  ? -3.878  2.835   3.513   1.00 7.81  ? 63  PHE A C     1 
ATOM   450  O O     . PHE A 1 63  ? -3.997  2.724   2.316   1.00 9.08  ? 63  PHE A O     1 
ATOM   451  C CB    . PHE A 1 63  ? -5.592  4.657   3.992   1.00 8.44  ? 63  PHE A CB    1 
ATOM   452  C CG    . PHE A 1 63  ? -5.935  5.819   4.877   1.00 8.45  ? 63  PHE A CG    1 
ATOM   453  C CD1   . PHE A 1 63  ? -6.511  5.596   6.123   1.00 6.26  ? 63  PHE A CD1   1 
ATOM   454  C CD2   . PHE A 1 63  ? -5.613  7.125   4.500   1.00 10.44 ? 63  PHE A CD2   1 
ATOM   455  C CE1   . PHE A 1 63  ? -6.765  6.644   6.985   1.00 6.40  ? 63  PHE A CE1   1 
ATOM   456  C CE2   . PHE A 1 63  ? -5.869  8.192   5.379   1.00 8.91  ? 63  PHE A CE2   1 
ATOM   457  C CZ    . PHE A 1 63  ? -6.438  7.942   6.605   1.00 7.15  ? 63  PHE A CZ    1 
ATOM   458  N N     . LEU A 1 64  ? -3.509  1.828   4.294   1.00 6.86  ? 64  LEU A N     1 
ATOM   459  C CA    . LEU A 1 64  ? -3.197  0.506   3.753   1.00 6.69  ? 64  LEU A CA    1 
ATOM   460  C C     . LEU A 1 64  ? -4.465  -0.303  3.965   1.00 6.05  ? 64  LEU A C     1 
ATOM   461  O O     . LEU A 1 64  ? -4.812  -0.677  5.109   1.00 6.22  ? 64  LEU A O     1 
ATOM   462  C CB    . LEU A 1 64  ? -2.032  -0.048  4.558   1.00 7.22  ? 64  LEU A CB    1 
ATOM   463  C CG    . LEU A 1 64  ? -0.796  0.872   4.585   1.00 7.30  ? 64  LEU A CG    1 
ATOM   464  C CD1   . LEU A 1 64  ? 0.279   0.429   5.589   1.00 11.72 ? 64  LEU A CD1   1 
ATOM   465  C CD2   . LEU A 1 64  ? -0.209  0.902   3.198   1.00 7.26  ? 64  LEU A CD2   1 
ATOM   466  N N     . VAL A 1 65  ? -5.153  -0.606  2.870   1.00 4.98  ? 65  VAL A N     1 
ATOM   467  C CA    . VAL A 1 65  ? -6.469  -1.257  2.970   1.00 5.55  ? 65  VAL A CA    1 
ATOM   468  C C     . VAL A 1 65  ? -6.489  -2.647  2.363   1.00 5.59  ? 65  VAL A C     1 
ATOM   469  O O     . VAL A 1 65  ? -5.917  -2.874  1.293   1.00 6.67  ? 65  VAL A O     1 
ATOM   470  C CB    . VAL A 1 65  ? -7.464  -0.342  2.228   1.00 5.84  ? 65  VAL A CB    1 
ATOM   471  C CG1   . VAL A 1 65  ? -8.907  -0.916  2.295   1.00 6.42  ? 65  VAL A CG1   1 
ATOM   472  C CG2   . VAL A 1 65  ? -7.388  1.091   2.853   1.00 10.57 ? 65  VAL A CG2   1 
ATOM   473  N N     . SER A 1 66  ? -7.196  -3.556  3.024   1.00 6.41  ? 66  SER A N     1 
ATOM   474  C CA    . SER A 1 66  ? -7.311  -4.937  2.502   1.00 7.62  ? 66  SER A CA    1 
ATOM   475  C C     . SER A 1 66  ? -8.147  -4.913  1.219   1.00 7.83  ? 66  SER A C     1 
ATOM   476  O O     . SER A 1 66  ? -9.136  -4.188  1.086   1.00 7.34  ? 66  SER A O     1 
ATOM   477  C CB    . SER A 1 66  ? -8.020  -5.811  3.551   1.00 8.87  ? 66  SER A CB    1 
ATOM   478  O OG    . SER A 1 66  ? -8.395  -7.074  3.012   1.00 8.74  ? 66  SER A OG    1 
ATOM   479  N N     . GLY A 1 67  ? -7.718  -5.739  0.269   1.00 7.00  ? 67  GLY A N     1 
ATOM   480  C CA    . GLY A 1 67  ? -8.398  -5.837  -1.002  1.00 7.53  ? 67  GLY A CA    1 
ATOM   481  C C     . GLY A 1 67  ? -9.859  -6.241  -0.912  1.00 6.29  ? 67  GLY A C     1 
ATOM   482  O O     . GLY A 1 67  ? -10.577 -6.078  -1.909  1.00 10.73 ? 67  GLY A O     1 
ATOM   483  N N     . LYS A 1 68  ? -10.297 -6.798  0.217   1.00 5.35  ? 68  LYS A N     1 
ATOM   484  C CA    . LYS A 1 68  ? -11.713 -7.176  0.341   1.00 7.91  ? 68  LYS A CA    1 
ATOM   485  C C     . LYS A 1 68  ? -12.555 -6.025  0.908   1.00 7.63  ? 68  LYS A C     1 
ATOM   486  O O     . LYS A 1 68  ? -13.804 -6.151  0.967   1.00 9.81  ? 68  LYS A O     1 
ATOM   487  C CB    . LYS A 1 68  ? -11.870 -8.412  1.266   1.00 8.14  ? 68  LYS A CB    1 
ATOM   488  C CG    . LYS A 1 68  ? -11.488 -8.153  2.716   1.00 7.97  ? 68  LYS A CG    1 
ATOM   489  C CD    . LYS A 1 68  ? -11.574 -9.457  3.565   1.00 12.63 ? 68  LYS A CD    1 
ATOM   490  C CE    . LYS A 1 68  ? -10.992 -9.227  4.962   1.00 14.75 ? 68  LYS A CE    1 
ATOM   491  N NZ    . LYS A 1 68  ? -11.134 -10.446 5.839   1.00 16.23 ? 68  LYS A NZ    1 
ATOM   492  N N     . ASN A 1 69  ? -11.918 -4.910  1.277   1.00 7.34  ? 69  ASN A N     1 
ATOM   493  C CA    . ASN A 1 69  ? -12.598 -3.774  1.911   1.00 6.71  ? 69  ASN A CA    1 
ATOM   494  C C     . ASN A 1 69  ? -12.521 -2.492  1.122   1.00 7.52  ? 69  ASN A C     1 
ATOM   495  O O     . ASN A 1 69  ? -11.643 -2.345  0.275   1.00 12.76 ? 69  ASN A O     1 
ATOM   496  C CB    . ASN A 1 69  ? -11.979 -3.485  3.288   1.00 6.28  ? 69  ASN A CB    1 
ATOM   497  C CG    . ASN A 1 69  ? -12.181 -4.626  4.276   1.00 8.48  ? 69  ASN A CG    1 
ATOM   498  O OD1   . ASN A 1 69  ? -13.152 -5.371  4.163   1.00 7.34  ? 69  ASN A OD1   1 
ATOM   499  N ND2   . ASN A 1 69  ? -11.280 -4.754  5.265   1.00 8.33  ? 69  ASN A ND2   1 
ATOM   500  N N     . ARG A 1 70  ? -13.461 -1.593  1.413   1.00 5.34  ? 70  ARG A N     1 
ATOM   501  C CA    . ARG A 1 70  ? -13.526 -0.265  0.790   1.00 7.59  ? 70  ARG A CA    1 
ATOM   502  C C     . ARG A 1 70  ? -13.186 0.720   1.886   1.00 6.12  ? 70  ARG A C     1 
ATOM   503  O O     . ARG A 1 70  ? -13.761 0.631   2.973   1.00 8.71  ? 70  ARG A O     1 
ATOM   504  C CB    . ARG A 1 70  ? -14.958 -0.028  0.250   1.00 9.84  ? 70  ARG A CB    1 
ATOM   505  C CG    . ARG A 1 70  ? -15.277 1.351   -0.307  1.00 11.36 ? 70  ARG A CG    1 
ATOM   506  C CD    . ARG A 1 70  ? -14.565 1.582   -1.623  1.00 12.01 ? 70  ARG A CD    1 
ATOM   507  N NE    . ARG A 1 70  ? -14.739 2.956   -2.106  1.00 11.24 ? 70  ARG A NE    1 
ATOM   508  C CZ    . ARG A 1 70  ? -15.703 3.325   -2.954  1.00 10.23 ? 70  ARG A CZ    1 
ATOM   509  N NH1   . ARG A 1 70  ? -16.604 2.445   -3.404  1.00 8.71  ? 70  ARG A NH1   1 
ATOM   510  N NH2   . ARG A 1 70  ? -15.680 4.569   -3.449  1.00 9.41  ? 70  ARG A NH2   1 
ATOM   511  N N     . LEU A 1 71  ? -12.270 1.671   1.617   1.00 6.33  ? 71  LEU A N     1 
ATOM   512  C CA    . LEU A 1 71  ? -11.899 2.663   2.663   1.00 5.89  ? 71  LEU A CA    1 
ATOM   513  C C     . LEU A 1 71  ? -13.081 3.563   2.963   1.00 7.77  ? 71  LEU A C     1 
ATOM   514  O O     . LEU A 1 71  ? -13.714 4.095   2.008   1.00 6.84  ? 71  LEU A O     1 
ATOM   515  C CB    . LEU A 1 71  ? -10.730 3.526   2.183   1.00 9.15  ? 71  LEU A CB    1 
ATOM   516  C CG    . LEU A 1 71  ? -10.207 4.599   3.154   1.00 12.07 ? 71  LEU A CG    1 
ATOM   517  C CD1   . LEU A 1 71  ? -9.656  3.983   4.392   1.00 9.76  ? 71  LEU A CD1   1 
ATOM   518  C CD2   . LEU A 1 71  ? -9.102  5.357   2.519   1.00 17.04 ? 71  LEU A CD2   1 
ATOM   519  N N     . ASP A 1 72  ? -13.417 3.706   4.262   1.00 6.45  ? 72  ASP A N     1 
ATOM   520  C CA    . ASP A 1 72  ? -14.514 4.581   4.686   1.00 6.48  ? 72  ASP A CA    1 
ATOM   521  C C     . ASP A 1 72  ? -13.947 5.969   4.919   1.00 6.98  ? 72  ASP A C     1 
ATOM   522  O O     . ASP A 1 72  ? -13.195 6.148   5.852   1.00 8.93  ? 72  ASP A O     1 
ATOM   523  C CB    . ASP A 1 72  ? -15.101 4.030   5.994   1.00 9.31  ? 72  ASP A CB    1 
ATOM   524  C CG    . ASP A 1 72  ? -16.376 4.720   6.368   1.00 10.65 ? 72  ASP A CG    1 
ATOM   525  O OD1   . ASP A 1 72  ? -16.335 5.890   6.789   1.00 9.31  ? 72  ASP A OD1   1 
ATOM   526  O OD2   . ASP A 1 72  ? -17.444 4.078   6.216   1.00 14.26 ? 72  ASP A OD2   1 
ATOM   527  N N     . LEU A 1 73  ? -14.288 6.940   4.047   1.00 5.82  ? 73  LEU A N     1 
ATOM   528  C CA    . LEU A 1 73  ? -13.740 8.275   4.199   1.00 7.82  ? 73  LEU A CA    1 
ATOM   529  C C     . LEU A 1 73  ? -14.127 8.925   5.521   1.00 7.57  ? 73  LEU A C     1 
ATOM   530  O O     . LEU A 1 73  ? -13.308 9.625   6.127   1.00 8.19  ? 73  LEU A O     1 
ATOM   531  C CB    . LEU A 1 73  ? -14.127 9.157   3.006   1.00 7.97  ? 73  LEU A CB    1 
ATOM   532  C CG    . LEU A 1 73  ? -13.555 10.566  3.019   1.00 10.41 ? 73  LEU A CG    1 
ATOM   533  C CD1   . LEU A 1 73  ? -12.023 10.528  3.108   1.00 10.59 ? 73  LEU A CD1   1 
ATOM   534  C CD2   . LEU A 1 73  ? -14.032 11.268  1.739   1.00 12.15 ? 73  LEU A CD2   1 
ATOM   535  N N     . GLY A 1 74  ? -15.341 8.646   5.987   1.00 5.57  ? 74  GLY A N     1 
ATOM   536  C CA    . GLY A 1 74  ? -15.737 9.189   7.262   1.00 5.71  ? 74  GLY A CA    1 
ATOM   537  C C     . GLY A 1 74  ? -14.832 8.692   8.387   1.00 6.97  ? 74  GLY A C     1 
ATOM   538  O O     . GLY A 1 74  ? -14.355 9.501   9.204   1.00 8.71  ? 74  GLY A O     1 
ATOM   539  N N     . LYS A 1 75  ? -14.583 7.388   8.441   1.00 8.13  ? 75  LYS A N     1 
ATOM   540  C CA    . LYS A 1 75  ? -13.707 6.851   9.472   1.00 7.47  ? 75  LYS A CA    1 
ATOM   541  C C     . LYS A 1 75  ? -12.300 7.431   9.340   1.00 7.66  ? 75  LYS A C     1 
ATOM   542  O O     . LYS A 1 75  ? -11.664 7.752   10.330  1.00 8.32  ? 75  LYS A O     1 
ATOM   543  C CB    . LYS A 1 75  ? -13.576 5.316   9.395   1.00 5.06  ? 75  LYS A CB    1 
ATOM   544  C CG    . LYS A 1 75  ? -14.884 4.651   9.731   1.00 7.97  ? 75  LYS A CG    1 
ATOM   545  C CD    . LYS A 1 75  ? -14.799 3.133   9.757   1.00 7.61  ? 75  LYS A CD    1 
ATOM   546  C CE    . LYS A 1 75  ? -16.167 2.524   10.019  1.00 6.95  ? 75  LYS A CE    1 
ATOM   547  N NZ    . LYS A 1 75  ? -16.051 1.016   9.911   1.00 7.21  ? 75  LYS A NZ    1 
ATOM   548  N N     . ALA A 1 76  ? -11.796 7.528   8.106   1.00 6.31  ? 76  ALA A N     1 
ATOM   549  C CA    . ALA A 1 76  ? -10.455 8.062   7.904   1.00 7.43  ? 76  ALA A CA    1 
ATOM   550  C C     . ALA A 1 76  ? -10.334 9.496   8.400   1.00 9.21  ? 76  ALA A C     1 
ATOM   551  O O     . ALA A 1 76  ? -9.328  9.852   9.045   1.00 8.74  ? 76  ALA A O     1 
ATOM   552  C CB    . ALA A 1 76  ? -10.084 7.971   6.415   1.00 6.66  ? 76  ALA A CB    1 
ATOM   553  N N     . THR A 1 77  ? -11.349 10.308  8.068   1.00 8.64  ? 77  THR A N     1 
ATOM   554  C CA    . THR A 1 77  ? -11.419 11.696  8.484   1.00 7.90  ? 77  THR A CA    1 
ATOM   555  C C     . THR A 1 77  ? -11.402 11.826  10.009  1.00 9.75  ? 77  THR A C     1 
ATOM   556  O O     . THR A 1 77  ? -10.675 12.667  10.552  1.00 8.77  ? 77  THR A O     1 
ATOM   557  C CB    . THR A 1 77  ? -12.648 12.323  7.893   1.00 8.40  ? 77  THR A CB    1 
ATOM   558  O OG1   . THR A 1 77  ? -12.509 12.280  6.467   1.00 10.59 ? 77  THR A OG1   1 
ATOM   559  C CG2   . THR A 1 77  ? -12.811 13.768  8.354   1.00 9.69  ? 77  THR A CG2   1 
ATOM   560  N N     . ARG A 1 78  ? -12.145 10.978  10.704  1.00 9.00  ? 78  ARG A N     1 
ATOM   561  C CA    . ARG A 1 78  ? -12.132 11.054  12.175  1.00 7.16  ? 78  ARG A CA    1 
ATOM   562  C C     . ARG A 1 78  ? -10.767 10.655  12.739  1.00 8.89  ? 78  ARG A C     1 
ATOM   563  O O     . ARG A 1 78  ? -10.257 11.283  13.688  1.00 10.79 ? 78  ARG A O     1 
ATOM   564  C CB    . ARG A 1 78  ? -13.224 10.181  12.764  1.00 8.58  ? 78  ARG A CB    1 
ATOM   565  C CG    . ARG A 1 78  ? -13.262 10.218  14.292  1.00 12.61 ? 78  ARG A CG    1 
ATOM   566  C CD    . ARG A 1 78  ? -14.362 9.342   14.833  1.00 15.48 ? 78  ARG A CD    1 
ATOM   567  N NE    . ARG A 1 78  ? -15.622 10.087  14.734  1.00 19.07 ? 78  ARG A NE    1 
ATOM   568  C CZ    . ARG A 1 78  ? -16.800 9.657   15.192  1.00 25.74 ? 78  ARG A CZ    1 
ATOM   569  N NH1   . ARG A 1 78  ? -16.896 8.473   15.783  1.00 23.42 ? 78  ARG A NH1   1 
ATOM   570  N NH2   . ARG A 1 78  ? -17.875 10.434  15.066  1.00 23.41 ? 78  ARG A NH2   1 
ATOM   571  N N     . LEU A 1 79  ? -10.152 9.633   12.150  1.00 8.46  ? 79  LEU A N     1 
ATOM   572  C CA    . LEU A 1 79  ? -8.820  9.208   12.607  1.00 9.31  ? 79  LEU A CA    1 
ATOM   573  C C     . LEU A 1 79  ? -7.763  10.305  12.477  1.00 9.73  ? 79  LEU A C     1 
ATOM   574  O O     . LEU A 1 79  ? -7.012  10.553  13.419  1.00 9.72  ? 79  LEU A O     1 
ATOM   575  C CB    . LEU A 1 79  ? -8.356  7.971   11.846  1.00 8.51  ? 79  LEU A CB    1 
ATOM   576  C CG    . LEU A 1 79  ? -9.106  6.659   12.185  1.00 12.24 ? 79  LEU A CG    1 
ATOM   577  C CD1   . LEU A 1 79  ? -8.897  5.591   11.107  1.00 10.58 ? 79  LEU A CD1   1 
ATOM   578  C CD2   . LEU A 1 79  ? -8.631  6.135   13.501  1.00 12.35 ? 79  LEU A CD2   1 
ATOM   579  N N     . VAL A 1 80  ? -7.704  10.939  11.309  1.00 10.90 ? 80  VAL A N     1 
ATOM   580  C CA    . VAL A 1 80  ? -6.703  11.995  11.061  1.00 9.98  ? 80  VAL A CA    1 
ATOM   581  C C     . VAL A 1 80  ? -7.041  13.227  11.879  1.00 13.02 ? 80  VAL A C     1 
ATOM   582  O O     . VAL A 1 80  ? -6.141  13.903  12.397  1.00 13.36 ? 80  VAL A O     1 
ATOM   583  C CB    . VAL A 1 80  ? -6.654  12.339  9.574   1.00 10.43 ? 80  VAL A CB    1 
ATOM   584  C CG1   . VAL A 1 80  ? -5.790  13.585  9.355   1.00 13.01 ? 80  VAL A CG1   1 
ATOM   585  C CG2   . VAL A 1 80  ? -6.052  11.144  8.816   1.00 12.95 ? 80  VAL A CG2   1 
ATOM   586  N N     . GLY A 1 81  ? -8.337  13.464  12.049  1.00 12.33 ? 81  GLY A N     1 
ATOM   587  C CA    . GLY A 1 81  ? -8.787  14.589  12.836  1.00 11.53 ? 81  GLY A CA    1 
ATOM   588  C C     . GLY A 1 81  ? -8.953  15.861  12.078  1.00 15.58 ? 81  GLY A C     1 
ATOM   589  O O     . GLY A 1 81  ? -8.943  16.947  12.695  1.00 17.51 ? 81  GLY A O     1 
ATOM   590  N N     . GLY A 1 82  ? -9.092  15.766  10.761  1.00 12.17 ? 82  GLY A N     1 
ATOM   591  C CA    . GLY A 1 82  ? -9.306  16.958  9.948   1.00 14.38 ? 82  GLY A CA    1 
ATOM   592  C C     . GLY A 1 82  ? -9.812  16.483  8.605   1.00 13.89 ? 82  GLY A C     1 
ATOM   593  O O     . GLY A 1 82  ? -9.802  15.284  8.344   1.00 13.85 ? 82  GLY A O     1 
ATOM   594  N N     . PRO A 1 83  ? -10.229 17.381  7.714   1.00 12.81 ? 83  PRO A N     1 
ATOM   595  C CA    . PRO A 1 83  ? -10.729 16.943  6.404   1.00 14.04 ? 83  PRO A CA    1 
ATOM   596  C C     . PRO A 1 83  ? -9.699  16.210  5.567   1.00 13.67 ? 83  PRO A C     1 
ATOM   597  O O     . PRO A 1 83  ? -8.479  16.426  5.688   1.00 12.16 ? 83  PRO A O     1 
ATOM   598  C CB    . PRO A 1 83  ? -11.181 18.236  5.734   1.00 17.33 ? 83  PRO A CB    1 
ATOM   599  C CG    . PRO A 1 83  ? -10.317 19.229  6.356   1.00 24.54 ? 83  PRO A CG    1 
ATOM   600  C CD    . PRO A 1 83  ? -10.214 18.838  7.822   1.00 18.45 ? 83  PRO A CD    1 
ATOM   601  N N     . LEU A 1 84  ? -10.224 15.322  4.738   1.00 11.45 ? 84  LEU A N     1 
ATOM   602  C CA    . LEU A 1 84  ? -9.398  14.499  3.854   1.00 12.52 ? 84  LEU A CA    1 
ATOM   603  C C     . LEU A 1 84  ? -10.099 14.354  2.522   1.00 14.28 ? 84  LEU A C     1 
ATOM   604  O O     . LEU A 1 84  ? -11.342 14.348  2.468   1.00 12.47 ? 84  LEU A O     1 
ATOM   605  C CB    . LEU A 1 84  ? -9.232  13.070  4.397   1.00 12.80 ? 84  LEU A CB    1 
ATOM   606  C CG    . LEU A 1 84  ? -8.353  12.765  5.584   1.00 13.35 ? 84  LEU A CG    1 
ATOM   607  C CD1   . LEU A 1 84  ? -8.494  11.263  5.922   1.00 11.93 ? 84  LEU A CD1   1 
ATOM   608  C CD2   . LEU A 1 84  ? -6.911  13.122  5.219   1.00 13.59 ? 84  LEU A CD2   1 
ATOM   609  N N     . ARG A 1 85  ? -9.307  14.310  1.452   1.00 12.51 ? 85  ARG A N     1 
ATOM   610  C CA    . ARG A 1 85  ? -9.855  14.033  0.123   1.00 15.26 ? 85  ARG A CA    1 
ATOM   611  C C     . ARG A 1 85  ? -8.899  13.072  -0.571  1.00 11.86 ? 85  ARG A C     1 
ATOM   612  O O     . ARG A 1 85  ? -7.672  13.066  -0.339  1.00 13.50 ? 85  ARG A O     1 
ATOM   613  C CB    . ARG A 1 85  ? -10.040 15.268  -0.725  1.00 18.60 ? 85  ARG A CB    1 
ATOM   614  C CG    . ARG A 1 85  ? -8.833  15.986  -1.049  1.00 23.59 ? 85  ARG A CG    1 
ATOM   615  C CD    . ARG A 1 85  ? -9.184  17.155  -1.993  1.00 27.19 ? 85  ARG A CD    1 
ATOM   616  N NE    . ARG A 1 85  ? -7.972  17.925  -2.108  1.00 27.72 ? 85  ARG A NE    1 
ATOM   617  C CZ    . ARG A 1 85  ? -6.959  17.558  -2.874  1.00 23.80 ? 85  ARG A CZ    1 
ATOM   618  N NH1   . ARG A 1 85  ? -7.077  16.456  -3.608  1.00 22.53 ? 85  ARG A NH1   1 
ATOM   619  N NH2   . ARG A 1 85  ? -5.809  18.209  -2.804  1.00 24.72 ? 85  ARG A NH2   1 
ATOM   620  N N     . GLN A 1 86  ? -9.484  12.257  -1.428  1.00 11.83 ? 86  GLN A N     1 
ATOM   621  C CA    . GLN A 1 86  ? -8.725  11.275  -2.191  1.00 11.68 ? 86  GLN A CA    1 
ATOM   622  C C     . GLN A 1 86  ? -7.720  12.003  -3.099  1.00 13.39 ? 86  GLN A C     1 
ATOM   623  O O     . GLN A 1 86  ? -8.073  12.962  -3.802  1.00 12.01 ? 86  GLN A O     1 
ATOM   624  C CB    . GLN A 1 86  ? -9.725  10.473  -3.038  1.00 12.13 ? 86  GLN A CB    1 
ATOM   625  C CG    . GLN A 1 86  ? -9.109  9.414   -3.916  1.00 15.35 ? 86  GLN A CG    1 
ATOM   626  C CD    . GLN A 1 86  ? -10.149 8.821   -4.898  1.00 22.07 ? 86  GLN A CD    1 
ATOM   627  O OE1   . GLN A 1 86  ? -10.671 9.516   -5.776  1.00 25.92 ? 86  GLN A OE1   1 
ATOM   628  N NE2   . GLN A 1 86  ? -10.442 7.548   -4.743  1.00 20.91 ? 86  GLN A NE2   1 
ATOM   629  N N     . ALA A 1 87  ? -6.466  11.563  -3.107  1.00 10.70 ? 87  ALA A N     1 
ATOM   630  C CA    . ALA A 1 87  ? -5.468  12.208  -3.977  1.00 10.75 ? 87  ALA A CA    1 
ATOM   631  C C     . ALA A 1 87  ? -5.790  11.917  -5.446  1.00 10.34 ? 87  ALA A C     1 
ATOM   632  O O     . ALA A 1 87  ? -6.209  10.814  -5.778  1.00 11.11 ? 87  ALA A O     1 
ATOM   633  C CB    . ALA A 1 87  ? -4.043  11.675  -3.652  1.00 9.42  ? 87  ALA A CB    1 
ATOM   634  N N     . THR A 1 88  ? -5.625  12.919  -6.307  1.00 11.47 ? 88  THR A N     1 
ATOM   635  C CA    . THR A 1 88  ? -5.863  12.701  -7.740  1.00 15.88 ? 88  THR A CA    1 
ATOM   636  C C     . THR A 1 88  ? -4.666  11.917  -8.270  1.00 12.69 ? 88  THR A C     1 
ATOM   637  O O     . THR A 1 88  ? -3.641  11.823  -7.611  1.00 11.15 ? 88  THR A O     1 
ATOM   638  C CB    . THR A 1 88  ? -5.893  14.014  -8.509  1.00 11.49 ? 88  THR A CB    1 
ATOM   639  O OG1   . THR A 1 88  ? -4.650  14.677  -8.330  1.00 14.89 ? 88  THR A OG1   1 
ATOM   640  C CG2   . THR A 1 88  ? -7.035  14.914  -7.991  1.00 15.35 ? 88  THR A CG2   1 
ATOM   641  N N     . PRO A 1 89  ? -4.785  11.350  -9.474  1.00 15.08 ? 89  PRO A N     1 
ATOM   642  C CA    . PRO A 1 89  ? -3.618  10.612  -9.971  1.00 17.41 ? 89  PRO A CA    1 
ATOM   643  C C     . PRO A 1 89  ? -2.388  11.491  -10.021 1.00 16.03 ? 89  PRO A C     1 
ATOM   644  O O     . PRO A 1 89  ? -1.285  11.028  -9.773  1.00 17.24 ? 89  PRO A O     1 
ATOM   645  C CB    . PRO A 1 89  ? -4.067  10.143  -11.366 1.00 18.52 ? 89  PRO A CB    1 
ATOM   646  C CG    . PRO A 1 89  ? -5.530  9.877   -11.154 1.00 15.94 ? 89  PRO A CG    1 
ATOM   647  C CD    . PRO A 1 89  ? -5.979  11.088  -10.298 1.00 19.11 ? 89  PRO A CD    1 
ATOM   648  N N     . GLU A 1 90  ? -2.563  12.758  -10.374 1.00 17.93 ? 90  GLU A N     1 
ATOM   649  C CA    . GLU A 1 90  ? -1.457  13.692  -10.424 1.00 19.04 ? 90  GLU A CA    1 
ATOM   650  C C     . GLU A 1 90  ? -0.841  13.907  -9.025  1.00 19.07 ? 90  GLU A C     1 
ATOM   651  O O     . GLU A 1 90  ? 0.369   13.943  -8.866  1.00 19.02 ? 90  GLU A O     1 
ATOM   652  C CB    . GLU A 1 90  ? -1.926  15.029  -11.008 1.00 24.04 ? 90  GLU A CB    1 
ATOM   653  C CG    . GLU A 1 90  ? -2.406  14.985  -12.479 1.00 28.86 ? 90  GLU A CG    1 
ATOM   654  C CD    . GLU A 1 90  ? -3.702  14.170  -12.775 1.00 35.41 ? 90  GLU A CD    1 
ATOM   655  O OE1   . GLU A 1 90  ? -4.652  14.111  -11.925 1.00 26.13 ? 90  GLU A OE1   1 
ATOM   656  O OE2   . GLU A 1 90  ? -3.773  13.603  -13.918 1.00 28.87 ? 90  GLU A OE2   1 
ATOM   657  N N     . GLU A 1 91  ? -1.675  14.057  -7.998  1.00 16.24 ? 91  GLU A N     1 
ATOM   658  C CA    . GLU A 1 91  ? -1.153  14.242  -6.652  1.00 12.59 ? 91  GLU A CA    1 
ATOM   659  C C     . GLU A 1 91  ? -0.452  12.965  -6.154  1.00 11.34 ? 91  GLU A C     1 
ATOM   660  O O     . GLU A 1 91  ? 0.529   13.025  -5.415  1.00 10.72 ? 91  GLU A O     1 
ATOM   661  C CB    . GLU A 1 91  ? -2.313  14.608  -5.709  1.00 10.66 ? 91  GLU A CB    1 
ATOM   662  C CG    . GLU A 1 91  ? -2.815  16.064  -5.881  1.00 15.06 ? 91  GLU A CG    1 
ATOM   663  C CD    . GLU A 1 91  ? -4.102  16.337  -5.116  1.00 19.29 ? 91  GLU A CD    1 
ATOM   664  O OE1   . GLU A 1 91  ? -4.916  15.417  -4.967  1.00 13.83 ? 91  GLU A OE1   1 
ATOM   665  O OE2   . GLU A 1 91  ? -4.323  17.496  -4.670  1.00 21.46 ? 91  GLU A OE2   1 
ATOM   666  N N     . VAL A 1 92  ? -0.957  11.809  -6.558  1.00 10.34 ? 92  VAL A N     1 
ATOM   667  C CA    . VAL A 1 92  ? -0.342  10.567  -6.126  1.00 11.83 ? 92  VAL A CA    1 
ATOM   668  C C     . VAL A 1 92  ? 1.087   10.548  -6.656  1.00 11.21 ? 92  VAL A C     1 
ATOM   669  O O     . VAL A 1 92  ? 2.017   10.197  -5.935  1.00 9.84  ? 92  VAL A O     1 
ATOM   670  C CB    . VAL A 1 92  ? -1.114  9.343   -6.658  1.00 8.00  ? 92  VAL A CB    1 
ATOM   671  C CG1   . VAL A 1 92  ? -0.278  8.055   -6.466  1.00 12.87 ? 92  VAL A CG1   1 
ATOM   672  C CG2   . VAL A 1 92  ? -2.434  9.206   -5.945  1.00 9.77  ? 92  VAL A CG2   1 
ATOM   673  N N     . ARG A 1 93  ? 1.266   10.923  -7.920  1.00 10.80 ? 93  ARG A N     1 
ATOM   674  C CA    . ARG A 1 93  ? 2.600   10.910  -8.489  1.00 12.41 ? 93  ARG A CA    1 
ATOM   675  C C     . ARG A 1 93  ? 3.495   11.945  -7.825  1.00 12.78 ? 93  ARG A C     1 
ATOM   676  O O     . ARG A 1 93  ? 4.639   11.645  -7.489  1.00 10.86 ? 93  ARG A O     1 
ATOM   677  C CB    . ARG A 1 93  ? 2.551   11.166  -10.006 1.00 20.65 ? 93  ARG A CB    1 
ATOM   678  C CG    . ARG A 1 93  ? 3.927   11.028  -10.649 1.00 24.84 ? 93  ARG A CG    1 
ATOM   679  C CD    . ARG A 1 93  ? 3.896   11.282  -12.144 1.00 38.73 ? 93  ARG A CD    1 
ATOM   680  N NE    . ARG A 1 93  ? 3.138   10.309  -12.974 1.00 47.63 ? 93  ARG A NE    1 
ATOM   681  C CZ    . ARG A 1 93  ? 3.478   9.027   -13.198 1.00 47.31 ? 93  ARG A CZ    1 
ATOM   682  N NH1   . ARG A 1 93  ? 4.572   8.488   -12.648 1.00 38.85 ? 93  ARG A NH1   1 
ATOM   683  N NH2   . ARG A 1 93  ? 2.752   8.297   -14.041 1.00 33.88 ? 93  ARG A NH2   1 
ATOM   684  N N     . GLU A 1 94  ? 2.977   13.151  -7.605  1.00 14.11 ? 94  GLU A N     1 
ATOM   685  C CA    . GLU A 1 94  ? 3.773   14.190  -6.949  1.00 15.66 ? 94  GLU A CA    1 
ATOM   686  C C     . GLU A 1 94  ? 4.197   13.824  -5.560  1.00 16.23 ? 94  GLU A C     1 
ATOM   687  O O     . GLU A 1 94  ? 5.327   14.068  -5.161  1.00 16.50 ? 94  GLU A O     1 
ATOM   688  C CB    . GLU A 1 94  ? 3.017   15.508  -6.850  1.00 23.02 ? 94  GLU A CB    1 
ATOM   689  C CG    . GLU A 1 94  ? 2.576   16.018  -8.186  1.00 35.56 ? 94  GLU A CG    1 
ATOM   690  C CD    . GLU A 1 94  ? 2.103   17.458  -8.131  1.00 46.77 ? 94  GLU A CD    1 
ATOM   691  O OE1   . GLU A 1 94  ? 2.932   18.314  -7.671  1.00 48.23 ? 94  GLU A OE1   1 
ATOM   692  O OE2   . GLU A 1 94  ? 0.925   17.717  -8.540  1.00 44.66 ? 94  GLU A OE2   1 
ATOM   693  N N     . LEU A 1 95  ? 3.269   13.243  -4.798  1.00 17.03 ? 95  LEU A N     1 
ATOM   694  C CA    . LEU A 1 95  ? 3.545   12.864  -3.419  1.00 17.78 ? 95  LEU A CA    1 
ATOM   695  C C     . LEU A 1 95  ? 4.351   11.619  -3.177  1.00 17.70 ? 95  LEU A C     1 
ATOM   696  O O     . LEU A 1 95  ? 5.166   11.530  -2.250  1.00 18.31 ? 95  LEU A O     1 
ATOM   697  C CB    . LEU A 1 95  ? 2.205   12.719  -2.673  1.00 15.56 ? 95  LEU A CB    1 
ATOM   698  C CG    . LEU A 1 95  ? 1.360   13.997  -2.516  1.00 17.06 ? 95  LEU A CG    1 
ATOM   699  C CD1   . LEU A 1 95  ? -0.043  13.613  -2.084  1.00 15.24 ? 95  LEU A CD1   1 
ATOM   700  C CD2   . LEU A 1 95  ? 1.946   14.907  -1.447  1.00 20.11 ? 95  LEU A CD2   1 
ATOM   701  N N     . THR A 1 96  ? 4.100   10.590  -3.961  1.00 14.45 ? 96  THR A N     1 
ATOM   702  C CA    . THR A 1 96  ? 4.761   9.337   -3.703  1.00 12.78 ? 96  THR A CA    1 
ATOM   703  C C     . THR A 1 96  ? 5.871   8.972   -4.636  1.00 14.00 ? 96  THR A C     1 
ATOM   704  O O     . THR A 1 96  ? 6.735   8.179   -4.288  1.00 13.41 ? 96  THR A O     1 
ATOM   705  C CB    . THR A 1 96  ? 3.763   8.152   -3.754  1.00 11.08 ? 96  THR A CB    1 
ATOM   706  O OG1   . THR A 1 96  ? 3.335   7.941   -5.121  1.00 11.04 ? 96  THR A OG1   1 
ATOM   707  C CG2   . THR A 1 96  ? 2.517   8.435   -2.839  1.00 13.53 ? 96  THR A CG2   1 
ATOM   708  N N     . GLY A 1 97  ? 5.830   9.508   -5.850  1.00 11.38 ? 97  GLY A N     1 
ATOM   709  C CA    . GLY A 1 97  ? 6.807   9.102   -6.821  1.00 12.25 ? 97  GLY A CA    1 
ATOM   710  C C     . GLY A 1 97  ? 6.333   7.936   -7.680  1.00 9.93  ? 97  GLY A C     1 
ATOM   711  O O     . GLY A 1 97  ? 7.071   7.506   -8.553  1.00 11.40 ? 97  GLY A O     1 
ATOM   712  N N     . PHE A 1 98  ? 5.117   7.441   -7.435  1.00 8.33  ? 98  PHE A N     1 
ATOM   713  C CA    . PHE A 1 98  ? 4.530   6.306   -8.150  1.00 8.52  ? 98  PHE A CA    1 
ATOM   714  C C     . PHE A 1 98  ? 3.165   6.667   -8.666  1.00 12.38 ? 98  PHE A C     1 
ATOM   715  O O     . PHE A 1 98  ? 2.565   7.640   -8.222  1.00 12.64 ? 98  PHE A O     1 
ATOM   716  C CB    . PHE A 1 98  ? 4.393   5.116   -7.192  1.00 8.12  ? 98  PHE A CB    1 
ATOM   717  C CG    . PHE A 1 98  ? 5.701   4.705   -6.558  1.00 8.54  ? 98  PHE A CG    1 
ATOM   718  C CD1   . PHE A 1 98  ? 6.516   3.736   -7.179  1.00 10.98 ? 98  PHE A CD1   1 
ATOM   719  C CD2   . PHE A 1 98  ? 6.136   5.299   -5.353  1.00 9.49  ? 98  PHE A CD2   1 
ATOM   720  C CE1   . PHE A 1 98  ? 7.735   3.362   -6.606  1.00 8.42  ? 98  PHE A CE1   1 
ATOM   721  C CE2   . PHE A 1 98  ? 7.393   4.922   -4.759  1.00 9.84  ? 98  PHE A CE2   1 
ATOM   722  C CZ    . PHE A 1 98  ? 8.167   3.942   -5.409  1.00 7.90  ? 98  PHE A CZ    1 
ATOM   723  N N     . ALA A 1 99  ? 2.660   5.854   -9.585  1.00 11.08 ? 99  ALA A N     1 
ATOM   724  C CA    . ALA A 1 99  ? 1.351   6.108   -10.155 1.00 10.69 ? 99  ALA A CA    1 
ATOM   725  C C     . ALA A 1 99  ? 0.279   5.121   -9.670  1.00 10.34 ? 99  ALA A C     1 
ATOM   726  O O     . ALA A 1 99  ? 0.560   3.969   -9.296  1.00 11.49 ? 99  ALA A O     1 
ATOM   727  C CB    . ALA A 1 99  ? 1.448   6.038   -11.641 1.00 10.01 ? 99  ALA A CB    1 
ATOM   728  N N     . ILE A 1 100 ? -0.976  5.565   -9.710  1.00 12.34 ? 100 ILE A N     1 
ATOM   729  C CA    . ILE A 1 100 ? -2.100  4.691   -9.345  1.00 10.97 ? 100 ILE A CA    1 
ATOM   730  C C     . ILE A 1 100 ? -1.981  3.329   -10.039 1.00 12.97 ? 100 ILE A C     1 
ATOM   731  O O     . ILE A 1 100 ? -1.718  3.266   -11.232 1.00 15.90 ? 100 ILE A O     1 
ATOM   732  C CB    . ILE A 1 100 ? -3.413  5.350   -9.787  1.00 15.85 ? 100 ILE A CB    1 
ATOM   733  C CG1   . ILE A 1 100 ? -3.640  6.643   -8.986  1.00 19.66 ? 100 ILE A CG1   1 
ATOM   734  C CG2   . ILE A 1 100 ? -4.604  4.342   -9.649  1.00 16.54 ? 100 ILE A CG2   1 
ATOM   735  C CD1   . ILE A 1 100 ? -3.983  6.372   -7.552  1.00 20.77 ? 100 ILE A CD1   1 
ATOM   736  N N     . GLY A 1 101 ? -2.145  2.235   -9.282  1.00 10.69 ? 101 GLY A N     1 
ATOM   737  C CA    . GLY A 1 101 ? -2.047  0.898   -9.884  1.00 12.40 ? 101 GLY A CA    1 
ATOM   738  C C     . GLY A 1 101 ? -0.777  0.217   -9.397  1.00 13.13 ? 101 GLY A C     1 
ATOM   739  O O     . GLY A 1 101 ? -0.629  -1.017  -9.459  1.00 12.96 ? 101 GLY A O     1 
ATOM   740  N N     . GLY A 1 102 ? 0.152   1.042   -8.925  1.00 11.40 ? 102 GLY A N     1 
ATOM   741  C CA    . GLY A 1 102 ? 1.394   0.499   -8.423  1.00 12.76 ? 102 GLY A CA    1 
ATOM   742  C C     . GLY A 1 102 ? 1.862   1.200   -7.164  1.00 10.43 ? 102 GLY A C     1 
ATOM   743  O O     . GLY A 1 102 ? 3.013   1.003   -6.816  1.00 13.03 ? 102 GLY A O     1 
ATOM   744  N N     . VAL A 1 103 ? 1.012   1.971   -6.461  1.00 10.49 ? 103 VAL A N     1 
ATOM   745  C CA    . VAL A 1 103 ? 1.496   2.727   -5.282  1.00 9.20  ? 103 VAL A CA    1 
ATOM   746  C C     . VAL A 1 103 ? 1.908   1.748   -4.203  1.00 8.24  ? 103 VAL A C     1 
ATOM   747  O O     . VAL A 1 103 ? 1.086   0.991   -3.715  1.00 9.03  ? 103 VAL A O     1 
ATOM   748  C CB    . VAL A 1 103 ? 0.395   3.677   -4.690  1.00 8.60  ? 103 VAL A CB    1 
ATOM   749  C CG1   . VAL A 1 103 ? 0.926   4.439   -3.466  1.00 8.07  ? 103 VAL A CG1   1 
ATOM   750  C CG2   . VAL A 1 103 ? -0.004  4.715   -5.753  1.00 10.99 ? 103 VAL A CG2   1 
ATOM   751  N N     . PRO A 1 104 ? 3.163   1.790   -3.788  1.00 7.49  ? 104 PRO A N     1 
ATOM   752  C CA    . PRO A 1 104 ? 3.670   0.887   -2.768  1.00 9.50  ? 104 PRO A CA    1 
ATOM   753  C C     . PRO A 1 104 ? 3.470   1.482   -1.366  1.00 7.28  ? 104 PRO A C     1 
ATOM   754  O O     . PRO A 1 104 ? 3.146   2.647   -1.217  1.00 9.00  ? 104 PRO A O     1 
ATOM   755  C CB    . PRO A 1 104 ? 5.147   0.764   -3.163  1.00 8.17  ? 104 PRO A CB    1 
ATOM   756  C CG    . PRO A 1 104 ? 5.480   2.197   -3.564  1.00 8.82  ? 104 PRO A CG    1 
ATOM   757  C CD    . PRO A 1 104 ? 4.247   2.645   -4.349  1.00 8.25  ? 104 PRO A CD    1 
ATOM   758  N N     . PRO A 1 105 ? 3.680   0.689   -0.328  1.00 7.18  ? 105 PRO A N     1 
ATOM   759  C CA    . PRO A 1 105 ? 3.537   1.171   1.064   1.00 7.73  ? 105 PRO A CA    1 
ATOM   760  C C     . PRO A 1 105 ? 4.799   1.874   1.603   1.00 9.95  ? 105 PRO A C     1 
ATOM   761  O O     . PRO A 1 105 ? 4.769   2.427   2.711   1.00 10.25 ? 105 PRO A O     1 
ATOM   762  C CB    . PRO A 1 105 ? 3.254   -0.103  1.858   1.00 10.53 ? 105 PRO A CB    1 
ATOM   763  C CG    . PRO A 1 105 ? 3.979   -1.198  1.051   1.00 9.88  ? 105 PRO A CG    1 
ATOM   764  C CD    . PRO A 1 105 ? 3.744   -0.790  -0.409  1.00 7.58  ? 105 PRO A CD    1 
ATOM   765  N N     . VAL A 1 106 ? 5.900   1.813   0.829   1.00 10.37 ? 106 VAL A N     1 
ATOM   766  C CA    . VAL A 1 106 ? 7.191   2.421   1.185   1.00 7.18  ? 106 VAL A CA    1 
ATOM   767  C C     . VAL A 1 106 ? 7.873   3.009   -0.062  1.00 7.97  ? 106 VAL A C     1 
ATOM   768  O O     . VAL A 1 106 ? 7.445   2.763   -1.189  1.00 11.46 ? 106 VAL A O     1 
ATOM   769  C CB    . VAL A 1 106 ? 8.157   1.374   1.778   1.00 8.45  ? 106 VAL A CB    1 
ATOM   770  C CG1   . VAL A 1 106 ? 7.558   0.783   2.998   1.00 15.42 ? 106 VAL A CG1   1 
ATOM   771  C CG2   . VAL A 1 106 ? 8.468   0.244   0.735   1.00 11.07 ? 106 VAL A CG2   1 
ATOM   772  N N     . GLY A 1 107 ? 8.941   3.767   0.151   1.00 9.72  ? 107 GLY A N     1 
ATOM   773  C CA    . GLY A 1 107 ? 9.681   4.310   -0.982  1.00 10.33 ? 107 GLY A CA    1 
ATOM   774  C C     . GLY A 1 107 ? 9.178   5.642   -1.491  1.00 8.18  ? 107 GLY A C     1 
ATOM   775  O O     . GLY A 1 107 ? 9.591   6.035   -2.568  1.00 10.79 ? 107 GLY A O     1 
ATOM   776  N N     . HIS A 1 108 ? 8.298   6.320   -0.758  1.00 8.09  ? 108 HIS A N     1 
ATOM   777  C CA    . HIS A 1 108 ? 7.720   7.574   -1.276  1.00 7.04  ? 108 HIS A CA    1 
ATOM   778  C C     . HIS A 1 108 ? 8.671   8.783   -1.213  1.00 7.54  ? 108 HIS A C     1 
ATOM   779  O O     . HIS A 1 108 ? 9.789   8.692   -0.680  1.00 10.46 ? 108 HIS A O     1 
ATOM   780  C CB    . HIS A 1 108 ? 6.463   7.924   -0.492  1.00 7.16  ? 108 HIS A CB    1 
ATOM   781  C CG    . HIS A 1 108 ? 5.420   6.871   -0.571  1.00 10.29 ? 108 HIS A CG    1 
ATOM   782  N ND1   . HIS A 1 108 ? 4.326   6.844   0.264   1.00 16.17 ? 108 HIS A ND1   1 
ATOM   783  C CD2   . HIS A 1 108 ? 5.299   5.801   -1.397  1.00 9.27  ? 108 HIS A CD2   1 
ATOM   784  C CE1   . HIS A 1 108 ? 3.568   5.805   -0.048  1.00 16.66 ? 108 HIS A CE1   1 
ATOM   785  N NE2   . HIS A 1 108 ? 4.133   5.155   -1.050  1.00 8.63  ? 108 HIS A NE2   1 
ATOM   786  N N     . ASN A 1 109 ? 8.237   9.893   -1.797  1.00 6.64  ? 109 ASN A N     1 
ATOM   787  C CA    . ASN A 1 109 ? 9.044   11.101  -1.740  1.00 5.42  ? 109 ASN A CA    1 
ATOM   788  C C     . ASN A 1 109 ? 9.123   11.624  -0.335  1.00 7.72  ? 109 ASN A C     1 
ATOM   789  O O     . ASN A 1 109 ? 10.033  12.332  -0.020  1.00 9.98  ? 109 ASN A O     1 
ATOM   790  C CB    . ASN A 1 109 ? 8.471   12.180  -2.659  1.00 9.30  ? 109 ASN A CB    1 
ATOM   791  C CG    . ASN A 1 109 ? 8.569   11.800  -4.118  1.00 8.81  ? 109 ASN A CG    1 
ATOM   792  O OD1   . ASN A 1 109 ? 9.443   11.053  -4.520  1.00 11.61 ? 109 ASN A OD1   1 
ATOM   793  N ND2   . ASN A 1 109 ? 7.689   12.348  -4.922  1.00 10.49 ? 109 ASN A ND2   1 
ATOM   794  N N     . THR A 1 110 ? 8.155   11.264  0.511   1.00 7.95  ? 110 THR A N     1 
ATOM   795  C CA    . THR A 1 110 ? 8.090   11.681  1.912   1.00 10.32 ? 110 THR A CA    1 
ATOM   796  C C     . THR A 1 110 ? 7.414   10.530  2.613   1.00 13.31 ? 110 THR A C     1 
ATOM   797  O O     . THR A 1 110 ? 6.467   9.982   2.054   1.00 14.15 ? 110 THR A O     1 
ATOM   798  C CB    . THR A 1 110 ? 7.146   12.889  2.077   1.00 12.97 ? 110 THR A CB    1 
ATOM   799  O OG1   . THR A 1 110 ? 7.759   14.004  1.475   1.00 15.33 ? 110 THR A OG1   1 
ATOM   800  C CG2   . THR A 1 110 ? 6.899   13.211  3.543   1.00 18.12 ? 110 THR A CG2   1 
ATOM   801  N N     . PRO A 1 111 ? 7.871   10.158  3.824   1.00 13.18 ? 111 PRO A N     1 
ATOM   802  C CA    . PRO A 1 111 ? 7.245   9.042   4.550   1.00 14.15 ? 111 PRO A CA    1 
ATOM   803  C C     . PRO A 1 111 ? 5.919   9.607   5.042   1.00 11.42 ? 111 PRO A C     1 
ATOM   804  O O     . PRO A 1 111 ? 5.920   10.601  5.747   1.00 15.04 ? 111 PRO A O     1 
ATOM   805  C CB    . PRO A 1 111 ? 8.208   8.788   5.728   1.00 18.93 ? 111 PRO A CB    1 
ATOM   806  C CG    . PRO A 1 111 ? 9.337   9.788   5.581   1.00 20.43 ? 111 PRO A CG    1 
ATOM   807  C CD    . PRO A 1 111 ? 8.829   10.888  4.689   1.00 20.10 ? 111 PRO A CD    1 
ATOM   808  N N     . LEU A 1 112 ? 4.812   8.979   4.695   1.00 8.99  ? 112 LEU A N     1 
ATOM   809  C CA    . LEU A 1 112 ? 3.515   9.507   5.081   1.00 10.35 ? 112 LEU A CA    1 
ATOM   810  C C     . LEU A 1 112 ? 2.974   8.828   6.327   1.00 7.60  ? 112 LEU A C     1 
ATOM   811  O O     . LEU A 1 112 ? 3.131   7.618   6.488   1.00 9.48  ? 112 LEU A O     1 
ATOM   812  C CB    . LEU A 1 112 ? 2.532   9.271   3.910   1.00 12.39 ? 112 LEU A CB    1 
ATOM   813  C CG    . LEU A 1 112 ? 2.964   9.923   2.590   1.00 15.39 ? 112 LEU A CG    1 
ATOM   814  C CD1   . LEU A 1 112 ? 2.036   9.436   1.427   1.00 19.62 ? 112 LEU A CD1   1 
ATOM   815  C CD2   . LEU A 1 112 ? 2.892   11.466  2.810   1.00 14.63 ? 112 LEU A CD2   1 
ATOM   816  N N     . PRO A 1 113 ? 2.339   9.598   7.240   1.00 8.85  ? 113 PRO A N     1 
ATOM   817  C CA    . PRO A 1 113 ? 1.764   8.980   8.453   1.00 9.42  ? 113 PRO A CA    1 
ATOM   818  C C     . PRO A 1 113 ? 0.750   8.005   7.883   1.00 9.64  ? 113 PRO A C     1 
ATOM   819  O O     . PRO A 1 113 ? -0.031  8.362   6.997   1.00 8.29  ? 113 PRO A O     1 
ATOM   820  C CB    . PRO A 1 113 ? 1.089   10.153  9.175   1.00 11.23 ? 113 PRO A CB    1 
ATOM   821  C CG    . PRO A 1 113 ? 1.950   11.313  8.787   1.00 8.72  ? 113 PRO A CG    1 
ATOM   822  C CD    . PRO A 1 113 ? 2.215   11.068  7.283   1.00 10.55 ? 113 PRO A CD    1 
ATOM   823  N N     . ALA A 1 114 ? 0.710   6.797   8.443   1.00 8.16  ? 114 ALA A N     1 
ATOM   824  C CA    . ALA A 1 114 ? -0.133  5.736   7.894   1.00 6.14  ? 114 ALA A CA    1 
ATOM   825  C C     . ALA A 1 114 ? -1.068  5.045   8.867   1.00 8.42  ? 114 ALA A C     1 
ATOM   826  O O     . ALA A 1 114 ? -0.841  5.041   10.061  1.00 8.90  ? 114 ALA A O     1 
ATOM   827  C CB    . ALA A 1 114 ? 0.787   4.685   7.274   1.00 7.94  ? 114 ALA A CB    1 
ATOM   828  N N     . TYR A 1 115 ? -2.081  4.417   8.293   1.00 6.58  ? 115 TYR A N     1 
ATOM   829  C CA    . TYR A 1 115 ? -3.082  3.648   9.034   1.00 5.50  ? 115 TYR A CA    1 
ATOM   830  C C     . TYR A 1 115 ? -3.163  2.313   8.339   1.00 8.50  ? 115 TYR A C     1 
ATOM   831  O O     . TYR A 1 115 ? -3.134  2.239   7.081   1.00 8.61  ? 115 TYR A O     1 
ATOM   832  C CB    . TYR A 1 115 ? -4.439  4.366   8.958   1.00 6.35  ? 115 TYR A CB    1 
ATOM   833  C CG    . TYR A 1 115 ? -4.438  5.689   9.662   1.00 8.47  ? 115 TYR A CG    1 
ATOM   834  C CD1   . TYR A 1 115 ? -4.775  5.772   11.007  1.00 6.68  ? 115 TYR A CD1   1 
ATOM   835  C CD2   . TYR A 1 115 ? -3.997  6.846   9.007   1.00 9.05  ? 115 TYR A CD2   1 
ATOM   836  C CE1   . TYR A 1 115 ? -4.679  7.001   11.708  1.00 9.20  ? 115 TYR A CE1   1 
ATOM   837  C CE2   . TYR A 1 115 ? -3.882  8.046   9.690   1.00 11.36 ? 115 TYR A CE2   1 
ATOM   838  C CZ    . TYR A 1 115 ? -4.235  8.091   11.036  1.00 10.24 ? 115 TYR A CZ    1 
ATOM   839  O OH    . TYR A 1 115 ? -4.148  9.273   11.710  1.00 13.19 ? 115 TYR A OH    1 
ATOM   840  N N     . LEU A 1 116 ? -3.294  1.233   9.127   1.00 7.98  ? 116 LEU A N     1 
ATOM   841  C CA    . LEU A 1 116 ? -3.385  -0.113  8.551   1.00 7.40  ? 116 LEU A CA    1 
ATOM   842  C C     . LEU A 1 116 ? -4.736  -0.698  8.888   1.00 7.41  ? 116 LEU A C     1 
ATOM   843  O O     . LEU A 1 116 ? -5.124  -0.759  10.065  1.00 8.22  ? 116 LEU A O     1 
ATOM   844  C CB    . LEU A 1 116 ? -2.318  -1.020  9.165   1.00 7.02  ? 116 LEU A CB    1 
ATOM   845  C CG    . LEU A 1 116 ? -2.336  -2.485  8.679   1.00 9.45  ? 116 LEU A CG    1 
ATOM   846  C CD1   . LEU A 1 116 ? -1.014  -2.815  8.001   1.00 14.43 ? 116 LEU A CD1   1 
ATOM   847  C CD2   . LEU A 1 116 ? -2.599  -3.460  9.838   1.00 15.09 ? 116 LEU A CD2   1 
ATOM   848  N N     . ASP A 1 117 ? -5.440  -1.133  7.857   1.00 5.63  ? 117 ASP A N     1 
ATOM   849  C CA    . ASP A 1 117 ? -6.755  -1.794  7.962   1.00 6.61  ? 117 ASP A CA    1 
ATOM   850  C C     . ASP A 1 117 ? -6.555  -3.001  8.885   1.00 7.69  ? 117 ASP A C     1 
ATOM   851  O O     . ASP A 1 117 ? -5.788  -3.930  8.584   1.00 7.24  ? 117 ASP A O     1 
ATOM   852  C CB    . ASP A 1 117 ? -7.119  -2.249  6.531   1.00 5.31  ? 117 ASP A CB    1 
ATOM   853  C CG    . ASP A 1 117 ? -8.433  -3.007  6.437   1.00 5.85  ? 117 ASP A CG    1 
ATOM   854  O OD1   . ASP A 1 117 ? -8.979  -3.488  7.464   1.00 6.55  ? 117 ASP A OD1   1 
ATOM   855  O OD2   . ASP A 1 117 ? -8.906  -3.114  5.284   1.00 6.38  ? 117 ASP A OD2   1 
ATOM   856  N N     . GLU A 1 118 ? -7.270  -2.989  10.004  1.00 6.31  ? 118 GLU A N     1 
ATOM   857  C CA    . GLU A 1 118 ? -7.077  -4.049  10.974  1.00 8.42  ? 118 GLU A CA    1 
ATOM   858  C C     . GLU A 1 118 ? -7.306  -5.434  10.356  1.00 7.89  ? 118 GLU A C     1 
ATOM   859  O O     . GLU A 1 118 ? -6.752  -6.396  10.870  1.00 7.51  ? 118 GLU A O     1 
ATOM   860  C CB    . GLU A 1 118 ? -7.984  -3.833  12.192  1.00 7.25  ? 118 GLU A CB    1 
ATOM   861  C CG    . GLU A 1 118 ? -9.492  -3.910  11.825  1.00 7.20  ? 118 GLU A CG    1 
ATOM   862  C CD    . GLU A 1 118 ? -10.420 -4.117  13.007  1.00 9.27  ? 118 GLU A CD    1 
ATOM   863  O OE1   . GLU A 1 118 ? -10.074 -4.837  13.944  1.00 6.52  ? 118 GLU A OE1   1 
ATOM   864  O OE2   . GLU A 1 118 ? -11.561 -3.559  12.994  1.00 9.47  ? 118 GLU A OE2   1 
ATOM   865  N N     . ASP A 1 119 ? -8.103  -5.554  9.291   1.00 7.69  ? 119 ASP A N     1 
ATOM   866  C CA    . ASP A 1 119 ? -8.332  -6.898  8.738   1.00 6.47  ? 119 ASP A CA    1 
ATOM   867  C C     . ASP A 1 119 ? -7.083  -7.509  8.129   1.00 8.15  ? 119 ASP A C     1 
ATOM   868  O O     . ASP A 1 119 ? -7.030  -8.730  7.961   1.00 9.81  ? 119 ASP A O     1 
ATOM   869  C CB    . ASP A 1 119 ? -9.484  -6.920  7.700   1.00 7.07  ? 119 ASP A CB    1 
ATOM   870  C CG    . ASP A 1 119 ? -10.846 -6.718  8.336   1.00 12.53 ? 119 ASP A CG    1 
ATOM   871  O OD1   . ASP A 1 119 ? -10.992 -6.921  9.544   1.00 12.82 ? 119 ASP A OD1   1 
ATOM   872  O OD2   . ASP A 1 119 ? -11.805 -6.377  7.640   1.00 10.31 ? 119 ASP A OD2   1 
ATOM   873  N N     . LEU A 1 120 ? -6.084  -6.696  7.807   1.00 6.74  ? 120 LEU A N     1 
ATOM   874  C CA    . LEU A 1 120 ? -4.854  -7.270  7.239   1.00 5.70  ? 120 LEU A CA    1 
ATOM   875  C C     . LEU A 1 120 ? -4.152  -8.145  8.291   1.00 7.59  ? 120 LEU A C     1 
ATOM   876  O O     . LEU A 1 120 ? -3.411  -9.070  7.946   1.00 7.92  ? 120 LEU A O     1 
ATOM   877  C CB    . LEU A 1 120 ? -3.922  -6.169  6.711   1.00 7.87  ? 120 LEU A CB    1 
ATOM   878  C CG    . LEU A 1 120 ? -4.449  -5.525  5.423   1.00 7.70  ? 120 LEU A CG    1 
ATOM   879  C CD1   . LEU A 1 120 ? -3.720  -4.210  5.122   1.00 9.58  ? 120 LEU A CD1   1 
ATOM   880  C CD2   . LEU A 1 120 ? -4.324  -6.503  4.266   1.00 8.17  ? 120 LEU A CD2   1 
ATOM   881  N N     . LEU A 1 121 ? -4.403  -7.863  9.576   1.00 6.98  ? 121 LEU A N     1 
ATOM   882  C CA    . LEU A 1 121 ? -3.796  -8.633  10.661  1.00 7.33  ? 121 LEU A CA    1 
ATOM   883  C C     . LEU A 1 121 ? -4.355  -10.046 10.778  1.00 9.13  ? 121 LEU A C     1 
ATOM   884  O O     . LEU A 1 121 ? -3.830  -10.861 11.573  1.00 9.88  ? 121 LEU A O     1 
ATOM   885  C CB    . LEU A 1 121 ? -3.946  -7.898  12.002  1.00 6.52  ? 121 LEU A CB    1 
ATOM   886  C CG    . LEU A 1 121 ? -2.915  -6.780  12.208  1.00 9.67  ? 121 LEU A CG    1 
ATOM   887  C CD1   . LEU A 1 121 ? -3.256  -5.983  13.445  1.00 13.55 ? 121 LEU A CD1   1 
ATOM   888  C CD2   . LEU A 1 121 ? -1.530  -7.379  12.389  1.00 17.47 ? 121 LEU A CD2   1 
ATOM   889  N N     . GLY A 1 122 ? -5.404  -10.356 9.992   1.00 8.78  ? 122 GLY A N     1 
ATOM   890  C CA    . GLY A 1 122 ? -5.985  -11.686 10.030  1.00 7.97  ? 122 GLY A CA    1 
ATOM   891  C C     . GLY A 1 122 ? -5.239  -12.691 9.170   1.00 11.12 ? 122 GLY A C     1 
ATOM   892  O O     . GLY A 1 122 ? -5.545  -13.889 9.226   1.00 12.89 ? 122 GLY A O     1 
ATOM   893  N N     . TYR A 1 123 ? -4.253  -12.234 8.392   1.00 7.82  ? 123 TYR A N     1 
ATOM   894  C CA    . TYR A 1 123 ? -3.523  -13.124 7.477   1.00 10.45 ? 123 TYR A CA    1 
ATOM   895  C C     . TYR A 1 123 ? -2.065  -13.345 7.871   1.00 11.46 ? 123 TYR A C     1 
ATOM   896  O O     . TYR A 1 123 ? -1.414  -12.456 8.369   1.00 8.92  ? 123 TYR A O     1 
ATOM   897  C CB    . TYR A 1 123 ? -3.565  -12.520 6.063   1.00 6.52  ? 123 TYR A CB    1 
ATOM   898  C CG    . TYR A 1 123 ? -4.959  -12.325 5.499   1.00 8.18  ? 123 TYR A CG    1 
ATOM   899  C CD1   . TYR A 1 123 ? -5.713  -13.402 5.003   1.00 7.58  ? 123 TYR A CD1   1 
ATOM   900  C CD2   . TYR A 1 123 ? -5.532  -11.058 5.502   1.00 11.02 ? 123 TYR A CD2   1 
ATOM   901  C CE1   . TYR A 1 123 ? -7.009  -13.192 4.533   1.00 9.54  ? 123 TYR A CE1   1 
ATOM   902  C CE2   . TYR A 1 123 ? -6.825  -10.849 5.024   1.00 10.63 ? 123 TYR A CE2   1 
ATOM   903  C CZ    . TYR A 1 123 ? -7.540  -11.909 4.549   1.00 10.31 ? 123 TYR A CZ    1 
ATOM   904  O OH    . TYR A 1 123 ? -8.814  -11.714 4.090   1.00 13.33 ? 123 TYR A OH    1 
ATOM   905  N N     . PRO A 1 124 ? -1.547  -14.566 7.653   1.00 8.12  ? 124 PRO A N     1 
ATOM   906  C CA    . PRO A 1 124 ? -0.150  -14.812 8.001   1.00 9.52  ? 124 PRO A CA    1 
ATOM   907  C C     . PRO A 1 124 ? 0.767   -14.019 7.057   1.00 7.84  ? 124 PRO A C     1 
ATOM   908  O O     . PRO A 1 124 ? 1.818   -13.523 7.486   1.00 13.03 ? 124 PRO A O     1 
ATOM   909  C CB    . PRO A 1 124 ? -0.016  -16.340 7.866   1.00 11.83 ? 124 PRO A CB    1 
ATOM   910  C CG    . PRO A 1 124 ? -1.115  -16.695 6.906   1.00 18.97 ? 124 PRO A CG    1 
ATOM   911  C CD    . PRO A 1 124 ? -2.248  -15.810 7.323   1.00 10.05 ? 124 PRO A CD    1 
ATOM   912  N N     . GLU A 1 125 ? 0.371   -13.877 5.792   1.00 8.61  ? 125 GLU A N     1 
ATOM   913  C CA    . GLU A 1 125 ? 1.178   -13.115 4.830   1.00 10.33 ? 125 GLU A CA    1 
ATOM   914  C C     . GLU A 1 125 ? 0.225   -12.292 3.960   1.00 7.01  ? 125 GLU A C     1 
ATOM   915  O O     . GLU A 1 125 ? -0.921  -12.708 3.731   1.00 10.91 ? 125 GLU A O     1 
ATOM   916  C CB    . GLU A 1 125 ? 1.995   -14.081 3.971   1.00 13.13 ? 125 GLU A CB    1 
ATOM   917  C CG    . GLU A 1 125 ? 3.104   -14.776 4.786   1.00 23.01 ? 125 GLU A CG    1 
ATOM   918  C CD    . GLU A 1 125 ? 3.825   -15.909 4.028   1.00 28.00 ? 125 GLU A CD    1 
ATOM   919  O OE1   . GLU A 1 125 ? 3.165   -16.762 3.416   1.00 31.03 ? 125 GLU A OE1   1 
ATOM   920  O OE2   . GLU A 1 125 ? 5.065   -15.948 4.070   1.00 36.50 ? 125 GLU A OE2   1 
ATOM   921  N N     . VAL A 1 126 ? 0.680   -11.120 3.529   1.00 8.04  ? 126 VAL A N     1 
ATOM   922  C CA    . VAL A 1 126 ? -0.097  -10.249 2.651   1.00 8.31  ? 126 VAL A CA    1 
ATOM   923  C C     . VAL A 1 126 ? 0.790   -9.810  1.492   1.00 7.28  ? 126 VAL A C     1 
ATOM   924  O O     . VAL A 1 126 ? 2.014   -10.007 1.516   1.00 8.51  ? 126 VAL A O     1 
ATOM   925  C CB    . VAL A 1 126 ? -0.605  -9.002  3.396   1.00 9.79  ? 126 VAL A CB    1 
ATOM   926  C CG1   . VAL A 1 126 ? -1.620  -9.408  4.505   1.00 11.34 ? 126 VAL A CG1   1 
ATOM   927  C CG2   . VAL A 1 126 ? 0.523   -8.219  3.982   1.00 8.78  ? 126 VAL A CG2   1 
ATOM   928  N N     . TRP A 1 127 ? 0.192   -9.266  0.446   1.00 5.70  ? 127 TRP A N     1 
ATOM   929  C CA    . TRP A 1 127 ? 1.006   -8.835  -0.711  1.00 6.78  ? 127 TRP A CA    1 
ATOM   930  C C     . TRP A 1 127 ? 0.708   -7.379  -0.968  1.00 6.04  ? 127 TRP A C     1 
ATOM   931  O O     . TRP A 1 127 ? -0.457  -7.014  -1.113  1.00 7.99  ? 127 TRP A O     1 
ATOM   932  C CB    . TRP A 1 127 ? 0.653   -9.595  -1.992  1.00 7.69  ? 127 TRP A CB    1 
ATOM   933  C CG    . TRP A 1 127 ? 0.981   -11.050 -1.963  1.00 6.30  ? 127 TRP A CG    1 
ATOM   934  C CD1   . TRP A 1 127 ? 0.257   -12.059 -1.356  1.00 11.23 ? 127 TRP A CD1   1 
ATOM   935  C CD2   . TRP A 1 127 ? 2.100   -11.683 -2.595  1.00 9.49  ? 127 TRP A CD2   1 
ATOM   936  N NE1   . TRP A 1 127 ? 0.867   -13.269 -1.591  1.00 11.93 ? 127 TRP A NE1   1 
ATOM   937  C CE2   . TRP A 1 127 ? 1.989   -13.069 -2.350  1.00 10.99 ? 127 TRP A CE2   1 
ATOM   938  C CE3   . TRP A 1 127 ? 3.182   -11.218 -3.346  1.00 11.54 ? 127 TRP A CE3   1 
ATOM   939  C CZ2   . TRP A 1 127 ? 2.905   -13.985 -2.841  1.00 12.19 ? 127 TRP A CZ2   1 
ATOM   940  C CZ3   . TRP A 1 127 ? 4.100   -12.149 -3.836  1.00 13.43 ? 127 TRP A CZ3   1 
ATOM   941  C CH2   . TRP A 1 127 ? 3.945   -13.507 -3.586  1.00 11.72 ? 127 TRP A CH2   1 
ATOM   942  N N     . ALA A 1 128 ? 1.755   -6.564  -1.051  1.00 5.66  ? 128 ALA A N     1 
ATOM   943  C CA    . ALA A 1 128 ? 1.535   -5.131  -1.287  1.00 5.82  ? 128 ALA A CA    1 
ATOM   944  C C     . ALA A 1 128 ? 2.139   -4.782  -2.631  1.00 6.79  ? 128 ALA A C     1 
ATOM   945  O O     . ALA A 1 128 ? 2.964   -5.548  -3.156  1.00 6.05  ? 128 ALA A O     1 
ATOM   946  C CB    . ALA A 1 128 ? 2.215   -4.306  -0.171  1.00 7.09  ? 128 ALA A CB    1 
ATOM   947  N N     . ALA A 1 129 ? 1.735   -3.650  -3.206  1.00 6.76  ? 129 ALA A N     1 
ATOM   948  C CA    . ALA A 1 129 ? 2.282   -3.241  -4.524  1.00 6.56  ? 129 ALA A CA    1 
ATOM   949  C C     . ALA A 1 129 ? 3.759   -2.935  -4.383  1.00 8.47  ? 129 ALA A C     1 
ATOM   950  O O     . ALA A 1 129 ? 4.207   -2.401  -3.351  1.00 9.09  ? 129 ALA A O     1 
ATOM   951  C CB    . ALA A 1 129 ? 1.554   -1.972  -5.094  1.00 8.24  ? 129 ALA A CB    1 
ATOM   952  N N     . GLY A 1 130 ? 4.472   -3.230  -5.469  1.00 7.50  ? 130 GLY A N     1 
ATOM   953  C CA    . GLY A 1 130 ? 5.895   -3.016  -5.525  1.00 8.33  ? 130 GLY A CA    1 
ATOM   954  C C     . GLY A 1 130 ? 6.318   -1.883  -6.414  1.00 9.45  ? 130 GLY A C     1 
ATOM   955  O O     . GLY A 1 130 ? 7.456   -1.928  -6.927  1.00 11.57 ? 130 GLY A O     1 
ATOM   956  N N     . GLY A 1 131 ? 5.418   -0.925  -6.661  1.00 8.44  ? 131 GLY A N     1 
ATOM   957  C CA    . GLY A 1 131 ? 5.771   0.245   -7.459  1.00 11.39 ? 131 GLY A CA    1 
ATOM   958  C C     . GLY A 1 131 ? 5.243   0.353   -8.879  1.00 9.06  ? 131 GLY A C     1 
ATOM   959  O O     . GLY A 1 131 ? 5.392   1.422   -9.502  1.00 8.15  ? 131 GLY A O     1 
ATOM   960  N N     . THR A 1 132 ? 4.655   -0.716  -9.406  1.00 8.52  ? 132 THR A N     1 
ATOM   961  C CA    . THR A 1 132 ? 4.175   -0.746  -10.796 1.00 9.16  ? 132 THR A CA    1 
ATOM   962  C C     . THR A 1 132 ? 2.958   -1.667  -10.849 1.00 8.36  ? 132 THR A C     1 
ATOM   963  O O     . THR A 1 132 ? 2.704   -2.423  -9.901  1.00 8.63  ? 132 THR A O     1 
ATOM   964  C CB    . THR A 1 132 ? 5.292   -1.338  -11.764 1.00 7.59  ? 132 THR A CB    1 
ATOM   965  O OG1   . THR A 1 132 ? 5.201   -2.777  -11.840 1.00 9.60  ? 132 THR A OG1   1 
ATOM   966  C CG2   . THR A 1 132 ? 6.729   -0.982  -11.206 1.00 8.23  ? 132 THR A CG2   1 
ATOM   967  N N     . PRO A 1 133 ? 2.201   -1.640  -11.967 1.00 7.78  ? 133 PRO A N     1 
ATOM   968  C CA    . PRO A 1 133 ? 1.012   -2.485  -12.082 1.00 9.26  ? 133 PRO A CA    1 
ATOM   969  C C     . PRO A 1 133 ? 1.282   -3.944  -12.316 1.00 6.44  ? 133 PRO A C     1 
ATOM   970  O O     . PRO A 1 133 ? 0.372   -4.705  -12.600 1.00 6.92  ? 133 PRO A O     1 
ATOM   971  C CB    . PRO A 1 133 ? 0.209   -1.824  -13.212 1.00 6.72  ? 133 PRO A CB    1 
ATOM   972  C CG    . PRO A 1 133 ? 1.309   -1.273  -14.123 1.00 8.61  ? 133 PRO A CG    1 
ATOM   973  C CD    . PRO A 1 133 ? 2.285   -0.687  -13.099 1.00 6.34  ? 133 PRO A CD    1 
ATOM   974  N N     . ARG A 1 134 ? 2.561   -4.327  -12.230 1.00 7.51  ? 134 ARG A N     1 
ATOM   975  C CA    . ARG A 1 134 ? 2.960   -5.730  -12.347 1.00 6.32  ? 134 ARG A CA    1 
ATOM   976  C C     . ARG A 1 134 ? 3.735   -6.198  -11.108 1.00 5.72  ? 134 ARG A C     1 
ATOM   977  O O     . ARG A 1 134 ? 4.041   -7.375  -10.987 1.00 8.12  ? 134 ARG A O     1 
ATOM   978  C CB    . ARG A 1 134 ? 3.873   -5.918  -13.564 1.00 6.33  ? 134 ARG A CB    1 
ATOM   979  C CG    . ARG A 1 134 ? 3.093   -5.878  -14.858 1.00 5.84  ? 134 ARG A CG    1 
ATOM   980  C CD    . ARG A 1 134 ? 2.549   -7.262  -15.139 1.00 8.60  ? 134 ARG A CD    1 
ATOM   981  N NE    . ARG A 1 134 ? 1.482   -7.212  -16.150 1.00 5.35  ? 134 ARG A NE    1 
ATOM   982  C CZ    . ARG A 1 134 ? 1.294   -8.166  -17.040 1.00 6.78  ? 134 ARG A CZ    1 
ATOM   983  N NH1   . ARG A 1 134 ? 2.111   -9.233  -17.057 1.00 7.57  ? 134 ARG A NH1   1 
ATOM   984  N NH2   . ARG A 1 134 ? 0.269   -8.076  -17.884 1.00 7.64  ? 134 ARG A NH2   1 
ATOM   985  N N     . ALA A 1 135 ? 4.050   -5.276  -10.196 1.00 6.07  ? 135 ALA A N     1 
ATOM   986  C CA    . ALA A 1 135 ? 4.928   -5.603  -9.056  1.00 5.91  ? 135 ALA A CA    1 
ATOM   987  C C     . ALA A 1 135 ? 4.253   -5.778  -7.719  1.00 6.42  ? 135 ALA A C     1 
ATOM   988  O O     . ALA A 1 135 ? 3.362   -5.017  -7.377  1.00 5.32  ? 135 ALA A O     1 
ATOM   989  C CB    . ALA A 1 135 ? 6.000   -4.535  -8.928  1.00 9.15  ? 135 ALA A CB    1 
ATOM   990  N N     . LEU A 1 136 ? 4.679   -6.798  -6.983  1.00 4.18  ? 136 LEU A N     1 
ATOM   991  C CA    . LEU A 1 136 ? 4.153   -7.039  -5.644  1.00 7.58  ? 136 LEU A CA    1 
ATOM   992  C C     . LEU A 1 136 ? 5.296   -7.569  -4.787  1.00 9.32  ? 136 LEU A C     1 
ATOM   993  O O     . LEU A 1 136 ? 6.317   -8.018  -5.306  1.00 9.50  ? 136 LEU A O     1 
ATOM   994  C CB    . LEU A 1 136 ? 3.141   -8.183  -5.666  1.00 6.06  ? 136 LEU A CB    1 
ATOM   995  C CG    . LEU A 1 136 ? 1.824   -8.000  -6.449  1.00 5.33  ? 136 LEU A CG    1 
ATOM   996  C CD1   . LEU A 1 136 ? 1.080   -9.369  -6.554  1.00 8.95  ? 136 LEU A CD1   1 
ATOM   997  C CD2   . LEU A 1 136 ? 0.929   -6.971  -5.692  1.00 6.89  ? 136 LEU A CD2   1 
ATOM   998  N N     . PHE A 1 137 ? 5.134   -7.482  -3.468  1.00 7.82  ? 137 PHE A N     1 
ATOM   999  C CA    . PHE A 1 137 ? 6.075   -8.191  -2.600  1.00 7.83  ? 137 PHE A CA    1 
ATOM   1000 C C     . PHE A 1 137 ? 5.218   -8.752  -1.465  1.00 7.33  ? 137 PHE A C     1 
ATOM   1001 O O     . PHE A 1 137 ? 4.236   -8.126  -1.023  1.00 7.73  ? 137 PHE A O     1 
ATOM   1002 C CB    . PHE A 1 137 ? 7.246   -7.320  -2.067  1.00 6.46  ? 137 PHE A CB    1 
ATOM   1003 C CG    . PHE A 1 137 ? 6.818   -6.215  -1.113  1.00 7.43  ? 137 PHE A CG    1 
ATOM   1004 C CD1   . PHE A 1 137 ? 6.852   -6.418  0.263   1.00 5.99  ? 137 PHE A CD1   1 
ATOM   1005 C CD2   . PHE A 1 137 ? 6.426   -4.975  -1.613  1.00 9.02  ? 137 PHE A CD2   1 
ATOM   1006 C CE1   . PHE A 1 137 ? 6.496   -5.357  1.152   1.00 7.57  ? 137 PHE A CE1   1 
ATOM   1007 C CE2   . PHE A 1 137 ? 6.081   -3.910  -0.742  1.00 7.75  ? 137 PHE A CE2   1 
ATOM   1008 C CZ    . PHE A 1 137 ? 6.119   -4.104  0.638   1.00 8.70  ? 137 PHE A CZ    1 
ATOM   1009 N N     . ARG A 1 138 ? 5.588   -9.945  -1.004  1.00 6.45  ? 138 ARG A N     1 
ATOM   1010 C CA    . ARG A 1 138 ? 4.915   -10.620 0.099   1.00 9.23  ? 138 ARG A CA    1 
ATOM   1011 C C     . ARG A 1 138 ? 5.564   -10.243 1.422   1.00 8.53  ? 138 ARG A C     1 
ATOM   1012 O O     . ARG A 1 138 ? 6.793   -10.105 1.500   1.00 9.99  ? 138 ARG A O     1 
ATOM   1013 C CB    . ARG A 1 138 ? 5.019   -12.140 -0.077  1.00 8.18  ? 138 ARG A CB    1 
ATOM   1014 C CG    . ARG A 1 138 ? 4.136   -12.902 0.902   1.00 12.23 ? 138 ARG A CG    1 
ATOM   1015 C CD    . ARG A 1 138 ? 4.290   -14.398 0.694   1.00 16.91 ? 138 ARG A CD    1 
ATOM   1016 N NE    . ARG A 1 138 ? 5.663   -14.789 0.995   1.00 26.17 ? 138 ARG A NE    1 
ATOM   1017 C CZ    . ARG A 1 138 ? 6.603   -15.118 0.097   1.00 32.82 ? 138 ARG A CZ    1 
ATOM   1018 N NH1   . ARG A 1 138 ? 6.350   -15.130 -1.221  1.00 29.72 ? 138 ARG A NH1   1 
ATOM   1019 N NH2   . ARG A 1 138 ? 7.836   -15.399 0.532   1.00 34.38 ? 138 ARG A NH2   1 
ATOM   1020 N N     . ALA A 1 139 ? 4.755   -10.027 2.457   1.00 6.85  ? 139 ALA A N     1 
ATOM   1021 C CA    . ALA A 1 139 ? 5.321   -9.671  3.780   1.00 8.97  ? 139 ALA A CA    1 
ATOM   1022 C C     . ALA A 1 139 ? 4.336   -10.083 4.851   1.00 9.59  ? 139 ALA A C     1 
ATOM   1023 O O     . ALA A 1 139 ? 3.165   -10.279 4.549   1.00 8.89  ? 139 ALA A O     1 
ATOM   1024 C CB    . ALA A 1 139 ? 5.524   -8.168  3.886   1.00 9.09  ? 139 ALA A CB    1 
ATOM   1025 N N     . THR A 1 140 ? 4.761   -10.247 6.102   1.00 8.18  ? 140 THR A N     1 
ATOM   1026 C CA    . THR A 1 140 ? 3.718   -10.528 7.079   1.00 6.28  ? 140 THR A CA    1 
ATOM   1027 C C     . THR A 1 140 ? 3.115   -9.172  7.461   1.00 8.44  ? 140 THR A C     1 
ATOM   1028 O O     . THR A 1 140 ? 3.725   -8.143  7.218   1.00 8.85  ? 140 THR A O     1 
ATOM   1029 C CB    . THR A 1 140 ? 4.273   -11.121 8.369   1.00 9.56  ? 140 THR A CB    1 
ATOM   1030 O OG1   . THR A 1 140 ? 5.172   -10.191 8.979   1.00 9.75  ? 140 THR A OG1   1 
ATOM   1031 C CG2   . THR A 1 140 ? 5.036   -12.433 8.085   1.00 9.83  ? 140 THR A CG2   1 
ATOM   1032 N N     . PRO A 1 141 ? 1.896   -9.170  8.009   1.00 10.23 ? 141 PRO A N     1 
ATOM   1033 C CA    . PRO A 1 141 ? 1.258   -7.898  8.419   1.00 13.29 ? 141 PRO A CA    1 
ATOM   1034 C C     . PRO A 1 141 ? 2.155   -7.211  9.430   1.00 11.68 ? 141 PRO A C     1 
ATOM   1035 O O     . PRO A 1 141 ? 2.285   -5.984  9.462   1.00 10.97 ? 141 PRO A O     1 
ATOM   1036 C CB    . PRO A 1 141 ? -0.060  -8.362  9.067   1.00 15.50 ? 141 PRO A CB    1 
ATOM   1037 C CG    . PRO A 1 141 ? -0.405  -9.607  8.331   1.00 18.81 ? 141 PRO A CG    1 
ATOM   1038 C CD    . PRO A 1 141 ? 0.941   -10.294 8.077   1.00 12.10 ? 141 PRO A CD    1 
ATOM   1039 N N     . LYS A 1 142 ? 2.795   -7.984  10.292  1.00 12.02 ? 142 LYS A N     1 
ATOM   1040 C CA    . LYS A 1 142 ? 3.686   -7.396  11.269  1.00 14.84 ? 142 LYS A CA    1 
ATOM   1041 C C     . LYS A 1 142 ? 4.876   -6.727  10.628  1.00 14.30 ? 142 LYS A C     1 
ATOM   1042 O O     . LYS A 1 142 ? 5.334   -5.690  11.118  1.00 13.06 ? 142 LYS A O     1 
ATOM   1043 C CB    . LYS A 1 142 ? 4.173   -8.434  12.272  1.00 21.33 ? 142 LYS A CB    1 
ATOM   1044 C CG    . LYS A 1 142 ? 3.481   -8.342  13.610  1.00 34.01 ? 142 LYS A CG    1 
ATOM   1045 C CD    . LYS A 1 142 ? 2.031   -8.771  13.533  1.00 34.56 ? 142 LYS A CD    1 
ATOM   1046 C CE    . LYS A 1 142 ? 1.714   -9.641  14.749  1.00 36.10 ? 142 LYS A CE    1 
ATOM   1047 N NZ    . LYS A 1 142 ? 0.283   -9.609  15.188  1.00 32.45 ? 142 LYS A NZ    1 
ATOM   1048 N N     . GLU A 1 143 ? 5.396   -7.296  9.534   1.00 11.78 ? 143 GLU A N     1 
ATOM   1049 C CA    . GLU A 1 143 ? 6.505   -6.651  8.830   1.00 9.54  ? 143 GLU A CA    1 
ATOM   1050 C C     . GLU A 1 143 ? 5.978   -5.363  8.150   1.00 11.81 ? 143 GLU A C     1 
ATOM   1051 O O     . GLU A 1 143 ? 6.671   -4.353  8.097   1.00 10.15 ? 143 GLU A O     1 
ATOM   1052 C CB    . GLU A 1 143 ? 7.109   -7.575  7.758   1.00 11.03 ? 143 GLU A CB    1 
ATOM   1053 C CG    . GLU A 1 143 ? 7.933   -8.712  8.419   1.00 12.11 ? 143 GLU A CG    1 
ATOM   1054 C CD    . GLU A 1 143 ? 8.382   -9.784  7.456   1.00 18.53 ? 143 GLU A CD    1 
ATOM   1055 O OE1   . GLU A 1 143 ? 7.631   -10.096 6.499   1.00 13.40 ? 143 GLU A OE1   1 
ATOM   1056 O OE2   . GLU A 1 143 ? 9.504   -10.345 7.672   1.00 15.53 ? 143 GLU A OE2   1 
ATOM   1057 N N     . LEU A 1 144 ? 4.750   -5.403  7.638   1.00 9.81  ? 144 LEU A N     1 
ATOM   1058 C CA    . LEU A 1 144 ? 4.215   -4.213  6.996   1.00 8.68  ? 144 LEU A CA    1 
ATOM   1059 C C     . LEU A 1 144 ? 4.076   -3.105  8.027   1.00 9.99  ? 144 LEU A C     1 
ATOM   1060 O O     . LEU A 1 144 ? 4.347   -1.932  7.727   1.00 9.31  ? 144 LEU A O     1 
ATOM   1061 C CB    . LEU A 1 144 ? 2.872   -4.533  6.352   1.00 8.50  ? 144 LEU A CB    1 
ATOM   1062 C CG    . LEU A 1 144 ? 2.140   -3.430  5.609   1.00 9.27  ? 144 LEU A CG    1 
ATOM   1063 C CD1   . LEU A 1 144 ? 3.022   -2.830  4.445   1.00 11.87 ? 144 LEU A CD1   1 
ATOM   1064 C CD2   . LEU A 1 144 ? 0.846   -4.064  5.020   1.00 9.67  ? 144 LEU A CD2   1 
ATOM   1065 N N     . LEU A 1 145 ? 3.644   -3.467  9.229   1.00 10.30 ? 145 LEU A N     1 
ATOM   1066 C CA    . LEU A 1 145 ? 3.555   -2.457  10.293  1.00 9.44  ? 145 LEU A CA    1 
ATOM   1067 C C     . LEU A 1 145 ? 4.953   -1.896  10.576  1.00 9.83  ? 145 LEU A C     1 
ATOM   1068 O O     . LEU A 1 145 ? 5.106   -0.699  10.747  1.00 11.74 ? 145 LEU A O     1 
ATOM   1069 C CB    . LEU A 1 145 ? 2.987   -3.054  11.599  1.00 9.35  ? 145 LEU A CB    1 
ATOM   1070 C CG    . LEU A 1 145 ? 1.460   -3.227  11.614  1.00 9.68  ? 145 LEU A CG    1 
ATOM   1071 C CD1   . LEU A 1 145 ? 1.073   -4.110  12.816  1.00 10.28 ? 145 LEU A CD1   1 
ATOM   1072 C CD2   . LEU A 1 145 ? 0.742   -1.884  11.608  1.00 11.05 ? 145 LEU A CD2   1 
ATOM   1073 N N     . ALA A 1 146 ? 5.967   -2.764  10.698  1.00 10.82 ? 146 ALA A N     1 
ATOM   1074 C CA    . ALA A 1 146 ? 7.329   -2.295  10.970  1.00 11.56 ? 146 ALA A CA    1 
ATOM   1075 C C     . ALA A 1 146 ? 7.860   -1.406  9.858   1.00 11.57 ? 146 ALA A C     1 
ATOM   1076 O O     . ALA A 1 146 ? 8.614   -0.461  10.100  1.00 11.31 ? 146 ALA A O     1 
ATOM   1077 C CB    . ALA A 1 146 ? 8.260   -3.476  11.162  1.00 11.84 ? 146 ALA A CB    1 
ATOM   1078 N N     . LEU A 1 147 ? 7.483   -1.709  8.619   1.00 10.02 ? 147 LEU A N     1 
ATOM   1079 C CA    . LEU A 1 147 ? 7.940   -0.921  7.482   1.00 8.73  ? 147 LEU A CA    1 
ATOM   1080 C C     . LEU A 1 147 ? 7.317   0.464   7.358   1.00 10.83 ? 147 LEU A C     1 
ATOM   1081 O O     . LEU A 1 147 ? 7.957   1.397   6.866   1.00 13.68 ? 147 LEU A O     1 
ATOM   1082 C CB    . LEU A 1 147 ? 7.670   -1.670  6.147   1.00 10.72 ? 147 LEU A CB    1 
ATOM   1083 C CG    . LEU A 1 147 ? 8.636   -2.810  5.753   1.00 12.91 ? 147 LEU A CG    1 
ATOM   1084 C CD1   . LEU A 1 147 ? 7.969   -3.749  4.729   1.00 13.49 ? 147 LEU A CD1   1 
ATOM   1085 C CD2   . LEU A 1 147 ? 9.938   -2.135  5.210   1.00 15.91 ? 147 LEU A CD2   1 
ATOM   1086 N N     . THR A 1 148 ? 6.103   0.621   7.862   1.00 9.62  ? 148 THR A N     1 
ATOM   1087 C CA    . THR A 1 148 ? 5.384   1.866   7.660   1.00 8.92  ? 148 THR A CA    1 
ATOM   1088 C C     . THR A 1 148 ? 5.108   2.677   8.901   1.00 9.32  ? 148 THR A C     1 
ATOM   1089 O O     . THR A 1 148 ? 4.715   3.846   8.782   1.00 10.62 ? 148 THR A O     1 
ATOM   1090 C CB    . THR A 1 148 ? 3.992   1.547   7.049   1.00 6.60  ? 148 THR A CB    1 
ATOM   1091 O OG1   . THR A 1 148 ? 3.297   0.686   7.972   1.00 7.91  ? 148 THR A OG1   1 
ATOM   1092 C CG2   . THR A 1 148 ? 4.149   0.794   5.723   1.00 10.21 ? 148 THR A CG2   1 
ATOM   1093 N N     . GLY A 1 149 ? 5.258   2.045   10.069  1.00 9.14  ? 149 GLY A N     1 
ATOM   1094 C CA    . GLY A 1 149 ? 4.938   2.703   11.327  1.00 8.62  ? 149 GLY A CA    1 
ATOM   1095 C C     . GLY A 1 149 ? 3.444   2.977   11.467  1.00 9.72  ? 149 GLY A C     1 
ATOM   1096 O O     . GLY A 1 149 ? 3.037   3.820   12.269  1.00 10.29 ? 149 GLY A O     1 
ATOM   1097 N N     . ALA A 1 150 ? 2.627   2.258   10.696  1.00 8.81  ? 150 ALA A N     1 
ATOM   1098 C CA    . ALA A 1 150 ? 1.199   2.529   10.647  1.00 6.83  ? 150 ALA A CA    1 
ATOM   1099 C C     . ALA A 1 150 ? 0.450   2.245   11.908  1.00 7.86  ? 150 ALA A C     1 
ATOM   1100 O O     . ALA A 1 150 ? 0.827   1.368   12.677  1.00 10.72 ? 150 ALA A O     1 
ATOM   1101 C CB    . ALA A 1 150 ? 0.569   1.741   9.526   1.00 8.32  ? 150 ALA A CB    1 
ATOM   1102 N N     . GLN A 1 151 ? -0.640  2.966   12.113  1.00 8.44  ? 151 GLN A N     1 
ATOM   1103 C CA    . GLN A 1 151 ? -1.435  2.624   13.276  1.00 10.73 ? 151 GLN A CA    1 
ATOM   1104 C C     . GLN A 1 151 ? -2.636  1.765   12.805  1.00 10.00 ? 151 GLN A C     1 
ATOM   1105 O O     . GLN A 1 151 ? -3.280  2.024   11.783  1.00 9.04  ? 151 GLN A O     1 
ATOM   1106 C CB    . GLN A 1 151 ? -1.861  3.875   14.011  1.00 16.15 ? 151 GLN A CB    1 
ATOM   1107 C CG    . GLN A 1 151 ? -2.696  4.799   13.335  1.00 21.56 ? 151 GLN A CG    1 
ATOM   1108 C CD    . GLN A 1 151 ? -3.091  5.962   14.305  1.00 23.43 ? 151 GLN A CD    1 
ATOM   1109 O OE1   . GLN A 1 151 ? -3.877  5.763   15.206  1.00 23.39 ? 151 GLN A OE1   1 
ATOM   1110 N NE2   . GLN A 1 151 ? -2.520  7.153   14.097  1.00 22.16 ? 151 GLN A NE2   1 
ATOM   1111 N N     . VAL A 1 152 ? -2.870  0.697   13.554  1.00 6.93  ? 152 VAL A N     1 
ATOM   1112 C CA    . VAL A 1 152 ? -3.953  -0.246  13.278  1.00 6.15  ? 152 VAL A CA    1 
ATOM   1113 C C     . VAL A 1 152 ? -5.296  0.469   13.481  1.00 8.73  ? 152 VAL A C     1 
ATOM   1114 O O     . VAL A 1 152 ? -5.490  1.139   14.511  1.00 7.56  ? 152 VAL A O     1 
ATOM   1115 C CB    . VAL A 1 152 ? -3.809  -1.446  14.226  1.00 6.54  ? 152 VAL A CB    1 
ATOM   1116 C CG1   . VAL A 1 152 ? -4.993  -2.383  14.062  1.00 7.59  ? 152 VAL A CG1   1 
ATOM   1117 C CG2   . VAL A 1 152 ? -2.472  -2.204  13.898  1.00 9.55  ? 152 VAL A CG2   1 
ATOM   1118 N N     . ALA A 1 153 ? -6.212  0.311   12.524  1.00 7.82  ? 153 ALA A N     1 
ATOM   1119 C CA    . ALA A 1 153 ? -7.498  1.009   12.602  1.00 5.08  ? 153 ALA A CA    1 
ATOM   1120 C C     . ALA A 1 153 ? -8.586  0.290   11.876  1.00 5.52  ? 153 ALA A C     1 
ATOM   1121 O O     . ALA A 1 153 ? -8.316  -0.527  10.968  1.00 6.43  ? 153 ALA A O     1 
ATOM   1122 C CB    . ALA A 1 153 ? -7.351  2.393   11.983  1.00 7.78  ? 153 ALA A CB    1 
ATOM   1123 N N     . ASP A 1 154 ? -9.814  0.625   12.273  1.00 8.10  ? 154 ASP A N     1 
ATOM   1124 C CA    . ASP A 1 154 ? -11.037 0.118   11.603  1.00 7.91  ? 154 ASP A CA    1 
ATOM   1125 C C     . ASP A 1 154 ? -11.223 1.134   10.469  1.00 7.17  ? 154 ASP A C     1 
ATOM   1126 O O     . ASP A 1 154 ? -11.617 2.291   10.683  1.00 7.43  ? 154 ASP A O     1 
ATOM   1127 C CB    . ASP A 1 154 ? -12.213 0.164   12.578  1.00 7.85  ? 154 ASP A CB    1 
ATOM   1128 C CG    . ASP A 1 154 ? -13.537 -0.001  11.865  1.00 3.65  ? 154 ASP A CG    1 
ATOM   1129 O OD1   . ASP A 1 154 ? -13.623 -0.659  10.797  1.00 7.63  ? 154 ASP A OD1   1 
ATOM   1130 O OD2   . ASP A 1 154 ? -14.499 0.574   12.419  1.00 8.55  ? 154 ASP A OD2   1 
ATOM   1131 N N     . LEU A 1 155 ? -10.902 0.710   9.253   1.00 5.32  ? 155 LEU A N     1 
ATOM   1132 C CA    . LEU A 1 155 ? -10.939 1.587   8.068   1.00 5.06  ? 155 LEU A CA    1 
ATOM   1133 C C     . LEU A 1 155 ? -12.033 1.247   7.111   1.00 5.92  ? 155 LEU A C     1 
ATOM   1134 O O     . LEU A 1 155 ? -12.423 2.100   6.300   1.00 7.89  ? 155 LEU A O     1 
ATOM   1135 C CB    . LEU A 1 155 ? -9.602  1.485   7.309   1.00 7.22  ? 155 LEU A CB    1 
ATOM   1136 C CG    . LEU A 1 155 ? -8.348  1.968   8.036   1.00 7.93  ? 155 LEU A CG    1 
ATOM   1137 C CD1   . LEU A 1 155 ? -7.124  1.862   7.111   1.00 8.43  ? 155 LEU A CD1   1 
ATOM   1138 C CD2   . LEU A 1 155 ? -8.489  3.417   8.395   1.00 7.55  ? 155 LEU A CD2   1 
ATOM   1139 N N     . LYS A 1 156 ? -12.570 0.046   7.201   1.00 8.03  ? 156 LYS A N     1 
ATOM   1140 C CA    . LYS A 1 156 ? -13.556 -0.362  6.198   1.00 6.34  ? 156 LYS A CA    1 
ATOM   1141 C C     . LYS A 1 156 ? -14.966 0.180   6.300   1.00 8.14  ? 156 LYS A C     1 
ATOM   1142 O O     . LYS A 1 156 ? -15.450 0.519   7.365   1.00 7.22  ? 156 LYS A O     1 
ATOM   1143 C CB    . LYS A 1 156 ? -13.616 -1.902  6.126   1.00 7.84  ? 156 LYS A CB    1 
ATOM   1144 C CG    . LYS A 1 156 ? -14.250 -2.574  7.355   1.00 8.16  ? 156 LYS A CG    1 
ATOM   1145 C CD    . LYS A 1 156 ? -14.466 -4.048  7.084   1.00 11.91 ? 156 LYS A CD    1 
ATOM   1146 C CE    . LYS A 1 156 ? -15.007 -4.764  8.279   1.00 14.31 ? 156 LYS A CE    1 
ATOM   1147 N NZ    . LYS A 1 156 ? -13.957 -5.129  9.254   1.00 16.69 ? 156 LYS A NZ    1 
ATOM   1148 N N     . GLU A 1 157 ? -15.626 0.263   5.154   1.00 7.18  ? 157 GLU A N     1 
ATOM   1149 C CA    . GLU A 1 157 ? -17.028 0.693   5.147   1.00 7.48  ? 157 GLU A CA    1 
ATOM   1150 C C     . GLU A 1 157 ? -17.884 -0.421  5.720   1.00 11.47 ? 157 GLU A C     1 
ATOM   1151 O O     . GLU A 1 157 ? -18.921 -0.130  6.331   1.00 9.50  ? 157 GLU A O     1 
ATOM   1152 C CB    . GLU A 1 157 ? -17.523 1.025   3.724   1.00 5.68  ? 157 GLU A CB    1 
ATOM   1153 C CG    . GLU A 1 157 ? -16.907 2.322   3.174   1.00 6.62  ? 157 GLU A CG    1 
ATOM   1154 C CD    . GLU A 1 157 ? -17.567 2.738   1.882   1.00 10.40 ? 157 GLU A CD    1 
ATOM   1155 O OE1   . GLU A 1 157 ? -18.332 1.928   1.262   1.00 9.42  ? 157 GLU A OE1   1 
ATOM   1156 O OE2   . GLU A 1 157 ? -17.292 3.885   1.488   1.00 11.67 ? 157 GLU A OE2   1 
ATOM   1157 N N     . GLY A 1 158 ? -17.500 -1.668  5.516   1.00 9.19  ? 158 GLY A N     1 
ATOM   1158 C CA    . GLY A 1 158 ? -18.282 -2.760  6.122   1.00 14.54 ? 158 GLY A CA    1 
ATOM   1159 C C     . GLY A 1 158 ? -18.140 -2.902  7.659   1.00 22.19 ? 158 GLY A C     1 
ATOM   1160 O O     . GLY A 1 158 ? -17.483 -2.059  8.317   1.00 19.05 ? 158 GLY A O     1 
ATOM   1161 O OXT   . GLY A 1 158 ? -18.701 -3.869  8.221   1.00 27.21 ? 158 GLY A OXT   1 
HETATM 1162 N N     . 5CA B 2 .   ? -1.543  -2.964  -7.702  1.00 14.06 ? 200 5CA A N     1 
HETATM 1163 C CA    . 5CA B 2 .   ? -2.874  -2.984  -7.079  1.00 14.12 ? 200 5CA A CA    1 
HETATM 1164 C CB    . 5CA B 2 .   ? -2.977  -4.148  -6.089  1.00 9.93  ? 200 5CA A CB    1 
HETATM 1165 S SG    . 5CA B 2 .   ? -1.618  -4.171  -4.858  1.00 14.83 ? 200 5CA A SG    1 
HETATM 1166 C C     . 5CA B 2 .   ? -3.160  -1.610  -6.461  1.00 15.55 ? 200 5CA A C     1 
HETATM 1167 O O     . 5CA B 2 .   ? -2.325  -0.713  -6.538  1.00 14.01 ? 200 5CA A O     1 
HETATM 1168 N N3S   . 5CA B 2 .   ? -4.347  -1.472  -5.875  1.00 14.03 ? 200 5CA A N3S   1 
HETATM 1169 S S     . 5CA B 2 .   ? -4.819  -0.052  -5.218  1.00 18.69 ? 200 5CA A S     1 
HETATM 1170 O O1S   . 5CA B 2 .   ? -3.893  0.406   -4.230  1.00 22.20 ? 200 5CA A O1S   1 
HETATM 1171 O O2S   . 5CA B 2 .   ? -6.176  -0.266  -4.613  1.00 19.55 ? 200 5CA A O2S   1 
HETATM 1172 O "O5'" . 5CA B 2 .   ? -4.914  0.948   -6.238  1.00 14.61 ? 200 5CA A "O5'" 1 
HETATM 1173 C "C5'" . 5CA B 2 .   ? -6.194  1.155   -6.837  1.00 22.27 ? 200 5CA A "C5'" 1 
HETATM 1174 C "C4'" . 5CA B 2 .   ? -6.990  2.199   -6.051  1.00 20.11 ? 200 5CA A "C4'" 1 
HETATM 1175 O "O4'" . 5CA B 2 .   ? -6.564  3.524   -6.417  1.00 20.29 ? 200 5CA A "O4'" 1 
HETATM 1176 C "C3'" . 5CA B 2 .   ? -8.486  2.141   -6.352  1.00 22.02 ? 200 5CA A "C3'" 1 
HETATM 1177 O "O3'" . 5CA B 2 .   ? -9.113  1.148   -5.534  1.00 20.48 ? 200 5CA A "O3'" 1 
HETATM 1178 C "C2'" . 5CA B 2 .   ? -8.898  3.530   -5.871  1.00 21.40 ? 200 5CA A "C2'" 1 
HETATM 1179 O "O2'" . 5CA B 2 .   ? -9.052  3.604   -4.448  1.00 20.37 ? 200 5CA A "O2'" 1 
HETATM 1180 C "C1'" . 5CA B 2 .   ? -7.717  4.384   -6.339  1.00 18.91 ? 200 5CA A "C1'" 1 
HETATM 1181 N N9    . 5CA B 2 .   ? -7.955  4.923   -7.696  1.00 21.89 ? 200 5CA A N9    1 
HETATM 1182 C C8    . 5CA B 2 .   ? -8.205  4.255   -8.824  1.00 21.18 ? 200 5CA A C8    1 
HETATM 1183 N N7    . 5CA B 2 .   ? -8.464  5.120   -9.807  1.00 17.64 ? 200 5CA A N7    1 
HETATM 1184 C C5    . 5CA B 2 .   ? -8.372  6.345   -9.300  1.00 20.22 ? 200 5CA A C5    1 
HETATM 1185 C C6    . 5CA B 2 .   ? -8.544  7.631   -9.798  1.00 25.75 ? 200 5CA A C6    1 
HETATM 1186 N N6    . 5CA B 2 .   ? -8.913  7.822   -11.063 1.00 25.40 ? 200 5CA A N6    1 
HETATM 1187 N N1    . 5CA B 2 .   ? -8.371  8.674   -8.972  1.00 28.30 ? 200 5CA A N1    1 
HETATM 1188 C C2    . 5CA B 2 .   ? -8.047  8.518   -7.700  1.00 26.09 ? 200 5CA A C2    1 
HETATM 1189 N N3    . 5CA B 2 .   ? -7.883  7.310   -7.189  1.00 26.20 ? 200 5CA A N3    1 
HETATM 1190 C C4    . 5CA B 2 .   ? -8.039  6.221   -7.956  1.00 19.93 ? 200 5CA A C4    1 
HETATM 1191 O O     . HOH C 3 .   ? 0.959   -3.811  -8.291  1.00 6.69  ? 201 HOH A O     1 
HETATM 1192 O O     . HOH C 3 .   ? -15.754 -2.488  3.151   1.00 7.06  ? 202 HOH A O     1 
HETATM 1193 O O     . HOH C 3 .   ? -12.610 -3.111  10.614  1.00 9.41  ? 203 HOH A O     1 
HETATM 1194 O O     . HOH C 3 .   ? -10.045 2.493   14.533  1.00 9.14  ? 204 HOH A O     1 
HETATM 1195 O O     . HOH C 3 .   ? -12.034 3.855   12.895  1.00 9.48  ? 205 HOH A O     1 
HETATM 1196 O O     . HOH C 3 .   ? -11.005 -2.093  8.617   1.00 7.13  ? 206 HOH A O     1 
HETATM 1197 O O     . HOH C 3 .   ? -12.553 6.590   12.749  1.00 9.17  ? 207 HOH A O     1 
HETATM 1198 O O     . HOH C 3 .   ? 0.199   -1.648  -1.925  1.00 9.18  ? 208 HOH A O     1 
HETATM 1199 O O     . HOH C 3 .   ? -14.107 -4.247  14.095  1.00 8.78  ? 209 HOH A O     1 
HETATM 1200 O O     . HOH C 3 .   ? 11.587  6.895   -9.111  1.00 12.74 ? 210 HOH A O     1 
HETATM 1201 O O     . HOH C 3 .   ? -10.381 -13.652 -3.551  1.00 16.94 ? 211 HOH A O     1 
HETATM 1202 O O     . HOH C 3 .   ? 4.335   5.250   6.370   1.00 13.45 ? 212 HOH A O     1 
HETATM 1203 O O     . HOH C 3 .   ? -7.744  -4.599  -15.684 1.00 9.28  ? 213 HOH A O     1 
HETATM 1204 O O     . HOH C 3 .   ? 10.433  10.871  -7.156  1.00 13.78 ? 214 HOH A O     1 
HETATM 1205 O O     . HOH C 3 .   ? 7.701   -11.359 -2.468  1.00 10.15 ? 215 HOH A O     1 
HETATM 1206 O O     . HOH C 3 .   ? -9.051  -10.548 7.789   1.00 10.15 ? 216 HOH A O     1 
HETATM 1207 O O     . HOH C 3 .   ? 4.268   3.633   -10.433 1.00 15.86 ? 217 HOH A O     1 
HETATM 1208 O O     . HOH C 3 .   ? -1.399  -0.123  -3.820  1.00 10.48 ? 218 HOH A O     1 
HETATM 1209 O O     . HOH C 3 .   ? -16.095 6.292   1.881   1.00 10.78 ? 219 HOH A O     1 
HETATM 1210 O O     . HOH C 3 .   ? 0.455   -10.434 -19.507 1.00 13.17 ? 220 HOH A O     1 
HETATM 1211 O O     . HOH C 3 .   ? 16.669  0.939   -5.782  1.00 11.05 ? 221 HOH A O     1 
HETATM 1212 O O     . HOH C 3 .   ? -10.514 -12.205 0.604   1.00 14.32 ? 222 HOH A O     1 
HETATM 1213 O O     . HOH C 3 .   ? 8.876   -11.227 -0.008  1.00 13.79 ? 223 HOH A O     1 
HETATM 1214 O O     . HOH C 3 .   ? 9.195   5.601   -9.083  1.00 12.72 ? 224 HOH A O     1 
HETATM 1215 O O     . HOH C 3 .   ? -3.506  -11.334 -12.659 1.00 11.07 ? 225 HOH A O     1 
HETATM 1216 O O     . HOH C 3 .   ? 7.204   12.338  -7.877  1.00 12.32 ? 226 HOH A O     1 
HETATM 1217 O O     . HOH C 3 .   ? 9.996   -10.760 -11.182 1.00 15.38 ? 227 HOH A O     1 
HETATM 1218 O O     . HOH C 3 .   ? -17.703 8.027   4.363   1.00 13.03 ? 228 HOH A O     1 
HETATM 1219 O O     . HOH C 3 .   ? 7.716   -13.815 -3.744  1.00 13.41 ? 229 HOH A O     1 
HETATM 1220 O O     . HOH C 3 .   ? -10.186 -5.606  -7.380  1.00 14.68 ? 230 HOH A O     1 
HETATM 1221 O O     . HOH C 3 .   ? 7.902   6.020   2.109   1.00 12.76 ? 231 HOH A O     1 
HETATM 1222 O O     . HOH C 3 .   ? -1.116  8.244   -10.772 1.00 16.08 ? 232 HOH A O     1 
HETATM 1223 O O     . HOH C 3 .   ? 8.149   0.730   -13.864 1.00 11.86 ? 233 HOH A O     1 
HETATM 1224 O O     . HOH C 3 .   ? -10.964 1.701   -0.925  1.00 14.34 ? 234 HOH A O     1 
HETATM 1225 O O     . HOH C 3 .   ? 10.949  -6.737  -14.296 1.00 16.15 ? 235 HOH A O     1 
HETATM 1226 O O     . HOH C 3 .   ? 5.629   4.347   4.210   1.00 13.09 ? 236 HOH A O     1 
HETATM 1227 O O     . HOH C 3 .   ? 3.035   5.935   9.936   1.00 14.35 ? 237 HOH A O     1 
HETATM 1228 O O     . HOH C 3 .   ? -12.254 14.834  11.666  1.00 15.86 ? 238 HOH A O     1 
HETATM 1229 O O     . HOH C 3 .   ? -9.854  -6.516  -12.148 1.00 20.46 ? 239 HOH A O     1 
HETATM 1230 O O     . HOH C 3 .   ? 17.323  3.359   -0.491  1.00 14.38 ? 240 HOH A O     1 
HETATM 1231 O O     . HOH C 3 .   ? 8.000   -12.528 5.311   1.00 20.14 ? 241 HOH A O     1 
HETATM 1232 O O     . HOH C 3 .   ? 14.593  -13.741 1.024   1.00 23.25 ? 242 HOH A O     1 
HETATM 1233 O O     . HOH C 3 .   ? -8.963  6.006   -2.737  1.00 14.40 ? 243 HOH A O     1 
HETATM 1234 O O     . HOH C 3 .   ? 0.263   -14.346 -17.993 1.00 15.73 ? 244 HOH A O     1 
HETATM 1235 O O     . HOH C 3 .   ? -3.381  3.592   -4.809  1.00 17.42 ? 245 HOH A O     1 
HETATM 1236 O O     . HOH C 3 .   ? 17.900  -5.253  4.505   1.00 16.94 ? 246 HOH A O     1 
HETATM 1237 O O     . HOH C 3 .   ? -8.868  -12.621 -7.979  1.00 12.80 ? 247 HOH A O     1 
HETATM 1238 O O     . HOH C 3 .   ? 13.508  3.749   -2.415  1.00 23.61 ? 248 HOH A O     1 
HETATM 1239 O O     . HOH C 3 .   ? -5.954  8.087   -5.089  1.00 15.05 ? 249 HOH A O     1 
HETATM 1240 O O     . HOH C 3 .   ? -17.288 -0.472  -2.824  1.00 12.53 ? 250 HOH A O     1 
HETATM 1241 O O     . HOH C 3 .   ? -4.104  1.806   16.880  1.00 16.46 ? 251 HOH A O     1 
HETATM 1242 O O     . HOH C 3 .   ? -1.620  1.286   -13.312 1.00 14.76 ? 252 HOH A O     1 
HETATM 1243 O O     . HOH C 3 .   ? 2.028   2.392   -11.629 1.00 15.09 ? 253 HOH A O     1 
HETATM 1244 O O     . HOH C 3 .   ? -2.599  -10.151 -17.118 1.00 15.44 ? 254 HOH A O     1 
HETATM 1245 O O     . HOH C 3 .   ? -3.762  6.631   -3.914  1.00 13.33 ? 255 HOH A O     1 
HETATM 1246 O O     . HOH C 3 .   ? -2.269  -10.821 14.301  1.00 17.83 ? 256 HOH A O     1 
HETATM 1247 O O     . HOH C 3 .   ? -19.527 2.639   6.704   1.00 19.73 ? 257 HOH A O     1 
HETATM 1248 O O     . HOH C 3 .   ? -0.224  7.346   11.666  1.00 17.23 ? 258 HOH A O     1 
HETATM 1249 O O     . HOH C 3 .   ? -9.496  5.433   -12.712 1.00 21.83 ? 259 HOH A O     1 
HETATM 1250 O O     . HOH C 3 .   ? -14.425 2.711   13.960  1.00 13.88 ? 260 HOH A O     1 
HETATM 1251 O O     . HOH C 3 .   ? -7.277  -2.503  -6.413  1.00 15.16 ? 261 HOH A O     1 
HETATM 1252 O O     . HOH C 3 .   ? -19.753 -3.454  10.820  1.00 24.08 ? 262 HOH A O     1 
HETATM 1253 O O     . HOH C 3 .   ? -14.268 -7.535  5.500   1.00 24.28 ? 263 HOH A O     1 
HETATM 1254 O O     . HOH C 3 .   ? 9.789   2.877   -13.541 1.00 17.11 ? 264 HOH A O     1 
HETATM 1255 O O     . HOH C 3 .   ? 2.051   -10.777 11.116  1.00 15.37 ? 265 HOH A O     1 
HETATM 1256 O O     . HOH C 3 .   ? -1.205  4.785   -13.522 1.00 18.93 ? 266 HOH A O     1 
HETATM 1257 O O     . HOH C 3 .   ? -15.964 -2.151  10.618  1.00 11.94 ? 267 HOH A O     1 
HETATM 1258 O O     . HOH C 3 .   ? -4.465  1.476   -12.639 1.00 17.40 ? 268 HOH A O     1 
HETATM 1259 O O     . HOH C 3 .   ? -5.663  -18.696 -1.705  1.00 18.17 ? 269 HOH A O     1 
HETATM 1260 O O     . HOH C 3 .   ? 9.070   9.355   -9.309  1.00 24.93 ? 270 HOH A O     1 
HETATM 1261 O O     . HOH C 3 .   ? 10.690  -12.930 0.816   1.00 17.82 ? 271 HOH A O     1 
HETATM 1262 O O     . HOH C 3 .   ? -15.721 11.778  10.039  1.00 17.51 ? 272 HOH A O     1 
HETATM 1263 O O     . HOH C 3 .   ? -1.993  2.016   -6.559  1.00 13.49 ? 273 HOH A O     1 
HETATM 1264 O O     . HOH C 3 .   ? 1.316   4.713   14.442  1.00 22.17 ? 274 HOH A O     1 
HETATM 1265 O O     . HOH C 3 .   ? -3.650  17.312  8.465   1.00 25.23 ? 275 HOH A O     1 
HETATM 1266 O O     . HOH C 3 .   ? -1.714  18.817  2.230   1.00 17.74 ? 276 HOH A O     1 
HETATM 1267 O O     . HOH C 3 .   ? 10.588  4.469   2.335   1.00 23.71 ? 277 HOH A O     1 
HETATM 1268 O O     . HOH C 3 .   ? -8.254  17.836  2.372   1.00 25.08 ? 278 HOH A O     1 
HETATM 1269 O O     . HOH C 3 .   ? -18.919 0.582   9.429   1.00 16.55 ? 279 HOH A O     1 
HETATM 1270 O O     . HOH C 3 .   ? -15.678 13.024  14.297  1.00 20.50 ? 280 HOH A O     1 
HETATM 1271 O O     . HOH C 3 .   ? -10.610 -3.993  -3.396  1.00 22.65 ? 281 HOH A O     1 
HETATM 1272 O O     . HOH C 3 .   ? 16.333  -8.643  6.329   1.00 21.44 ? 282 HOH A O     1 
HETATM 1273 O O     . HOH C 3 .   ? 0.685   -17.818 -2.903  1.00 31.24 ? 283 HOH A O     1 
HETATM 1274 O O     . HOH C 3 .   ? -11.164 11.991  16.108  1.00 30.19 ? 284 HOH A O     1 
HETATM 1275 O O     . HOH C 3 .   ? 1.271   14.253  6.704   1.00 19.76 ? 285 HOH A O     1 
HETATM 1276 O O     . HOH C 3 .   ? 8.091   4.201   9.462   1.00 26.31 ? 286 HOH A O     1 
HETATM 1277 O O     . HOH C 3 .   ? -18.402 -0.386  -0.152  1.00 20.70 ? 287 HOH A O     1 
HETATM 1278 O O     . HOH C 3 .   ? -4.409  17.194  -9.020  1.00 27.20 ? 288 HOH A O     1 
HETATM 1279 O O     . HOH C 3 .   ? -9.661  -9.483  -12.938 1.00 20.55 ? 289 HOH A O     1 
HETATM 1280 O O     . HOH C 3 .   ? -13.353 4.801   -0.444  1.00 16.49 ? 290 HOH A O     1 
HETATM 1281 O O     . HOH C 3 .   ? -3.986  -17.515 0.644   1.00 21.39 ? 291 HOH A O     1 
HETATM 1282 O O     . HOH C 3 .   ? -10.182 -13.179 -10.300 1.00 21.95 ? 292 HOH A O     1 
HETATM 1283 O O     . HOH C 3 .   ? -15.826 -5.302  3.464   1.00 15.49 ? 293 HOH A O     1 
HETATM 1284 O O     . HOH C 3 .   ? 6.274   4.255   -12.301 1.00 21.23 ? 294 HOH A O     1 
HETATM 1285 O O     . HOH C 3 .   ? -10.063 -13.645 2.719   1.00 26.61 ? 295 HOH A O     1 
HETATM 1286 O O     . HOH C 3 .   ? 20.563  3.333   1.320   1.00 24.52 ? 296 HOH A O     1 
HETATM 1287 O O     . HOH C 3 .   ? 5.313   6.748   3.121   1.00 25.27 ? 297 HOH A O     1 
HETATM 1288 O O     . HOH C 3 .   ? 2.767   15.039  3.704   1.00 21.50 ? 298 HOH A O     1 
HETATM 1289 O O     . HOH C 3 .   ? -6.785  7.287   -2.506  1.00 17.76 ? 299 HOH A O     1 
HETATM 1290 O O     . HOH C 3 .   ? 7.339   15.984  -5.810  1.00 22.54 ? 300 HOH A O     1 
HETATM 1291 O O     . HOH C 3 .   ? 0.926   -14.111 -12.159 1.00 26.10 ? 301 HOH A O     1 
HETATM 1292 O O     . HOH C 3 .   ? -8.385  -13.157 7.701   1.00 20.36 ? 302 HOH A O     1 
HETATM 1293 O O     . HOH C 3 .   ? -7.718  -11.369 -12.414 1.00 21.07 ? 303 HOH A O     1 
HETATM 1294 O O     . HOH C 3 .   ? -20.837 1.824   2.472   1.00 19.88 ? 304 HOH A O     1 
HETATM 1295 O O     . HOH C 3 .   ? -12.308 12.672  -1.811  1.00 19.50 ? 305 HOH A O     1 
HETATM 1296 O O     . HOH C 3 .   ? -1.593  10.271  11.183  1.00 23.84 ? 306 HOH A O     1 
HETATM 1297 O O     . HOH C 3 .   ? 3.115   -16.050 -13.607 1.00 25.92 ? 307 HOH A O     1 
HETATM 1298 O O     . HOH C 3 .   ? -18.581 5.378   3.979   1.00 18.61 ? 308 HOH A O     1 
HETATM 1299 O O     . HOH C 3 .   ? -10.448 0.618   -3.134  1.00 21.95 ? 309 HOH A O     1 
HETATM 1300 O O     . HOH C 3 .   ? -16.238 -4.574  0.281   1.00 28.38 ? 310 HOH A O     1 
HETATM 1301 O O     . HOH C 3 .   ? -15.574 -8.257  1.479   1.00 26.86 ? 311 HOH A O     1 
HETATM 1302 O O     . HOH C 3 .   ? 4.311   -17.068 -2.137  1.00 31.67 ? 312 HOH A O     1 
HETATM 1303 O O     . HOH C 3 .   ? -18.450 6.273   8.421   1.00 22.58 ? 313 HOH A O     1 
HETATM 1304 O O     . HOH C 3 .   ? 0.932   -17.880 4.319   1.00 38.95 ? 314 HOH A O     1 
HETATM 1305 O O     . HOH C 3 .   ? -6.450  -16.346 -6.097  1.00 31.13 ? 315 HOH A O     1 
HETATM 1306 O O     . HOH C 3 .   ? 13.562  -8.557  -5.974  1.00 27.57 ? 316 HOH A O     1 
HETATM 1307 O O     . HOH C 3 .   ? -2.212  15.241  -15.534 1.00 31.40 ? 317 HOH A O     1 
HETATM 1308 O O     . HOH C 3 .   ? -4.234  9.548   14.370  1.00 22.42 ? 318 HOH A O     1 
HETATM 1309 O O     . HOH C 3 .   ? -3.540  13.165  12.905  1.00 28.21 ? 319 HOH A O     1 
HETATM 1310 O O     . HOH C 3 .   ? 6.076   0.342   13.408  1.00 31.32 ? 320 HOH A O     1 
HETATM 1311 O O     . HOH C 3 .   ? -13.087 14.523  4.943   1.00 16.89 ? 321 HOH A O     1 
HETATM 1312 O O     . HOH C 3 .   ? 6.035   12.780  7.401   1.00 16.14 ? 322 HOH A O     1 
HETATM 1313 O O     . HOH C 3 .   ? 8.215   3.669   5.185   1.00 24.20 ? 323 HOH A O     1 
HETATM 1314 O O     . HOH C 3 .   ? 16.572  -3.285  -11.729 1.00 30.24 ? 324 HOH A O     1 
HETATM 1315 O O     . HOH C 3 .   ? 0.616   14.987  9.307   1.00 27.15 ? 325 HOH A O     1 
HETATM 1316 O O     . HOH C 3 .   ? -15.136 -7.508  10.499  1.00 41.21 ? 326 HOH A O     1 
HETATM 1317 O O     . HOH C 3 .   ? -11.845 3.776   -4.004  1.00 25.14 ? 327 HOH A O     1 
HETATM 1318 O O     . HOH C 3 .   ? 6.178   7.309   -11.592 1.00 43.90 ? 328 HOH A O     1 
HETATM 1319 O O     . HOH C 3 .   ? -12.290 -6.342  11.587  1.00 23.35 ? 329 HOH A O     1 
HETATM 1320 O O     . HOH C 3 .   ? 10.511  1.319   8.685   1.00 37.13 ? 330 HOH A O     1 
HETATM 1321 O O     . HOH C 3 .   ? 3.486   0.043   12.685  1.00 21.64 ? 331 HOH A O     1 
HETATM 1322 O O     . HOH C 3 .   ? 16.933  -8.102  -1.398  1.00 29.19 ? 332 HOH A O     1 
HETATM 1323 O O     . HOH C 3 .   ? -14.728 6.479   16.306  1.00 26.71 ? 333 HOH A O     1 
HETATM 1324 O O     . HOH C 3 .   ? -6.152  -8.277  -16.644 1.00 34.16 ? 334 HOH A O     1 
HETATM 1325 O O     . HOH C 3 .   ? 12.615  7.356   -1.918  1.00 27.15 ? 335 HOH A O     1 
HETATM 1326 O O     . HOH C 3 .   ? 11.028  -9.612  9.670   1.00 27.68 ? 336 HOH A O     1 
HETATM 1327 O O     . HOH C 3 .   ? -12.814 -6.752  -3.101  1.00 27.60 ? 337 HOH A O     1 
HETATM 1328 O O     . HOH C 3 .   ? 6.405   -11.306 11.163  1.00 25.45 ? 338 HOH A O     1 
HETATM 1329 O O     . HOH C 3 .   ? 12.177  -9.822  -9.167  1.00 29.00 ? 339 HOH A O     1 
HETATM 1330 O O     . HOH C 3 .   ? 19.138  -5.504  -11.493 1.00 48.27 ? 340 HOH A O     1 
HETATM 1331 O O     . HOH C 3 .   ? -9.221  11.381  -8.915  1.00 42.13 ? 341 HOH A O     1 
HETATM 1332 O O     . HOH C 3 .   ? -5.860  4.532   14.918  1.00 30.90 ? 342 HOH A O     1 
HETATM 1333 O O     . HOH C 3 .   ? -5.312  0.088   -9.908  1.00 21.83 ? 343 HOH A O     1 
HETATM 1334 O O     . HOH C 3 .   ? -16.960 10.823  12.055  1.00 32.55 ? 344 HOH A O     1 
HETATM 1335 O O     . HOH C 3 .   ? 2.120   17.183  -10.874 1.00 35.92 ? 345 HOH A O     1 
HETATM 1336 O O     . HOH C 3 .   ? -1.744  14.592  11.664  1.00 35.48 ? 346 HOH A O     1 
HETATM 1337 O O     . HOH C 3 .   ? 13.161  0.016   9.507   1.00 28.57 ? 347 HOH A O     1 
HETATM 1338 O O     . HOH C 3 .   ? 10.442  -14.072 -4.066  1.00 15.19 ? 348 HOH A O     1 
HETATM 1339 O O     . HOH C 3 .   ? 4.832   -13.931 11.501  1.00 16.23 ? 349 HOH A O     1 
HETATM 1340 O O     . HOH C 3 .   ? -15.935 -4.441  11.837  1.00 18.06 ? 350 HOH A O     1 
HETATM 1341 O O     . HOH C 3 .   ? -10.261 -3.371  -5.836  1.00 19.18 ? 351 HOH A O     1 
HETATM 1342 O O     . HOH C 3 .   ? -11.568 7.317   15.391  1.00 17.66 ? 352 HOH A O     1 
HETATM 1343 O O     . HOH C 3 .   ? -0.535  17.066  0.496   1.00 23.01 ? 353 HOH A O     1 
HETATM 1344 O O     . HOH C 3 .   ? -12.099 -7.118  -6.107  1.00 18.83 ? 354 HOH A O     1 
HETATM 1345 O O     . HOH C 3 .   ? -14.414 -10.049 -8.001  1.00 19.42 ? 355 HOH A O     1 
HETATM 1346 O O     . HOH C 3 .   ? -8.660  -1.154  -8.512  1.00 23.49 ? 356 HOH A O     1 
HETATM 1347 O O     . HOH C 3 .   ? -14.642 13.671  11.739  1.00 17.84 ? 357 HOH A O     1 
HETATM 1348 O O     . HOH C 3 .   ? -3.891  -16.955 4.335   1.00 24.20 ? 358 HOH A O     1 
HETATM 1349 O O     . HOH C 3 .   ? 1.375   3.381   -13.898 1.00 19.42 ? 359 HOH A O     1 
HETATM 1350 O O     . HOH C 3 .   ? 13.306  3.696   2.228   1.00 18.67 ? 360 HOH A O     1 
HETATM 1351 O O     . HOH C 3 .   ? -10.935 4.460   -1.568  1.00 22.66 ? 361 HOH A O     1 
HETATM 1352 O O     . HOH C 3 .   ? -10.748 -12.230 -6.176  1.00 17.12 ? 362 HOH A O     1 
HETATM 1353 O O     . HOH C 3 .   ? -13.269 -11.892 0.156   1.00 20.91 ? 363 HOH A O     1 
HETATM 1354 O O     . HOH C 3 .   ? -5.758  3.658   -13.267 1.00 25.23 ? 364 HOH A O     1 
HETATM 1355 O O     . HOH C 3 .   ? -19.802 11.656  12.098  1.00 20.87 ? 365 HOH A O     1 
HETATM 1356 O O     . HOH C 3 .   ? -0.713  -15.613 -13.430 1.00 19.64 ? 366 HOH A O     1 
HETATM 1357 O O     . HOH C 3 .   ? 2.218   17.140  1.320   1.00 25.17 ? 367 HOH A O     1 
HETATM 1358 O O     . HOH C 3 .   ? -12.574 16.878  10.068  1.00 22.92 ? 368 HOH A O     1 
HETATM 1359 O O     . HOH C 3 .   ? 11.521  -14.608 -1.667  1.00 27.08 ? 369 HOH A O     1 
HETATM 1360 O O     . HOH C 3 .   ? -14.080 10.746  -2.092  1.00 27.01 ? 370 HOH A O     1 
HETATM 1361 O O     . HOH C 3 .   ? -17.871 14.007  14.880  1.00 27.93 ? 371 HOH A O     1 
HETATM 1362 O O     . HOH C 3 .   ? -0.513  8.962   -13.375 1.00 22.26 ? 372 HOH A O     1 
HETATM 1363 O O     . HOH C 3 .   ? -9.097  14.131  16.683  1.00 31.22 ? 373 HOH A O     1 
HETATM 1364 O O     . HOH C 3 .   ? -15.361 6.512   12.857  1.00 20.90 ? 374 HOH A O     1 
HETATM 1365 O O     . HOH C 3 .   ? -6.712  17.767  7.490   1.00 26.07 ? 375 HOH A O     1 
HETATM 1366 O O     . HOH C 3 .   ? -16.769 8.621   11.579  1.00 29.55 ? 376 HOH A O     1 
HETATM 1367 O O     . HOH C 3 .   ? 9.714   5.534   4.291   1.00 23.50 ? 377 HOH A O     1 
HETATM 1368 O O     . HOH C 3 .   ? -12.368 14.207  -4.054  1.00 27.80 ? 378 HOH A O     1 
HETATM 1369 O O     . HOH C 3 .   ? 0.286   20.465  3.334   1.00 27.38 ? 379 HOH A O     1 
HETATM 1370 O O     . HOH C 3 .   ? 5.106   17.445  -10.529 1.00 26.98 ? 380 HOH A O     1 
HETATM 1371 O O     . HOH C 3 .   ? 14.748  -3.256  10.302  1.00 27.30 ? 381 HOH A O     1 
HETATM 1372 O O     . HOH C 3 .   ? 2.032   17.664  8.326   1.00 31.65 ? 382 HOH A O     1 
HETATM 1373 O O     . HOH C 3 .   ? -10.381 -4.845  -15.130 1.00 39.26 ? 383 HOH A O     1 
HETATM 1374 O O     . HOH C 3 .   ? 15.943  -2.904  -15.537 1.00 28.41 ? 384 HOH A O     1 
HETATM 1375 O O     . HOH C 3 .   ? -19.087 4.687   10.875  1.00 33.78 ? 385 HOH A O     1 
HETATM 1376 O O     . HOH C 3 .   ? -13.585 14.483  -0.081  1.00 28.29 ? 386 HOH A O     1 
HETATM 1377 O O     . HOH C 3 .   ? -1.587  -17.085 0.384   1.00 26.42 ? 387 HOH A O     1 
HETATM 1378 O O     . HOH C 3 .   ? -5.872  17.560  9.848   1.00 35.02 ? 388 HOH A O     1 
HETATM 1379 O O     . HOH C 3 .   ? -10.923 18.173  1.943   1.00 29.08 ? 389 HOH A O     1 
HETATM 1380 O O     . HOH C 3 .   ? 10.865  -14.367 5.865   1.00 34.16 ? 390 HOH A O     1 
HETATM 1381 O O     . HOH C 3 .   ? 18.309  -9.290  4.670   1.00 32.77 ? 391 HOH A O     1 
HETATM 1382 O O     . HOH C 3 .   ? -8.289  -15.108 -7.336  1.00 29.20 ? 392 HOH A O     1 
HETATM 1383 O O     . HOH C 3 .   ? -5.639  16.632  12.136  1.00 29.50 ? 393 HOH A O     1 
HETATM 1384 O O     . HOH C 3 .   ? -8.728  19.617  12.077  1.00 35.96 ? 394 HOH A O     1 
HETATM 1385 O O     . HOH C 3 .   ? -2.176  18.401  -9.347  1.00 40.84 ? 395 HOH A O     1 
HETATM 1386 O O     . HOH C 3 .   ? 6.705   10.615  -12.902 1.00 39.82 ? 396 HOH A O     1 
HETATM 1387 O O     . HOH C 3 .   ? 8.378   -17.332 -2.543  1.00 28.85 ? 397 HOH A O     1 
HETATM 1388 O O     . HOH C 3 .   ? 6.945   -15.016 6.100   1.00 32.24 ? 398 HOH A O     1 
HETATM 1389 O O     . HOH C 3 .   ? 20.878  3.987   3.843   1.00 34.14 ? 399 HOH A O     1 
HETATM 1390 O O     . HOH C 3 .   ? -20.330 13.006  14.458  1.00 31.37 ? 400 HOH A O     1 
HETATM 1391 O O     . HOH C 3 .   ? -13.253 -12.349 -13.465 1.00 34.70 ? 401 HOH A O     1 
HETATM 1392 O O     . HOH C 3 .   ? -8.743  -15.403 -15.697 1.00 35.96 ? 402 HOH A O     1 
HETATM 1393 O O     . HOH C 3 .   ? 5.252   -18.418 1.585   1.00 33.67 ? 403 HOH A O     1 
HETATM 1394 O O     . HOH C 3 .   ? 7.291   -12.810 2.791   1.00 39.34 ? 404 HOH A O     1 
HETATM 1395 O O     . HOH C 3 .   ? 14.541  -9.246  -9.976  1.00 35.64 ? 405 HOH A O     1 
HETATM 1396 O O     . HOH C 3 .   ? 3.877   14.874  1.399   1.00 36.97 ? 406 HOH A O     1 
HETATM 1397 O O     . HOH C 3 .   ? -12.378 -12.854 4.700   1.00 31.60 ? 407 HOH A O     1 
HETATM 1398 O O     . HOH C 3 .   ? 2.121   -8.637  17.605  1.00 32.37 ? 408 HOH A O     1 
HETATM 1399 O O     . HOH C 3 .   ? -1.117  -15.773 4.310   1.00 34.38 ? 409 HOH A O     1 
HETATM 1400 O O     . HOH C 3 .   ? -9.303  10.769  -12.044 1.00 31.99 ? 410 HOH A O     1 
HETATM 1401 O O     . HOH C 3 .   ? 5.029   13.309  -0.163  1.00 37.37 ? 411 HOH A O     1 
HETATM 1402 O O     . HOH C 3 .   ? -2.290  19.362  -3.660  1.00 34.15 ? 412 HOH A O     1 
HETATM 1403 O O     . HOH C 3 .   ? 17.061  -13.451 1.888   1.00 38.38 ? 413 HOH A O     1 
HETATM 1404 O O     . HOH C 3 .   ? -12.330 -9.890  -6.066  1.00 19.20 ? 414 HOH A O     1 
HETATM 1405 O O     . HOH C 3 .   ? -12.664 0.186   -4.438  1.00 28.59 ? 415 HOH A O     1 
HETATM 1406 O O     . HOH C 3 .   ? -13.138 8.214   -0.801  1.00 27.08 ? 416 HOH A O     1 
HETATM 1407 O O     . HOH C 3 .   ? 15.645  -5.248  -16.138 1.00 30.07 ? 417 HOH A O     1 
HETATM 1408 O O     . HOH C 3 .   ? -14.035 -10.976 -4.219  1.00 29.26 ? 418 HOH A O     1 
HETATM 1409 O O     . HOH C 3 .   ? 5.846   15.575  -1.788  1.00 30.46 ? 419 HOH A O     1 
HETATM 1410 O O     . HOH C 3 .   ? -16.745 15.280  11.047  1.00 29.59 ? 420 HOH A O     1 
HETATM 1411 O O     . HOH C 3 .   ? -17.326 -6.626  5.635   1.00 35.42 ? 421 HOH A O     1 
HETATM 1412 O O     . HOH C 3 .   ? 2.556   18.611  3.575   1.00 35.13 ? 422 HOH A O     1 
HETATM 1413 O O     . HOH C 3 .   ? -9.728  11.869  -6.560  1.00 30.09 ? 423 HOH A O     1 
HETATM 1414 O O     . HOH C 3 .   ? -16.067 15.681  8.202   1.00 28.70 ? 424 HOH A O     1 
HETATM 1415 O O     . HOH C 3 .   ? 20.612  1.590   5.620   1.00 34.32 ? 425 HOH A O     1 
HETATM 1416 O O     . HOH C 3 .   ? -14.050 17.168  7.664   1.00 34.39 ? 426 HOH A O     1 
HETATM 1417 O O     . HOH C 3 .   ? 19.030  -1.967  -15.515 1.00 36.98 ? 427 HOH A O     1 
HETATM 1418 O O     . HOH C 3 .   ? -12.647 -13.995 -7.106  1.00 33.32 ? 428 HOH A O     1 
HETATM 1419 O O     . HOH C 3 .   ? -0.700  18.075  -1.869  1.00 37.43 ? 429 HOH A O     1 
HETATM 1420 O O     . HOH C 3 .   ? 9.668   -13.742 3.562   1.00 35.66 ? 430 HOH A O     1 
HETATM 1421 O O     . HOH C 3 .   ? 7.433   5.285   6.941   1.00 34.51 ? 431 HOH A O     1 
HETATM 1422 O O     . HOH C 3 .   ? -9.211  13.230  -10.951 1.00 30.04 ? 432 HOH A O     1 
HETATM 1423 O O     . HOH C 3 .   ? -9.911  14.323  -5.370  1.00 36.19 ? 433 HOH A O     1 
HETATM 1424 O O     . HOH C 3 .   ? -0.277  7.088   14.318  1.00 39.51 ? 434 HOH A O     1 
HETATM 1425 O O     . HOH C 3 .   ? -3.951  20.414  -1.716  1.00 40.46 ? 435 HOH A O     1 
HETATM 1426 O O     . HOH C 3 .   ? -12.793 -12.980 -2.478  1.00 32.40 ? 436 HOH A O     1 
HETATM 1427 O O     . HOH C 3 .   ? 18.123  -6.497  -4.777  1.00 37.75 ? 437 HOH A O     1 
HETATM 1428 O O     . HOH C 3 .   ? 13.714  -7.888  9.290   1.00 27.76 ? 438 HOH A O     1 
HETATM 1429 O O     . HOH C 3 .   ? -0.464  -16.100 -1.764  1.00 33.42 ? 439 HOH A O     1 
HETATM 1430 O O     . HOH C 3 .   ? -7.312  12.597  15.571  1.00 39.90 ? 440 HOH A O     1 
HETATM 1431 O O     . HOH C 3 .   ? 4.454   17.233  -3.107  1.00 31.82 ? 441 HOH A O     1 
HETATM 1432 O O     . HOH C 3 .   ? 7.702   -18.854 1.907   1.00 38.79 ? 442 HOH A O     1 
HETATM 1433 O O     . HOH C 3 .   ? -9.291  16.836  -6.245  1.00 29.80 ? 443 HOH A O     1 
HETATM 1434 O O     . HOH C 3 .   ? -0.985  -10.603 11.702  1.00 42.78 ? 444 HOH A O     1 
HETATM 1435 O O     . HOH C 3 .   ? 8.840   6.079   -12.922 1.00 37.46 ? 445 HOH A O     1 
HETATM 1436 O O     . HOH C 3 .   ? 15.437  -0.484  -14.103 1.00 34.43 ? 446 HOH A O     1 
HETATM 1437 O O     . HOH C 3 .   ? -18.212 -5.673  10.421  1.00 40.13 ? 447 HOH A O     1 
HETATM 1438 O O     . HOH C 3 .   ? 2.382   21.091  6.594   1.00 37.49 ? 448 HOH A O     1 
HETATM 1439 O O     . HOH C 3 .   ? 13.244  -15.110 5.415   1.00 41.82 ? 449 HOH A O     1 
HETATM 1440 O O     . HOH C 3 .   ? -7.197  13.899  -12.307 1.00 41.92 ? 450 HOH A O     1 
HETATM 1441 O O     . HOH C 3 .   ? -13.037 -16.022 -5.594  1.00 37.31 ? 451 HOH A O     1 
HETATM 1442 O O     . HOH C 3 .   ? -13.426 17.762  2.636   1.00 38.91 ? 452 HOH A O     1 
HETATM 1443 O O     . HOH C 3 .   ? 8.104   15.434  -2.632  1.00 39.29 ? 453 HOH A O     1 
HETATM 1444 O O     . HOH C 3 .   ? -8.779  -8.568  -15.609 1.00 38.34 ? 454 HOH A O     1 
HETATM 1445 O O     . HOH C 3 .   ? 15.837  -14.244 6.210   1.00 32.63 ? 455 HOH A O     1 
# 
loop_
_pdbx_poly_seq_scheme.asym_id 
_pdbx_poly_seq_scheme.entity_id 
_pdbx_poly_seq_scheme.seq_id 
_pdbx_poly_seq_scheme.mon_id 
_pdbx_poly_seq_scheme.ndb_seq_num 
_pdbx_poly_seq_scheme.pdb_seq_num 
_pdbx_poly_seq_scheme.auth_seq_num 
_pdbx_poly_seq_scheme.pdb_mon_id 
_pdbx_poly_seq_scheme.auth_mon_id 
_pdbx_poly_seq_scheme.pdb_strand_id 
_pdbx_poly_seq_scheme.pdb_ins_code 
_pdbx_poly_seq_scheme.hetero 
A 1 1   MET 1   1   ?   ?   ?   A . n 
A 1 2   SER 2   2   2   SER SER A . n 
A 1 3   LEU 3   3   3   LEU LEU A . n 
A 1 4   SER 4   4   4   SER SER A . n 
A 1 5   PRO 5   5   5   PRO PRO A . n 
A 1 6   SER 6   6   6   SER SER A . n 
A 1 7   ALA 7   7   7   ALA ALA A . n 
A 1 8   ARG 8   8   8   ARG ARG A . n 
A 1 9   ARG 9   9   9   ARG ARG A . n 
A 1 10  VAL 10  10  10  VAL VAL A . n 
A 1 11  GLN 11  11  11  GLN GLN A . n 
A 1 12  GLY 12  12  12  GLY GLY A . n 
A 1 13  ALA 13  13  13  ALA ALA A . n 
A 1 14  LEU 14  14  14  LEU LEU A . n 
A 1 15  GLU 15  15  15  GLU GLU A . n 
A 1 16  THR 16  16  16  THR THR A . n 
A 1 17  ARG 17  17  17  ARG ARG A . n 
A 1 18  GLY 18  18  18  GLY GLY A . n 
A 1 19  PHE 19  19  19  PHE PHE A . n 
A 1 20  GLY 20  20  20  GLY GLY A . n 
A 1 21  HIS 21  21  21  HIS HIS A . n 
A 1 22  LEU 22  22  22  LEU LEU A . n 
A 1 23  LYS 23  23  23  LYS LYS A . n 
A 1 24  VAL 24  24  24  VAL VAL A . n 
A 1 25  VAL 25  25  25  VAL VAL A . n 
A 1 26  GLU 26  26  26  GLU GLU A . n 
A 1 27  LEU 27  27  27  LEU LEU A . n 
A 1 28  PRO 28  28  28  PRO PRO A . n 
A 1 29  ALA 29  29  29  ALA ALA A . n 
A 1 30  SER 30  30  30  SER SER A . n 
A 1 31  THR 31  31  31  THR THR A . n 
A 1 32  ARG 32  32  32  ARG ARG A . n 
A 1 33  THR 33  33  33  THR THR A . n 
A 1 34  ALA 34  34  34  ALA ALA A . n 
A 1 35  LYS 35  35  35  LYS LYS A . n 
A 1 36  GLU 36  36  36  GLU GLU A . n 
A 1 37  ALA 37  37  37  ALA ALA A . n 
A 1 38  ALA 38  38  38  ALA ALA A . n 
A 1 39  GLN 39  39  39  GLN GLN A . n 
A 1 40  ALA 40  40  40  ALA ALA A . n 
A 1 41  VAL 41  41  41  VAL VAL A . n 
A 1 42  GLY 42  42  42  GLY GLY A . n 
A 1 43  ALA 43  43  43  ALA ALA A . n 
A 1 44  GLU 44  44  44  GLU GLU A . n 
A 1 45  VAL 45  45  45  VAL VAL A . n 
A 1 46  GLY 46  46  46  GLY GLY A . n 
A 1 47  GLN 47  47  47  GLN GLN A . n 
A 1 48  ILE 48  48  48  ILE ILE A . n 
A 1 49  VAL 49  49  49  VAL VAL A . n 
A 1 50  LYS 50  50  50  LYS LYS A . n 
A 1 51  SER 51  51  51  SER SER A . n 
A 1 52  LEU 52  52  52  LEU LEU A . n 
A 1 53  VAL 53  53  53  VAL VAL A . n 
A 1 54  PHE 54  54  54  PHE PHE A . n 
A 1 55  VAL 55  55  55  VAL VAL A . n 
A 1 56  GLY 56  56  56  GLY GLY A . n 
A 1 57  GLU 57  57  57  GLU GLU A . n 
A 1 58  LYS 58  58  58  LYS LYS A . n 
A 1 59  GLY 59  59  59  GLY GLY A . n 
A 1 60  ALA 60  60  60  ALA ALA A . n 
A 1 61  TYR 61  61  61  TYR TYR A . n 
A 1 62  LEU 62  62  62  LEU LEU A . n 
A 1 63  PHE 63  63  63  PHE PHE A . n 
A 1 64  LEU 64  64  64  LEU LEU A . n 
A 1 65  VAL 65  65  65  VAL VAL A . n 
A 1 66  SER 66  66  66  SER SER A . n 
A 1 67  GLY 67  67  67  GLY GLY A . n 
A 1 68  LYS 68  68  68  LYS LYS A . n 
A 1 69  ASN 69  69  69  ASN ASN A . n 
A 1 70  ARG 70  70  70  ARG ARG A . n 
A 1 71  LEU 71  71  71  LEU LEU A . n 
A 1 72  ASP 72  72  72  ASP ASP A . n 
A 1 73  LEU 73  73  73  LEU LEU A . n 
A 1 74  GLY 74  74  74  GLY GLY A . n 
A 1 75  LYS 75  75  75  LYS LYS A . n 
A 1 76  ALA 76  76  76  ALA ALA A . n 
A 1 77  THR 77  77  77  THR THR A . n 
A 1 78  ARG 78  78  78  ARG ARG A . n 
A 1 79  LEU 79  79  79  LEU LEU A . n 
A 1 80  VAL 80  80  80  VAL VAL A . n 
A 1 81  GLY 81  81  81  GLY GLY A . n 
A 1 82  GLY 82  82  82  GLY GLY A . n 
A 1 83  PRO 83  83  83  PRO PRO A . n 
A 1 84  LEU 84  84  84  LEU LEU A . n 
A 1 85  ARG 85  85  85  ARG ARG A . n 
A 1 86  GLN 86  86  86  GLN GLN A . n 
A 1 87  ALA 87  87  87  ALA ALA A . n 
A 1 88  THR 88  88  88  THR THR A . n 
A 1 89  PRO 89  89  89  PRO PRO A . n 
A 1 90  GLU 90  90  90  GLU GLU A . n 
A 1 91  GLU 91  91  91  GLU GLU A . n 
A 1 92  VAL 92  92  92  VAL VAL A . n 
A 1 93  ARG 93  93  93  ARG ARG A . n 
A 1 94  GLU 94  94  94  GLU GLU A . n 
A 1 95  LEU 95  95  95  LEU LEU A . n 
A 1 96  THR 96  96  96  THR THR A . n 
A 1 97  GLY 97  97  97  GLY GLY A . n 
A 1 98  PHE 98  98  98  PHE PHE A . n 
A 1 99  ALA 99  99  99  ALA ALA A . n 
A 1 100 ILE 100 100 100 ILE ILE A . n 
A 1 101 GLY 101 101 101 GLY GLY A . n 
A 1 102 GLY 102 102 102 GLY GLY A . n 
A 1 103 VAL 103 103 103 VAL VAL A . n 
A 1 104 PRO 104 104 104 PRO PRO A . n 
A 1 105 PRO 105 105 105 PRO PRO A . n 
A 1 106 VAL 106 106 106 VAL VAL A . n 
A 1 107 GLY 107 107 107 GLY GLY A . n 
A 1 108 HIS 108 108 108 HIS HIS A . n 
A 1 109 ASN 109 109 109 ASN ASN A . n 
A 1 110 THR 110 110 110 THR THR A . n 
A 1 111 PRO 111 111 111 PRO PRO A . n 
A 1 112 LEU 112 112 112 LEU LEU A . n 
A 1 113 PRO 113 113 113 PRO PRO A . n 
A 1 114 ALA 114 114 114 ALA ALA A . n 
A 1 115 TYR 115 115 115 TYR TYR A . n 
A 1 116 LEU 116 116 116 LEU LEU A . n 
A 1 117 ASP 117 117 117 ASP ASP A . n 
A 1 118 GLU 118 118 118 GLU GLU A . n 
A 1 119 ASP 119 119 119 ASP ASP A . n 
A 1 120 LEU 120 120 120 LEU LEU A . n 
A 1 121 LEU 121 121 121 LEU LEU A . n 
A 1 122 GLY 122 122 122 GLY GLY A . n 
A 1 123 TYR 123 123 123 TYR TYR A . n 
A 1 124 PRO 124 124 124 PRO PRO A . n 
A 1 125 GLU 125 125 125 GLU GLU A . n 
A 1 126 VAL 126 126 126 VAL VAL A . n 
A 1 127 TRP 127 127 127 TRP TRP A . n 
A 1 128 ALA 128 128 128 ALA ALA A . n 
A 1 129 ALA 129 129 129 ALA ALA A . n 
A 1 130 GLY 130 130 130 GLY GLY A . n 
A 1 131 GLY 131 131 131 GLY GLY A . n 
A 1 132 THR 132 132 132 THR THR A . n 
A 1 133 PRO 133 133 133 PRO PRO A . n 
A 1 134 ARG 134 134 134 ARG ARG A . n 
A 1 135 ALA 135 135 135 ALA ALA A . n 
A 1 136 LEU 136 136 136 LEU LEU A . n 
A 1 137 PHE 137 137 137 PHE PHE A . n 
A 1 138 ARG 138 138 138 ARG ARG A . n 
A 1 139 ALA 139 139 139 ALA ALA A . n 
A 1 140 THR 140 140 140 THR THR A . n 
A 1 141 PRO 141 141 141 PRO PRO A . n 
A 1 142 LYS 142 142 142 LYS LYS A . n 
A 1 143 GLU 143 143 143 GLU GLU A . n 
A 1 144 LEU 144 144 144 LEU LEU A . n 
A 1 145 LEU 145 145 145 LEU LEU A . n 
A 1 146 ALA 146 146 146 ALA ALA A . n 
A 1 147 LEU 147 147 147 LEU LEU A . n 
A 1 148 THR 148 148 148 THR THR A . n 
A 1 149 GLY 149 149 149 GLY GLY A . n 
A 1 150 ALA 150 150 150 ALA ALA A . n 
A 1 151 GLN 151 151 151 GLN GLN A . n 
A 1 152 VAL 152 152 152 VAL VAL A . n 
A 1 153 ALA 153 153 153 ALA ALA A . n 
A 1 154 ASP 154 154 154 ASP ASP A . n 
A 1 155 LEU 155 155 155 LEU LEU A . n 
A 1 156 LYS 156 156 156 LYS LYS A . n 
A 1 157 GLU 157 157 157 GLU GLU A . n 
A 1 158 GLY 158 158 158 GLY GLY A . n 
# 
_pdbx_SG_project.id                    1 
_pdbx_SG_project.project_name          'NPPSFA, National Project on Protein Structural and Functional Analyses' 
_pdbx_SG_project.full_name_of_center   'RIKEN Structural Genomics/Proteomics Initiative' 
_pdbx_SG_project.initial_of_center     RSGI 
# 
loop_
_pdbx_nonpoly_scheme.asym_id 
_pdbx_nonpoly_scheme.entity_id 
_pdbx_nonpoly_scheme.mon_id 
_pdbx_nonpoly_scheme.ndb_seq_num 
_pdbx_nonpoly_scheme.pdb_seq_num 
_pdbx_nonpoly_scheme.auth_seq_num 
_pdbx_nonpoly_scheme.pdb_mon_id 
_pdbx_nonpoly_scheme.auth_mon_id 
_pdbx_nonpoly_scheme.pdb_strand_id 
_pdbx_nonpoly_scheme.pdb_ins_code 
B 2 5CA 1   200 200 5CA 5CA A . 
C 3 HOH 1   201 1   HOH HOH A . 
C 3 HOH 2   202 2   HOH HOH A . 
C 3 HOH 3   203 3   HOH HOH A . 
C 3 HOH 4   204 4   HOH HOH A . 
C 3 HOH 5   205 5   HOH HOH A . 
C 3 HOH 6   206 6   HOH HOH A . 
C 3 HOH 7   207 7   HOH HOH A . 
C 3 HOH 8   208 8   HOH HOH A . 
C 3 HOH 9   209 9   HOH HOH A . 
C 3 HOH 10  210 10  HOH HOH A . 
C 3 HOH 11  211 11  HOH HOH A . 
C 3 HOH 12  212 12  HOH HOH A . 
C 3 HOH 13  213 13  HOH HOH A . 
C 3 HOH 14  214 14  HOH HOH A . 
C 3 HOH 15  215 15  HOH HOH A . 
C 3 HOH 16  216 16  HOH HOH A . 
C 3 HOH 17  217 17  HOH HOH A . 
C 3 HOH 18  218 18  HOH HOH A . 
C 3 HOH 19  219 19  HOH HOH A . 
C 3 HOH 20  220 20  HOH HOH A . 
C 3 HOH 21  221 21  HOH HOH A . 
C 3 HOH 22  222 22  HOH HOH A . 
C 3 HOH 23  223 23  HOH HOH A . 
C 3 HOH 24  224 24  HOH HOH A . 
C 3 HOH 25  225 25  HOH HOH A . 
C 3 HOH 26  226 26  HOH HOH A . 
C 3 HOH 27  227 27  HOH HOH A . 
C 3 HOH 28  228 28  HOH HOH A . 
C 3 HOH 29  229 29  HOH HOH A . 
C 3 HOH 30  230 30  HOH HOH A . 
C 3 HOH 31  231 31  HOH HOH A . 
C 3 HOH 32  232 32  HOH HOH A . 
C 3 HOH 33  233 33  HOH HOH A . 
C 3 HOH 34  234 34  HOH HOH A . 
C 3 HOH 35  235 35  HOH HOH A . 
C 3 HOH 36  236 36  HOH HOH A . 
C 3 HOH 37  237 37  HOH HOH A . 
C 3 HOH 38  238 38  HOH HOH A . 
C 3 HOH 39  239 39  HOH HOH A . 
C 3 HOH 40  240 40  HOH HOH A . 
C 3 HOH 41  241 41  HOH HOH A . 
C 3 HOH 42  242 42  HOH HOH A . 
C 3 HOH 43  243 43  HOH HOH A . 
C 3 HOH 44  244 44  HOH HOH A . 
C 3 HOH 45  245 45  HOH HOH A . 
C 3 HOH 46  246 46  HOH HOH A . 
C 3 HOH 47  247 47  HOH HOH A . 
C 3 HOH 48  248 48  HOH HOH A . 
C 3 HOH 49  249 49  HOH HOH A . 
C 3 HOH 50  250 50  HOH HOH A . 
C 3 HOH 51  251 51  HOH HOH A . 
C 3 HOH 52  252 52  HOH HOH A . 
C 3 HOH 53  253 53  HOH HOH A . 
C 3 HOH 54  254 54  HOH HOH A . 
C 3 HOH 55  255 55  HOH HOH A . 
C 3 HOH 56  256 56  HOH HOH A . 
C 3 HOH 57  257 57  HOH HOH A . 
C 3 HOH 58  258 58  HOH HOH A . 
C 3 HOH 59  259 59  HOH HOH A . 
C 3 HOH 60  260 60  HOH HOH A . 
C 3 HOH 61  261 61  HOH HOH A . 
C 3 HOH 62  262 62  HOH HOH A . 
C 3 HOH 63  263 63  HOH HOH A . 
C 3 HOH 64  264 64  HOH HOH A . 
C 3 HOH 65  265 65  HOH HOH A . 
C 3 HOH 66  266 66  HOH HOH A . 
C 3 HOH 67  267 67  HOH HOH A . 
C 3 HOH 68  268 68  HOH HOH A . 
C 3 HOH 69  269 69  HOH HOH A . 
C 3 HOH 70  270 70  HOH HOH A . 
C 3 HOH 71  271 71  HOH HOH A . 
C 3 HOH 72  272 72  HOH HOH A . 
C 3 HOH 73  273 73  HOH HOH A . 
C 3 HOH 74  274 74  HOH HOH A . 
C 3 HOH 75  275 75  HOH HOH A . 
C 3 HOH 76  276 76  HOH HOH A . 
C 3 HOH 77  277 77  HOH HOH A . 
C 3 HOH 78  278 78  HOH HOH A . 
C 3 HOH 79  279 79  HOH HOH A . 
C 3 HOH 80  280 80  HOH HOH A . 
C 3 HOH 81  281 81  HOH HOH A . 
C 3 HOH 82  282 82  HOH HOH A . 
C 3 HOH 83  283 83  HOH HOH A . 
C 3 HOH 84  284 84  HOH HOH A . 
C 3 HOH 85  285 85  HOH HOH A . 
C 3 HOH 86  286 86  HOH HOH A . 
C 3 HOH 87  287 87  HOH HOH A . 
C 3 HOH 88  288 88  HOH HOH A . 
C 3 HOH 89  289 89  HOH HOH A . 
C 3 HOH 90  290 90  HOH HOH A . 
C 3 HOH 91  291 91  HOH HOH A . 
C 3 HOH 92  292 92  HOH HOH A . 
C 3 HOH 93  293 93  HOH HOH A . 
C 3 HOH 94  294 94  HOH HOH A . 
C 3 HOH 95  295 95  HOH HOH A . 
C 3 HOH 96  296 96  HOH HOH A . 
C 3 HOH 97  297 97  HOH HOH A . 
C 3 HOH 98  298 98  HOH HOH A . 
C 3 HOH 99  299 99  HOH HOH A . 
C 3 HOH 100 300 100 HOH HOH A . 
C 3 HOH 101 301 101 HOH HOH A . 
C 3 HOH 102 302 102 HOH HOH A . 
C 3 HOH 103 303 103 HOH HOH A . 
C 3 HOH 104 304 104 HOH HOH A . 
C 3 HOH 105 305 105 HOH HOH A . 
C 3 HOH 106 306 106 HOH HOH A . 
C 3 HOH 107 307 107 HOH HOH A . 
C 3 HOH 108 308 108 HOH HOH A . 
C 3 HOH 109 309 109 HOH HOH A . 
C 3 HOH 110 310 110 HOH HOH A . 
C 3 HOH 111 311 111 HOH HOH A . 
C 3 HOH 112 312 112 HOH HOH A . 
C 3 HOH 113 313 113 HOH HOH A . 
C 3 HOH 114 314 114 HOH HOH A . 
C 3 HOH 115 315 115 HOH HOH A . 
C 3 HOH 116 316 116 HOH HOH A . 
C 3 HOH 117 317 117 HOH HOH A . 
C 3 HOH 118 318 118 HOH HOH A . 
C 3 HOH 119 319 119 HOH HOH A . 
C 3 HOH 120 320 120 HOH HOH A . 
C 3 HOH 121 321 121 HOH HOH A . 
C 3 HOH 122 322 122 HOH HOH A . 
C 3 HOH 123 323 123 HOH HOH A . 
C 3 HOH 124 324 124 HOH HOH A . 
C 3 HOH 125 325 125 HOH HOH A . 
C 3 HOH 126 326 126 HOH HOH A . 
C 3 HOH 127 327 127 HOH HOH A . 
C 3 HOH 128 328 128 HOH HOH A . 
C 3 HOH 129 329 129 HOH HOH A . 
C 3 HOH 130 330 130 HOH HOH A . 
C 3 HOH 131 331 131 HOH HOH A . 
C 3 HOH 132 332 132 HOH HOH A . 
C 3 HOH 133 333 133 HOH HOH A . 
C 3 HOH 134 334 134 HOH HOH A . 
C 3 HOH 135 335 135 HOH HOH A . 
C 3 HOH 136 336 136 HOH HOH A . 
C 3 HOH 137 337 137 HOH HOH A . 
C 3 HOH 138 338 138 HOH HOH A . 
C 3 HOH 139 339 139 HOH HOH A . 
C 3 HOH 140 340 140 HOH HOH A . 
C 3 HOH 141 341 141 HOH HOH A . 
C 3 HOH 142 342 142 HOH HOH A . 
C 3 HOH 143 343 143 HOH HOH A . 
C 3 HOH 144 344 144 HOH HOH A . 
C 3 HOH 145 345 145 HOH HOH A . 
C 3 HOH 146 346 146 HOH HOH A . 
C 3 HOH 147 347 147 HOH HOH A . 
C 3 HOH 148 348 148 HOH HOH A . 
C 3 HOH 149 349 149 HOH HOH A . 
C 3 HOH 150 350 150 HOH HOH A . 
C 3 HOH 151 351 151 HOH HOH A . 
C 3 HOH 152 352 152 HOH HOH A . 
C 3 HOH 153 353 153 HOH HOH A . 
C 3 HOH 154 354 154 HOH HOH A . 
C 3 HOH 155 355 155 HOH HOH A . 
C 3 HOH 156 356 156 HOH HOH A . 
C 3 HOH 157 357 157 HOH HOH A . 
C 3 HOH 158 358 158 HOH HOH A . 
C 3 HOH 159 359 159 HOH HOH A . 
C 3 HOH 160 360 160 HOH HOH A . 
C 3 HOH 161 361 161 HOH HOH A . 
C 3 HOH 162 362 162 HOH HOH A . 
C 3 HOH 163 363 163 HOH HOH A . 
C 3 HOH 164 364 164 HOH HOH A . 
C 3 HOH 165 365 165 HOH HOH A . 
C 3 HOH 166 366 166 HOH HOH A . 
C 3 HOH 167 367 167 HOH HOH A . 
C 3 HOH 168 368 168 HOH HOH A . 
C 3 HOH 169 369 169 HOH HOH A . 
C 3 HOH 170 370 170 HOH HOH A . 
C 3 HOH 171 371 171 HOH HOH A . 
C 3 HOH 172 372 172 HOH HOH A . 
C 3 HOH 173 373 173 HOH HOH A . 
C 3 HOH 174 374 174 HOH HOH A . 
C 3 HOH 175 375 175 HOH HOH A . 
C 3 HOH 176 376 176 HOH HOH A . 
C 3 HOH 177 377 177 HOH HOH A . 
C 3 HOH 178 378 178 HOH HOH A . 
C 3 HOH 179 379 179 HOH HOH A . 
C 3 HOH 180 380 180 HOH HOH A . 
C 3 HOH 181 381 181 HOH HOH A . 
C 3 HOH 182 382 182 HOH HOH A . 
C 3 HOH 183 383 183 HOH HOH A . 
C 3 HOH 184 384 184 HOH HOH A . 
C 3 HOH 185 385 185 HOH HOH A . 
C 3 HOH 186 386 186 HOH HOH A . 
C 3 HOH 187 387 187 HOH HOH A . 
C 3 HOH 188 388 188 HOH HOH A . 
C 3 HOH 189 389 189 HOH HOH A . 
C 3 HOH 190 390 190 HOH HOH A . 
C 3 HOH 191 391 191 HOH HOH A . 
C 3 HOH 192 392 192 HOH HOH A . 
C 3 HOH 193 393 193 HOH HOH A . 
C 3 HOH 194 394 194 HOH HOH A . 
C 3 HOH 195 395 195 HOH HOH A . 
C 3 HOH 196 396 196 HOH HOH A . 
C 3 HOH 197 397 197 HOH HOH A . 
C 3 HOH 198 398 198 HOH HOH A . 
C 3 HOH 199 399 199 HOH HOH A . 
C 3 HOH 200 400 200 HOH HOH A . 
C 3 HOH 201 401 201 HOH HOH A . 
C 3 HOH 202 402 202 HOH HOH A . 
C 3 HOH 203 403 203 HOH HOH A . 
C 3 HOH 204 404 204 HOH HOH A . 
C 3 HOH 205 405 205 HOH HOH A . 
C 3 HOH 206 406 206 HOH HOH A . 
C 3 HOH 207 407 207 HOH HOH A . 
C 3 HOH 208 408 208 HOH HOH A . 
C 3 HOH 209 409 209 HOH HOH A . 
C 3 HOH 210 410 210 HOH HOH A . 
C 3 HOH 211 411 211 HOH HOH A . 
C 3 HOH 212 412 212 HOH HOH A . 
C 3 HOH 213 413 213 HOH HOH A . 
C 3 HOH 214 414 214 HOH HOH A . 
C 3 HOH 215 415 215 HOH HOH A . 
C 3 HOH 216 416 216 HOH HOH A . 
C 3 HOH 217 417 217 HOH HOH A . 
C 3 HOH 218 418 218 HOH HOH A . 
C 3 HOH 219 419 219 HOH HOH A . 
C 3 HOH 220 420 220 HOH HOH A . 
C 3 HOH 221 421 221 HOH HOH A . 
C 3 HOH 222 422 222 HOH HOH A . 
C 3 HOH 223 423 223 HOH HOH A . 
C 3 HOH 224 424 224 HOH HOH A . 
C 3 HOH 225 425 225 HOH HOH A . 
C 3 HOH 226 426 226 HOH HOH A . 
C 3 HOH 227 427 227 HOH HOH A . 
C 3 HOH 228 428 228 HOH HOH A . 
C 3 HOH 229 429 229 HOH HOH A . 
C 3 HOH 230 430 230 HOH HOH A . 
C 3 HOH 231 431 231 HOH HOH A . 
C 3 HOH 232 432 232 HOH HOH A . 
C 3 HOH 233 433 233 HOH HOH A . 
C 3 HOH 234 434 234 HOH HOH A . 
C 3 HOH 235 435 235 HOH HOH A . 
C 3 HOH 236 436 236 HOH HOH A . 
C 3 HOH 237 437 237 HOH HOH A . 
C 3 HOH 238 438 238 HOH HOH A . 
C 3 HOH 239 439 239 HOH HOH A . 
C 3 HOH 240 440 240 HOH HOH A . 
C 3 HOH 241 441 241 HOH HOH A . 
C 3 HOH 242 442 242 HOH HOH A . 
C 3 HOH 243 443 243 HOH HOH A . 
C 3 HOH 244 444 244 HOH HOH A . 
C 3 HOH 245 445 245 HOH HOH A . 
C 3 HOH 246 446 246 HOH HOH A . 
C 3 HOH 247 447 247 HOH HOH A . 
C 3 HOH 248 448 248 HOH HOH A . 
C 3 HOH 249 449 249 HOH HOH A . 
C 3 HOH 250 450 250 HOH HOH A . 
C 3 HOH 251 451 251 HOH HOH A . 
C 3 HOH 252 452 252 HOH HOH A . 
C 3 HOH 253 453 253 HOH HOH A . 
C 3 HOH 254 454 254 HOH HOH A . 
C 3 HOH 255 455 255 HOH HOH A . 
# 
_pdbx_struct_assembly.id                   1 
_pdbx_struct_assembly.details              author_and_software_defined_assembly 
_pdbx_struct_assembly.method_details       PISA 
_pdbx_struct_assembly.oligomeric_details   monomeric 
_pdbx_struct_assembly.oligomeric_count     1 
# 
_pdbx_struct_assembly_gen.assembly_id       1 
_pdbx_struct_assembly_gen.oper_expression   1 
_pdbx_struct_assembly_gen.asym_id_list      A,B,C 
# 
_pdbx_struct_oper_list.id                   1 
_pdbx_struct_oper_list.type                 'identity operation' 
_pdbx_struct_oper_list.name                 1_555 
_pdbx_struct_oper_list.symmetry_operation   x,y,z 
_pdbx_struct_oper_list.matrix[1][1]         1.0000000000 
_pdbx_struct_oper_list.matrix[1][2]         0.0000000000 
_pdbx_struct_oper_list.matrix[1][3]         0.0000000000 
_pdbx_struct_oper_list.vector[1]            0.0000000000 
_pdbx_struct_oper_list.matrix[2][1]         0.0000000000 
_pdbx_struct_oper_list.matrix[2][2]         1.0000000000 
_pdbx_struct_oper_list.matrix[2][3]         0.0000000000 
_pdbx_struct_oper_list.vector[2]            0.0000000000 
_pdbx_struct_oper_list.matrix[3][1]         0.0000000000 
_pdbx_struct_oper_list.matrix[3][2]         0.0000000000 
_pdbx_struct_oper_list.matrix[3][3]         1.0000000000 
_pdbx_struct_oper_list.vector[3]            0.0000000000 
# 
loop_
_pdbx_audit_revision_history.ordinal 
_pdbx_audit_revision_history.data_content_type 
_pdbx_audit_revision_history.major_revision 
_pdbx_audit_revision_history.minor_revision 
_pdbx_audit_revision_history.revision_date 
1 'Structure model' 1 0 2007-11-13 
2 'Structure model' 1 1 2011-07-13 
3 'Structure model' 1 2 2023-11-01 
# 
_pdbx_audit_revision_details.ordinal             1 
_pdbx_audit_revision_details.revision_ordinal    1 
_pdbx_audit_revision_details.data_content_type   'Structure model' 
_pdbx_audit_revision_details.provider            repository 
_pdbx_audit_revision_details.type                'Initial release' 
_pdbx_audit_revision_details.description         ? 
_pdbx_audit_revision_details.details             ? 
# 
loop_
_pdbx_audit_revision_group.ordinal 
_pdbx_audit_revision_group.revision_ordinal 
_pdbx_audit_revision_group.data_content_type 
_pdbx_audit_revision_group.group 
1 2 'Structure model' 'Version format compliance' 
2 3 'Structure model' 'Data collection'           
3 3 'Structure model' 'Database references'       
4 3 'Structure model' 'Derived calculations'      
5 3 'Structure model' 'Refinement description'    
# 
loop_
_pdbx_audit_revision_category.ordinal 
_pdbx_audit_revision_category.revision_ordinal 
_pdbx_audit_revision_category.data_content_type 
_pdbx_audit_revision_category.category 
1 3 'Structure model' chem_comp_atom                
2 3 'Structure model' chem_comp_bond                
3 3 'Structure model' database_2                    
4 3 'Structure model' pdbx_initial_refinement_model 
5 3 'Structure model' struct_site                   
# 
loop_
_pdbx_audit_revision_item.ordinal 
_pdbx_audit_revision_item.revision_ordinal 
_pdbx_audit_revision_item.data_content_type 
_pdbx_audit_revision_item.item 
1 3 'Structure model' '_database_2.pdbx_DOI'                
2 3 'Structure model' '_database_2.pdbx_database_accession' 
3 3 'Structure model' '_struct_site.pdbx_auth_asym_id'      
4 3 'Structure model' '_struct_site.pdbx_auth_comp_id'      
5 3 'Structure model' '_struct_site.pdbx_auth_seq_id'       
# 
loop_
_software.name 
_software.classification 
_software.version 
_software.citation_id 
_software.pdbx_ordinal 
CNS          refinement        1.1 ? 1 
CrystalClear 'data collection' .   ? 2 
HKL-2000     'data reduction'  .   ? 3 
HKL-2000     'data scaling'    .   ? 4 
MOLREP       phasing           .   ? 5 
# 
loop_
_pdbx_validate_rmsd_angle.id 
_pdbx_validate_rmsd_angle.PDB_model_num 
_pdbx_validate_rmsd_angle.auth_atom_id_1 
_pdbx_validate_rmsd_angle.auth_asym_id_1 
_pdbx_validate_rmsd_angle.auth_comp_id_1 
_pdbx_validate_rmsd_angle.auth_seq_id_1 
_pdbx_validate_rmsd_angle.PDB_ins_code_1 
_pdbx_validate_rmsd_angle.label_alt_id_1 
_pdbx_validate_rmsd_angle.auth_atom_id_2 
_pdbx_validate_rmsd_angle.auth_asym_id_2 
_pdbx_validate_rmsd_angle.auth_comp_id_2 
_pdbx_validate_rmsd_angle.auth_seq_id_2 
_pdbx_validate_rmsd_angle.PDB_ins_code_2 
_pdbx_validate_rmsd_angle.label_alt_id_2 
_pdbx_validate_rmsd_angle.auth_atom_id_3 
_pdbx_validate_rmsd_angle.auth_asym_id_3 
_pdbx_validate_rmsd_angle.auth_comp_id_3 
_pdbx_validate_rmsd_angle.auth_seq_id_3 
_pdbx_validate_rmsd_angle.PDB_ins_code_3 
_pdbx_validate_rmsd_angle.label_alt_id_3 
_pdbx_validate_rmsd_angle.angle_value 
_pdbx_validate_rmsd_angle.angle_target_value 
_pdbx_validate_rmsd_angle.angle_deviation 
_pdbx_validate_rmsd_angle.angle_standard_deviation 
_pdbx_validate_rmsd_angle.linker_flag 
1 1 NE A ARG 8 ? ? CZ A ARG 8 ? ? NH1 A ARG 8 ? ? 123.89 120.30 3.59  0.50 N 
2 1 NE A ARG 8 ? ? CZ A ARG 8 ? ? NH2 A ARG 8 ? ? 115.79 120.30 -4.51 0.50 N 
# 
_pdbx_unobs_or_zero_occ_residues.id               1 
_pdbx_unobs_or_zero_occ_residues.PDB_model_num    1 
_pdbx_unobs_or_zero_occ_residues.polymer_flag     Y 
_pdbx_unobs_or_zero_occ_residues.occupancy_flag   1 
_pdbx_unobs_or_zero_occ_residues.auth_asym_id     A 
_pdbx_unobs_or_zero_occ_residues.auth_comp_id     MET 
_pdbx_unobs_or_zero_occ_residues.auth_seq_id      1 
_pdbx_unobs_or_zero_occ_residues.PDB_ins_code     ? 
_pdbx_unobs_or_zero_occ_residues.label_asym_id    A 
_pdbx_unobs_or_zero_occ_residues.label_comp_id    MET 
_pdbx_unobs_or_zero_occ_residues.label_seq_id     1 
# 
loop_
_chem_comp_atom.comp_id 
_chem_comp_atom.atom_id 
_chem_comp_atom.type_symbol 
_chem_comp_atom.pdbx_aromatic_flag 
_chem_comp_atom.pdbx_stereo_config 
_chem_comp_atom.pdbx_ordinal 
5CA N      N N N 1   
5CA CA     C N R 2   
5CA CB     C N N 3   
5CA SG     S N N 4   
5CA C      C N N 5   
5CA O      O N N 6   
5CA N3S    N N N 7   
5CA S      S N N 8   
5CA O1S    O N N 9   
5CA O2S    O N N 10  
5CA "O5'"  O N N 11  
5CA "C5'"  C N N 12  
5CA "C4'"  C N R 13  
5CA "O4'"  O N N 14  
5CA "C3'"  C N S 15  
5CA "O3'"  O N N 16  
5CA "C2'"  C N R 17  
5CA "O2'"  O N N 18  
5CA "C1'"  C N R 19  
5CA N9     N Y N 20  
5CA C8     C Y N 21  
5CA N7     N Y N 22  
5CA C5     C Y N 23  
5CA C6     C Y N 24  
5CA N6     N N N 25  
5CA N1     N Y N 26  
5CA C2     C Y N 27  
5CA N3     N Y N 28  
5CA C4     C Y N 29  
5CA H      H N N 30  
5CA HN2    H N N 31  
5CA HA     H N N 32  
5CA HB1    H N N 33  
5CA HB2    H N N 34  
5CA HG     H N N 35  
5CA H3S    H N N 36  
5CA "H5'1" H N N 37  
5CA "H5'2" H N N 38  
5CA "H4'"  H N N 39  
5CA "H3'"  H N N 40  
5CA H3T    H N N 41  
5CA "H2'"  H N N 42  
5CA "HO'2" H N N 43  
5CA "H1'"  H N N 44  
5CA H8     H N N 45  
5CA H61    H N N 46  
5CA H62    H N N 47  
5CA H2     H N N 48  
ALA N      N N N 49  
ALA CA     C N S 50  
ALA C      C N N 51  
ALA O      O N N 52  
ALA CB     C N N 53  
ALA OXT    O N N 54  
ALA H      H N N 55  
ALA H2     H N N 56  
ALA HA     H N N 57  
ALA HB1    H N N 58  
ALA HB2    H N N 59  
ALA HB3    H N N 60  
ALA HXT    H N N 61  
ARG N      N N N 62  
ARG CA     C N S 63  
ARG C      C N N 64  
ARG O      O N N 65  
ARG CB     C N N 66  
ARG CG     C N N 67  
ARG CD     C N N 68  
ARG NE     N N N 69  
ARG CZ     C N N 70  
ARG NH1    N N N 71  
ARG NH2    N N N 72  
ARG OXT    O N N 73  
ARG H      H N N 74  
ARG H2     H N N 75  
ARG HA     H N N 76  
ARG HB2    H N N 77  
ARG HB3    H N N 78  
ARG HG2    H N N 79  
ARG HG3    H N N 80  
ARG HD2    H N N 81  
ARG HD3    H N N 82  
ARG HE     H N N 83  
ARG HH11   H N N 84  
ARG HH12   H N N 85  
ARG HH21   H N N 86  
ARG HH22   H N N 87  
ARG HXT    H N N 88  
ASN N      N N N 89  
ASN CA     C N S 90  
ASN C      C N N 91  
ASN O      O N N 92  
ASN CB     C N N 93  
ASN CG     C N N 94  
ASN OD1    O N N 95  
ASN ND2    N N N 96  
ASN OXT    O N N 97  
ASN H      H N N 98  
ASN H2     H N N 99  
ASN HA     H N N 100 
ASN HB2    H N N 101 
ASN HB3    H N N 102 
ASN HD21   H N N 103 
ASN HD22   H N N 104 
ASN HXT    H N N 105 
ASP N      N N N 106 
ASP CA     C N S 107 
ASP C      C N N 108 
ASP O      O N N 109 
ASP CB     C N N 110 
ASP CG     C N N 111 
ASP OD1    O N N 112 
ASP OD2    O N N 113 
ASP OXT    O N N 114 
ASP H      H N N 115 
ASP H2     H N N 116 
ASP HA     H N N 117 
ASP HB2    H N N 118 
ASP HB3    H N N 119 
ASP HD2    H N N 120 
ASP HXT    H N N 121 
GLN N      N N N 122 
GLN CA     C N S 123 
GLN C      C N N 124 
GLN O      O N N 125 
GLN CB     C N N 126 
GLN CG     C N N 127 
GLN CD     C N N 128 
GLN OE1    O N N 129 
GLN NE2    N N N 130 
GLN OXT    O N N 131 
GLN H      H N N 132 
GLN H2     H N N 133 
GLN HA     H N N 134 
GLN HB2    H N N 135 
GLN HB3    H N N 136 
GLN HG2    H N N 137 
GLN HG3    H N N 138 
GLN HE21   H N N 139 
GLN HE22   H N N 140 
GLN HXT    H N N 141 
GLU N      N N N 142 
GLU CA     C N S 143 
GLU C      C N N 144 
GLU O      O N N 145 
GLU CB     C N N 146 
GLU CG     C N N 147 
GLU CD     C N N 148 
GLU OE1    O N N 149 
GLU OE2    O N N 150 
GLU OXT    O N N 151 
GLU H      H N N 152 
GLU H2     H N N 153 
GLU HA     H N N 154 
GLU HB2    H N N 155 
GLU HB3    H N N 156 
GLU HG2    H N N 157 
GLU HG3    H N N 158 
GLU HE2    H N N 159 
GLU HXT    H N N 160 
GLY N      N N N 161 
GLY CA     C N N 162 
GLY C      C N N 163 
GLY O      O N N 164 
GLY OXT    O N N 165 
GLY H      H N N 166 
GLY H2     H N N 167 
GLY HA2    H N N 168 
GLY HA3    H N N 169 
GLY HXT    H N N 170 
HIS N      N N N 171 
HIS CA     C N S 172 
HIS C      C N N 173 
HIS O      O N N 174 
HIS CB     C N N 175 
HIS CG     C Y N 176 
HIS ND1    N Y N 177 
HIS CD2    C Y N 178 
HIS CE1    C Y N 179 
HIS NE2    N Y N 180 
HIS OXT    O N N 181 
HIS H      H N N 182 
HIS H2     H N N 183 
HIS HA     H N N 184 
HIS HB2    H N N 185 
HIS HB3    H N N 186 
HIS HD1    H N N 187 
HIS HD2    H N N 188 
HIS HE1    H N N 189 
HIS HE2    H N N 190 
HIS HXT    H N N 191 
HOH O      O N N 192 
HOH H1     H N N 193 
HOH H2     H N N 194 
ILE N      N N N 195 
ILE CA     C N S 196 
ILE C      C N N 197 
ILE O      O N N 198 
ILE CB     C N S 199 
ILE CG1    C N N 200 
ILE CG2    C N N 201 
ILE CD1    C N N 202 
ILE OXT    O N N 203 
ILE H      H N N 204 
ILE H2     H N N 205 
ILE HA     H N N 206 
ILE HB     H N N 207 
ILE HG12   H N N 208 
ILE HG13   H N N 209 
ILE HG21   H N N 210 
ILE HG22   H N N 211 
ILE HG23   H N N 212 
ILE HD11   H N N 213 
ILE HD12   H N N 214 
ILE HD13   H N N 215 
ILE HXT    H N N 216 
LEU N      N N N 217 
LEU CA     C N S 218 
LEU C      C N N 219 
LEU O      O N N 220 
LEU CB     C N N 221 
LEU CG     C N N 222 
LEU CD1    C N N 223 
LEU CD2    C N N 224 
LEU OXT    O N N 225 
LEU H      H N N 226 
LEU H2     H N N 227 
LEU HA     H N N 228 
LEU HB2    H N N 229 
LEU HB3    H N N 230 
LEU HG     H N N 231 
LEU HD11   H N N 232 
LEU HD12   H N N 233 
LEU HD13   H N N 234 
LEU HD21   H N N 235 
LEU HD22   H N N 236 
LEU HD23   H N N 237 
LEU HXT    H N N 238 
LYS N      N N N 239 
LYS CA     C N S 240 
LYS C      C N N 241 
LYS O      O N N 242 
LYS CB     C N N 243 
LYS CG     C N N 244 
LYS CD     C N N 245 
LYS CE     C N N 246 
LYS NZ     N N N 247 
LYS OXT    O N N 248 
LYS H      H N N 249 
LYS H2     H N N 250 
LYS HA     H N N 251 
LYS HB2    H N N 252 
LYS HB3    H N N 253 
LYS HG2    H N N 254 
LYS HG3    H N N 255 
LYS HD2    H N N 256 
LYS HD3    H N N 257 
LYS HE2    H N N 258 
LYS HE3    H N N 259 
LYS HZ1    H N N 260 
LYS HZ2    H N N 261 
LYS HZ3    H N N 262 
LYS HXT    H N N 263 
MET N      N N N 264 
MET CA     C N S 265 
MET C      C N N 266 
MET O      O N N 267 
MET CB     C N N 268 
MET CG     C N N 269 
MET SD     S N N 270 
MET CE     C N N 271 
MET OXT    O N N 272 
MET H      H N N 273 
MET H2     H N N 274 
MET HA     H N N 275 
MET HB2    H N N 276 
MET HB3    H N N 277 
MET HG2    H N N 278 
MET HG3    H N N 279 
MET HE1    H N N 280 
MET HE2    H N N 281 
MET HE3    H N N 282 
MET HXT    H N N 283 
PHE N      N N N 284 
PHE CA     C N S 285 
PHE C      C N N 286 
PHE O      O N N 287 
PHE CB     C N N 288 
PHE CG     C Y N 289 
PHE CD1    C Y N 290 
PHE CD2    C Y N 291 
PHE CE1    C Y N 292 
PHE CE2    C Y N 293 
PHE CZ     C Y N 294 
PHE OXT    O N N 295 
PHE H      H N N 296 
PHE H2     H N N 297 
PHE HA     H N N 298 
PHE HB2    H N N 299 
PHE HB3    H N N 300 
PHE HD1    H N N 301 
PHE HD2    H N N 302 
PHE HE1    H N N 303 
PHE HE2    H N N 304 
PHE HZ     H N N 305 
PHE HXT    H N N 306 
PRO N      N N N 307 
PRO CA     C N S 308 
PRO C      C N N 309 
PRO O      O N N 310 
PRO CB     C N N 311 
PRO CG     C N N 312 
PRO CD     C N N 313 
PRO OXT    O N N 314 
PRO H      H N N 315 
PRO HA     H N N 316 
PRO HB2    H N N 317 
PRO HB3    H N N 318 
PRO HG2    H N N 319 
PRO HG3    H N N 320 
PRO HD2    H N N 321 
PRO HD3    H N N 322 
PRO HXT    H N N 323 
SER N      N N N 324 
SER CA     C N S 325 
SER C      C N N 326 
SER O      O N N 327 
SER CB     C N N 328 
SER OG     O N N 329 
SER OXT    O N N 330 
SER H      H N N 331 
SER H2     H N N 332 
SER HA     H N N 333 
SER HB2    H N N 334 
SER HB3    H N N 335 
SER HG     H N N 336 
SER HXT    H N N 337 
THR N      N N N 338 
THR CA     C N S 339 
THR C      C N N 340 
THR O      O N N 341 
THR CB     C N R 342 
THR OG1    O N N 343 
THR CG2    C N N 344 
THR OXT    O N N 345 
THR H      H N N 346 
THR H2     H N N 347 
THR HA     H N N 348 
THR HB     H N N 349 
THR HG1    H N N 350 
THR HG21   H N N 351 
THR HG22   H N N 352 
THR HG23   H N N 353 
THR HXT    H N N 354 
TRP N      N N N 355 
TRP CA     C N S 356 
TRP C      C N N 357 
TRP O      O N N 358 
TRP CB     C N N 359 
TRP CG     C Y N 360 
TRP CD1    C Y N 361 
TRP CD2    C Y N 362 
TRP NE1    N Y N 363 
TRP CE2    C Y N 364 
TRP CE3    C Y N 365 
TRP CZ2    C Y N 366 
TRP CZ3    C Y N 367 
TRP CH2    C Y N 368 
TRP OXT    O N N 369 
TRP H      H N N 370 
TRP H2     H N N 371 
TRP HA     H N N 372 
TRP HB2    H N N 373 
TRP HB3    H N N 374 
TRP HD1    H N N 375 
TRP HE1    H N N 376 
TRP HE3    H N N 377 
TRP HZ2    H N N 378 
TRP HZ3    H N N 379 
TRP HH2    H N N 380 
TRP HXT    H N N 381 
TYR N      N N N 382 
TYR CA     C N S 383 
TYR C      C N N 384 
TYR O      O N N 385 
TYR CB     C N N 386 
TYR CG     C Y N 387 
TYR CD1    C Y N 388 
TYR CD2    C Y N 389 
TYR CE1    C Y N 390 
TYR CE2    C Y N 391 
TYR CZ     C Y N 392 
TYR OH     O N N 393 
TYR OXT    O N N 394 
TYR H      H N N 395 
TYR H2     H N N 396 
TYR HA     H N N 397 
TYR HB2    H N N 398 
TYR HB3    H N N 399 
TYR HD1    H N N 400 
TYR HD2    H N N 401 
TYR HE1    H N N 402 
TYR HE2    H N N 403 
TYR HH     H N N 404 
TYR HXT    H N N 405 
VAL N      N N N 406 
VAL CA     C N S 407 
VAL C      C N N 408 
VAL O      O N N 409 
VAL CB     C N N 410 
VAL CG1    C N N 411 
VAL CG2    C N N 412 
VAL OXT    O N N 413 
VAL H      H N N 414 
VAL H2     H N N 415 
VAL HA     H N N 416 
VAL HB     H N N 417 
VAL HG11   H N N 418 
VAL HG12   H N N 419 
VAL HG13   H N N 420 
VAL HG21   H N N 421 
VAL HG22   H N N 422 
VAL HG23   H N N 423 
VAL HXT    H N N 424 
# 
loop_
_chem_comp_bond.comp_id 
_chem_comp_bond.atom_id_1 
_chem_comp_bond.atom_id_2 
_chem_comp_bond.value_order 
_chem_comp_bond.pdbx_aromatic_flag 
_chem_comp_bond.pdbx_stereo_config 
_chem_comp_bond.pdbx_ordinal 
5CA N     CA     sing N N 1   
5CA N     H      sing N N 2   
5CA N     HN2    sing N N 3   
5CA CA    CB     sing N N 4   
5CA CA    C      sing N N 5   
5CA CA    HA     sing N N 6   
5CA CB    SG     sing N N 7   
5CA CB    HB1    sing N N 8   
5CA CB    HB2    sing N N 9   
5CA SG    HG     sing N N 10  
5CA C     O      doub N N 11  
5CA C     N3S    sing N N 12  
5CA N3S   S      sing N N 13  
5CA N3S   H3S    sing N N 14  
5CA S     O1S    doub N N 15  
5CA S     O2S    doub N N 16  
5CA S     "O5'"  sing N N 17  
5CA "O5'" "C5'"  sing N N 18  
5CA "C5'" "C4'"  sing N N 19  
5CA "C5'" "H5'1" sing N N 20  
5CA "C5'" "H5'2" sing N N 21  
5CA "C4'" "O4'"  sing N N 22  
5CA "C4'" "C3'"  sing N N 23  
5CA "C4'" "H4'"  sing N N 24  
5CA "O4'" "C1'"  sing N N 25  
5CA "C3'" "O3'"  sing N N 26  
5CA "C3'" "C2'"  sing N N 27  
5CA "C3'" "H3'"  sing N N 28  
5CA "O3'" H3T    sing N N 29  
5CA "C2'" "O2'"  sing N N 30  
5CA "C2'" "C1'"  sing N N 31  
5CA "C2'" "H2'"  sing N N 32  
5CA "O2'" "HO'2" sing N N 33  
5CA "C1'" N9     sing N N 34  
5CA "C1'" "H1'"  sing N N 35  
5CA N9    C8     sing Y N 36  
5CA N9    C4     sing Y N 37  
5CA C8    N7     doub Y N 38  
5CA C8    H8     sing N N 39  
5CA N7    C5     sing Y N 40  
5CA C5    C6     doub Y N 41  
5CA C5    C4     sing Y N 42  
5CA C6    N6     sing N N 43  
5CA C6    N1     sing Y N 44  
5CA N6    H61    sing N N 45  
5CA N6    H62    sing N N 46  
5CA N1    C2     doub Y N 47  
5CA C2    N3     sing Y N 48  
5CA C2    H2     sing N N 49  
5CA N3    C4     doub Y N 50  
ALA N     CA     sing N N 51  
ALA N     H      sing N N 52  
ALA N     H2     sing N N 53  
ALA CA    C      sing N N 54  
ALA CA    CB     sing N N 55  
ALA CA    HA     sing N N 56  
ALA C     O      doub N N 57  
ALA C     OXT    sing N N 58  
ALA CB    HB1    sing N N 59  
ALA CB    HB2    sing N N 60  
ALA CB    HB3    sing N N 61  
ALA OXT   HXT    sing N N 62  
ARG N     CA     sing N N 63  
ARG N     H      sing N N 64  
ARG N     H2     sing N N 65  
ARG CA    C      sing N N 66  
ARG CA    CB     sing N N 67  
ARG CA    HA     sing N N 68  
ARG C     O      doub N N 69  
ARG C     OXT    sing N N 70  
ARG CB    CG     sing N N 71  
ARG CB    HB2    sing N N 72  
ARG CB    HB3    sing N N 73  
ARG CG    CD     sing N N 74  
ARG CG    HG2    sing N N 75  
ARG CG    HG3    sing N N 76  
ARG CD    NE     sing N N 77  
ARG CD    HD2    sing N N 78  
ARG CD    HD3    sing N N 79  
ARG NE    CZ     sing N N 80  
ARG NE    HE     sing N N 81  
ARG CZ    NH1    sing N N 82  
ARG CZ    NH2    doub N N 83  
ARG NH1   HH11   sing N N 84  
ARG NH1   HH12   sing N N 85  
ARG NH2   HH21   sing N N 86  
ARG NH2   HH22   sing N N 87  
ARG OXT   HXT    sing N N 88  
ASN N     CA     sing N N 89  
ASN N     H      sing N N 90  
ASN N     H2     sing N N 91  
ASN CA    C      sing N N 92  
ASN CA    CB     sing N N 93  
ASN CA    HA     sing N N 94  
ASN C     O      doub N N 95  
ASN C     OXT    sing N N 96  
ASN CB    CG     sing N N 97  
ASN CB    HB2    sing N N 98  
ASN CB    HB3    sing N N 99  
ASN CG    OD1    doub N N 100 
ASN CG    ND2    sing N N 101 
ASN ND2   HD21   sing N N 102 
ASN ND2   HD22   sing N N 103 
ASN OXT   HXT    sing N N 104 
ASP N     CA     sing N N 105 
ASP N     H      sing N N 106 
ASP N     H2     sing N N 107 
ASP CA    C      sing N N 108 
ASP CA    CB     sing N N 109 
ASP CA    HA     sing N N 110 
ASP C     O      doub N N 111 
ASP C     OXT    sing N N 112 
ASP CB    CG     sing N N 113 
ASP CB    HB2    sing N N 114 
ASP CB    HB3    sing N N 115 
ASP CG    OD1    doub N N 116 
ASP CG    OD2    sing N N 117 
ASP OD2   HD2    sing N N 118 
ASP OXT   HXT    sing N N 119 
GLN N     CA     sing N N 120 
GLN N     H      sing N N 121 
GLN N     H2     sing N N 122 
GLN CA    C      sing N N 123 
GLN CA    CB     sing N N 124 
GLN CA    HA     sing N N 125 
GLN C     O      doub N N 126 
GLN C     OXT    sing N N 127 
GLN CB    CG     sing N N 128 
GLN CB    HB2    sing N N 129 
GLN CB    HB3    sing N N 130 
GLN CG    CD     sing N N 131 
GLN CG    HG2    sing N N 132 
GLN CG    HG3    sing N N 133 
GLN CD    OE1    doub N N 134 
GLN CD    NE2    sing N N 135 
GLN NE2   HE21   sing N N 136 
GLN NE2   HE22   sing N N 137 
GLN OXT   HXT    sing N N 138 
GLU N     CA     sing N N 139 
GLU N     H      sing N N 140 
GLU N     H2     sing N N 141 
GLU CA    C      sing N N 142 
GLU CA    CB     sing N N 143 
GLU CA    HA     sing N N 144 
GLU C     O      doub N N 145 
GLU C     OXT    sing N N 146 
GLU CB    CG     sing N N 147 
GLU CB    HB2    sing N N 148 
GLU CB    HB3    sing N N 149 
GLU CG    CD     sing N N 150 
GLU CG    HG2    sing N N 151 
GLU CG    HG3    sing N N 152 
GLU CD    OE1    doub N N 153 
GLU CD    OE2    sing N N 154 
GLU OE2   HE2    sing N N 155 
GLU OXT   HXT    sing N N 156 
GLY N     CA     sing N N 157 
GLY N     H      sing N N 158 
GLY N     H2     sing N N 159 
GLY CA    C      sing N N 160 
GLY CA    HA2    sing N N 161 
GLY CA    HA3    sing N N 162 
GLY C     O      doub N N 163 
GLY C     OXT    sing N N 164 
GLY OXT   HXT    sing N N 165 
HIS N     CA     sing N N 166 
HIS N     H      sing N N 167 
HIS N     H2     sing N N 168 
HIS CA    C      sing N N 169 
HIS CA    CB     sing N N 170 
HIS CA    HA     sing N N 171 
HIS C     O      doub N N 172 
HIS C     OXT    sing N N 173 
HIS CB    CG     sing N N 174 
HIS CB    HB2    sing N N 175 
HIS CB    HB3    sing N N 176 
HIS CG    ND1    sing Y N 177 
HIS CG    CD2    doub Y N 178 
HIS ND1   CE1    doub Y N 179 
HIS ND1   HD1    sing N N 180 
HIS CD2   NE2    sing Y N 181 
HIS CD2   HD2    sing N N 182 
HIS CE1   NE2    sing Y N 183 
HIS CE1   HE1    sing N N 184 
HIS NE2   HE2    sing N N 185 
HIS OXT   HXT    sing N N 186 
HOH O     H1     sing N N 187 
HOH O     H2     sing N N 188 
ILE N     CA     sing N N 189 
ILE N     H      sing N N 190 
ILE N     H2     sing N N 191 
ILE CA    C      sing N N 192 
ILE CA    CB     sing N N 193 
ILE CA    HA     sing N N 194 
ILE C     O      doub N N 195 
ILE C     OXT    sing N N 196 
ILE CB    CG1    sing N N 197 
ILE CB    CG2    sing N N 198 
ILE CB    HB     sing N N 199 
ILE CG1   CD1    sing N N 200 
ILE CG1   HG12   sing N N 201 
ILE CG1   HG13   sing N N 202 
ILE CG2   HG21   sing N N 203 
ILE CG2   HG22   sing N N 204 
ILE CG2   HG23   sing N N 205 
ILE CD1   HD11   sing N N 206 
ILE CD1   HD12   sing N N 207 
ILE CD1   HD13   sing N N 208 
ILE OXT   HXT    sing N N 209 
LEU N     CA     sing N N 210 
LEU N     H      sing N N 211 
LEU N     H2     sing N N 212 
LEU CA    C      sing N N 213 
LEU CA    CB     sing N N 214 
LEU CA    HA     sing N N 215 
LEU C     O      doub N N 216 
LEU C     OXT    sing N N 217 
LEU CB    CG     sing N N 218 
LEU CB    HB2    sing N N 219 
LEU CB    HB3    sing N N 220 
LEU CG    CD1    sing N N 221 
LEU CG    CD2    sing N N 222 
LEU CG    HG     sing N N 223 
LEU CD1   HD11   sing N N 224 
LEU CD1   HD12   sing N N 225 
LEU CD1   HD13   sing N N 226 
LEU CD2   HD21   sing N N 227 
LEU CD2   HD22   sing N N 228 
LEU CD2   HD23   sing N N 229 
LEU OXT   HXT    sing N N 230 
LYS N     CA     sing N N 231 
LYS N     H      sing N N 232 
LYS N     H2     sing N N 233 
LYS CA    C      sing N N 234 
LYS CA    CB     sing N N 235 
LYS CA    HA     sing N N 236 
LYS C     O      doub N N 237 
LYS C     OXT    sing N N 238 
LYS CB    CG     sing N N 239 
LYS CB    HB2    sing N N 240 
LYS CB    HB3    sing N N 241 
LYS CG    CD     sing N N 242 
LYS CG    HG2    sing N N 243 
LYS CG    HG3    sing N N 244 
LYS CD    CE     sing N N 245 
LYS CD    HD2    sing N N 246 
LYS CD    HD3    sing N N 247 
LYS CE    NZ     sing N N 248 
LYS CE    HE2    sing N N 249 
LYS CE    HE3    sing N N 250 
LYS NZ    HZ1    sing N N 251 
LYS NZ    HZ2    sing N N 252 
LYS NZ    HZ3    sing N N 253 
LYS OXT   HXT    sing N N 254 
MET N     CA     sing N N 255 
MET N     H      sing N N 256 
MET N     H2     sing N N 257 
MET CA    C      sing N N 258 
MET CA    CB     sing N N 259 
MET CA    HA     sing N N 260 
MET C     O      doub N N 261 
MET C     OXT    sing N N 262 
MET CB    CG     sing N N 263 
MET CB    HB2    sing N N 264 
MET CB    HB3    sing N N 265 
MET CG    SD     sing N N 266 
MET CG    HG2    sing N N 267 
MET CG    HG3    sing N N 268 
MET SD    CE     sing N N 269 
MET CE    HE1    sing N N 270 
MET CE    HE2    sing N N 271 
MET CE    HE3    sing N N 272 
MET OXT   HXT    sing N N 273 
PHE N     CA     sing N N 274 
PHE N     H      sing N N 275 
PHE N     H2     sing N N 276 
PHE CA    C      sing N N 277 
PHE CA    CB     sing N N 278 
PHE CA    HA     sing N N 279 
PHE C     O      doub N N 280 
PHE C     OXT    sing N N 281 
PHE CB    CG     sing N N 282 
PHE CB    HB2    sing N N 283 
PHE CB    HB3    sing N N 284 
PHE CG    CD1    doub Y N 285 
PHE CG    CD2    sing Y N 286 
PHE CD1   CE1    sing Y N 287 
PHE CD1   HD1    sing N N 288 
PHE CD2   CE2    doub Y N 289 
PHE CD2   HD2    sing N N 290 
PHE CE1   CZ     doub Y N 291 
PHE CE1   HE1    sing N N 292 
PHE CE2   CZ     sing Y N 293 
PHE CE2   HE2    sing N N 294 
PHE CZ    HZ     sing N N 295 
PHE OXT   HXT    sing N N 296 
PRO N     CA     sing N N 297 
PRO N     CD     sing N N 298 
PRO N     H      sing N N 299 
PRO CA    C      sing N N 300 
PRO CA    CB     sing N N 301 
PRO CA    HA     sing N N 302 
PRO C     O      doub N N 303 
PRO C     OXT    sing N N 304 
PRO CB    CG     sing N N 305 
PRO CB    HB2    sing N N 306 
PRO CB    HB3    sing N N 307 
PRO CG    CD     sing N N 308 
PRO CG    HG2    sing N N 309 
PRO CG    HG3    sing N N 310 
PRO CD    HD2    sing N N 311 
PRO CD    HD3    sing N N 312 
PRO OXT   HXT    sing N N 313 
SER N     CA     sing N N 314 
SER N     H      sing N N 315 
SER N     H2     sing N N 316 
SER CA    C      sing N N 317 
SER CA    CB     sing N N 318 
SER CA    HA     sing N N 319 
SER C     O      doub N N 320 
SER C     OXT    sing N N 321 
SER CB    OG     sing N N 322 
SER CB    HB2    sing N N 323 
SER CB    HB3    sing N N 324 
SER OG    HG     sing N N 325 
SER OXT   HXT    sing N N 326 
THR N     CA     sing N N 327 
THR N     H      sing N N 328 
THR N     H2     sing N N 329 
THR CA    C      sing N N 330 
THR CA    CB     sing N N 331 
THR CA    HA     sing N N 332 
THR C     O      doub N N 333 
THR C     OXT    sing N N 334 
THR CB    OG1    sing N N 335 
THR CB    CG2    sing N N 336 
THR CB    HB     sing N N 337 
THR OG1   HG1    sing N N 338 
THR CG2   HG21   sing N N 339 
THR CG2   HG22   sing N N 340 
THR CG2   HG23   sing N N 341 
THR OXT   HXT    sing N N 342 
TRP N     CA     sing N N 343 
TRP N     H      sing N N 344 
TRP N     H2     sing N N 345 
TRP CA    C      sing N N 346 
TRP CA    CB     sing N N 347 
TRP CA    HA     sing N N 348 
TRP C     O      doub N N 349 
TRP C     OXT    sing N N 350 
TRP CB    CG     sing N N 351 
TRP CB    HB2    sing N N 352 
TRP CB    HB3    sing N N 353 
TRP CG    CD1    doub Y N 354 
TRP CG    CD2    sing Y N 355 
TRP CD1   NE1    sing Y N 356 
TRP CD1   HD1    sing N N 357 
TRP CD2   CE2    doub Y N 358 
TRP CD2   CE3    sing Y N 359 
TRP NE1   CE2    sing Y N 360 
TRP NE1   HE1    sing N N 361 
TRP CE2   CZ2    sing Y N 362 
TRP CE3   CZ3    doub Y N 363 
TRP CE3   HE3    sing N N 364 
TRP CZ2   CH2    doub Y N 365 
TRP CZ2   HZ2    sing N N 366 
TRP CZ3   CH2    sing Y N 367 
TRP CZ3   HZ3    sing N N 368 
TRP CH2   HH2    sing N N 369 
TRP OXT   HXT    sing N N 370 
TYR N     CA     sing N N 371 
TYR N     H      sing N N 372 
TYR N     H2     sing N N 373 
TYR CA    C      sing N N 374 
TYR CA    CB     sing N N 375 
TYR CA    HA     sing N N 376 
TYR C     O      doub N N 377 
TYR C     OXT    sing N N 378 
TYR CB    CG     sing N N 379 
TYR CB    HB2    sing N N 380 
TYR CB    HB3    sing N N 381 
TYR CG    CD1    doub Y N 382 
TYR CG    CD2    sing Y N 383 
TYR CD1   CE1    sing Y N 384 
TYR CD1   HD1    sing N N 385 
TYR CD2   CE2    doub Y N 386 
TYR CD2   HD2    sing N N 387 
TYR CE1   CZ     doub Y N 388 
TYR CE1   HE1    sing N N 389 
TYR CE2   CZ     sing Y N 390 
TYR CE2   HE2    sing N N 391 
TYR CZ    OH     sing N N 392 
TYR OH    HH     sing N N 393 
TYR OXT   HXT    sing N N 394 
VAL N     CA     sing N N 395 
VAL N     H      sing N N 396 
VAL N     H2     sing N N 397 
VAL CA    C      sing N N 398 
VAL CA    CB     sing N N 399 
VAL CA    HA     sing N N 400 
VAL C     O      doub N N 401 
VAL C     OXT    sing N N 402 
VAL CB    CG1    sing N N 403 
VAL CB    CG2    sing N N 404 
VAL CB    HB     sing N N 405 
VAL CG1   HG11   sing N N 406 
VAL CG1   HG12   sing N N 407 
VAL CG1   HG13   sing N N 408 
VAL CG2   HG21   sing N N 409 
VAL CG2   HG22   sing N N 410 
VAL CG2   HG23   sing N N 411 
VAL OXT   HXT    sing N N 412 
# 
loop_
_pdbx_entity_nonpoly.entity_id 
_pdbx_entity_nonpoly.name 
_pdbx_entity_nonpoly.comp_id 
2 "5'-O-(N-(L-CYSTEINYL)-SULFAMOYL)ADENOSINE" 5CA 
3 water                                       HOH 
# 
_pdbx_initial_refinement_model.id               1 
_pdbx_initial_refinement_model.entity_id_list   ? 
_pdbx_initial_refinement_model.type             'experimental model' 
_pdbx_initial_refinement_model.source_name      PDB 
_pdbx_initial_refinement_model.accession_code   2CX5 
_pdbx_initial_refinement_model.details          'PDB ENTRY 2CX5' 
# 
